data_7CL5
#
_entry.id   7CL5
#
_cell.length_a   50.083
_cell.length_b   184.259
_cell.length_c   109.771
_cell.angle_alpha   90.000
_cell.angle_beta   97.680
_cell.angle_gamma   90.000
#
_symmetry.space_group_name_H-M   'P 1 21 1'
#
loop_
_entity.id
_entity.type
_entity.pdbx_description
1 polymer 'Kanamycin B dioxygenase'
2 non-polymer 'NICKEL (II) ION'
3 non-polymer N-OXALYLGLYCINE
4 non-polymer '(1R,2S,3S,4R,6S)-4,6-DIAMINO-3-[(3-AMINO-3-DEOXY-ALPHA-D-GLUCOPYRANOSYL)OXY]-2-HYDROXYCYCLOHEXYL 2,6-DIAMINO-2,6-DIDEOXY-ALPHA-D-GLUCOPYRANOSIDE'
5 water water
#
_entity_poly.entity_id   1
_entity_poly.type   'polypeptide(L)'
_entity_poly.pdbx_seq_one_letter_code
;MNHKVHHHHHHIEGRHMALAAPPGELTLALTPDDKTLDPASLDRALAILAEHGILVLTGMLRTRLTDQLRTAMLDDLPEV
LRQQDVPTNFVPGHVQQDPPVRESLLFPDVLLNPVVYQITHAVLGADARNAVYSGNMNLPGSHEQPVHLDEPHLWPGISH
PPYCLCVDVPLIDFTLENGSTEYWPGSHVLNPDECYDERGCVLPAELERRRAVAPPVRFPIPVGSVVIRDGRLWHRGVPN
LSAAPRPLLAMTHYTEWFDMPPIQLPDTVKSWVDGSDRHTHAHFVAGDVDHLTGDHPFAVR
;
_entity_poly.pdbx_strand_id   A,B,C,D,E,F
#
# COMPACT_ATOMS: atom_id res chain seq x y z
N HIS A 16 -38.67 -26.66 -66.05
CA HIS A 16 -38.14 -25.92 -64.87
C HIS A 16 -39.26 -25.18 -64.14
N MET A 17 -39.10 -24.94 -62.84
CA MET A 17 -40.04 -24.17 -61.98
C MET A 17 -39.51 -22.74 -61.81
N ALA A 18 -40.32 -21.74 -62.16
CA ALA A 18 -40.02 -20.29 -62.07
C ALA A 18 -40.81 -19.69 -60.90
N LEU A 19 -40.10 -19.24 -59.85
CA LEU A 19 -40.66 -18.75 -58.57
C LEU A 19 -40.59 -17.22 -58.52
N ALA A 20 -41.31 -16.61 -57.56
CA ALA A 20 -41.40 -15.16 -57.35
C ALA A 20 -40.41 -14.72 -56.26
N ALA A 21 -39.83 -15.66 -55.53
CA ALA A 21 -38.85 -15.39 -54.44
C ALA A 21 -38.05 -16.65 -54.14
N PRO A 22 -36.91 -16.54 -53.42
CA PRO A 22 -36.17 -17.72 -52.99
C PRO A 22 -37.04 -18.63 -52.15
N PRO A 23 -37.10 -19.94 -52.43
CA PRO A 23 -37.94 -20.86 -51.66
C PRO A 23 -37.56 -20.90 -50.17
N GLY A 24 -38.56 -20.98 -49.29
CA GLY A 24 -38.38 -21.08 -47.84
C GLY A 24 -37.40 -22.19 -47.47
N GLU A 25 -37.55 -23.36 -48.09
CA GLU A 25 -36.76 -24.60 -47.80
C GLU A 25 -35.26 -24.37 -48.04
N LEU A 26 -34.87 -23.37 -48.85
CA LEU A 26 -33.46 -23.12 -49.24
C LEU A 26 -32.91 -21.84 -48.61
N THR A 27 -33.71 -21.08 -47.88
CA THR A 27 -33.39 -19.66 -47.53
C THR A 27 -33.25 -19.47 -46.03
N LEU A 28 -32.22 -18.74 -45.61
CA LEU A 28 -32.04 -18.18 -44.25
C LEU A 28 -31.97 -16.65 -44.38
N ALA A 29 -32.81 -15.91 -43.66
CA ALA A 29 -32.85 -14.43 -43.70
C ALA A 29 -31.97 -13.86 -42.58
N LEU A 30 -30.95 -13.09 -42.94
CA LEU A 30 -30.05 -12.40 -41.99
C LEU A 30 -30.12 -10.89 -42.21
N THR A 31 -29.40 -10.16 -41.37
CA THR A 31 -29.10 -8.72 -41.50
C THR A 31 -27.58 -8.60 -41.65
N PRO A 32 -27.04 -7.46 -42.14
CA PRO A 32 -25.59 -7.27 -42.18
C PRO A 32 -24.91 -7.21 -40.80
N ASP A 33 -25.67 -7.15 -39.72
CA ASP A 33 -25.15 -7.07 -38.31
C ASP A 33 -24.82 -8.48 -37.79
N ASP A 34 -25.41 -9.53 -38.37
CA ASP A 34 -25.23 -10.94 -37.90
C ASP A 34 -23.80 -11.39 -38.23
N LYS A 35 -22.94 -11.56 -37.23
CA LYS A 35 -21.53 -12.02 -37.36
C LYS A 35 -21.50 -13.55 -37.37
N THR A 36 -22.52 -14.21 -36.82
CA THR A 36 -22.53 -15.64 -36.44
C THR A 36 -23.96 -16.18 -36.54
N LEU A 37 -24.13 -17.44 -36.96
CA LEU A 37 -25.41 -18.15 -36.83
C LEU A 37 -25.48 -18.79 -35.45
N ASP A 38 -26.62 -18.66 -34.77
CA ASP A 38 -26.93 -19.41 -33.53
C ASP A 38 -26.93 -20.89 -33.90
N PRO A 39 -26.64 -21.81 -32.95
CA PRO A 39 -26.52 -23.24 -33.28
C PRO A 39 -27.65 -23.83 -34.14
N ALA A 40 -28.90 -23.41 -33.91
CA ALA A 40 -30.11 -23.93 -34.58
C ALA A 40 -30.15 -23.45 -36.04
N SER A 41 -29.81 -22.19 -36.28
CA SER A 41 -29.64 -21.58 -37.64
C SER A 41 -28.53 -22.32 -38.39
N LEU A 42 -27.40 -22.60 -37.71
CA LEU A 42 -26.25 -23.29 -38.33
C LEU A 42 -26.66 -24.72 -38.71
N ASP A 43 -27.40 -25.41 -37.85
CA ASP A 43 -27.90 -26.79 -38.11
C ASP A 43 -28.79 -26.79 -39.35
N ARG A 44 -29.71 -25.82 -39.47
CA ARG A 44 -30.64 -25.71 -40.63
C ARG A 44 -29.83 -25.44 -41.91
N ALA A 45 -28.84 -24.54 -41.84
CA ALA A 45 -27.93 -24.19 -42.95
C ALA A 45 -27.23 -25.45 -43.46
N LEU A 46 -26.69 -26.29 -42.56
CA LEU A 46 -25.95 -27.53 -42.93
C LEU A 46 -26.94 -28.58 -43.48
N ALA A 47 -28.14 -28.68 -42.91
CA ALA A 47 -29.19 -29.64 -43.34
C ALA A 47 -29.62 -29.29 -44.77
N ILE A 48 -29.75 -27.99 -45.06
CA ILE A 48 -30.11 -27.47 -46.42
C ILE A 48 -28.98 -27.84 -47.40
N LEU A 49 -27.71 -27.57 -47.05
CA LEU A 49 -26.56 -27.88 -47.94
C LEU A 49 -26.45 -29.39 -48.18
N ALA A 50 -26.74 -30.22 -47.18
CA ALA A 50 -26.63 -31.69 -47.28
C ALA A 50 -27.75 -32.21 -48.19
N GLU A 51 -29.00 -31.77 -47.98
CA GLU A 51 -30.17 -32.31 -48.72
C GLU A 51 -30.25 -31.66 -50.11
N HIS A 52 -30.18 -30.33 -50.20
CA HIS A 52 -30.50 -29.55 -51.42
C HIS A 52 -29.22 -29.12 -52.16
N GLY A 53 -28.08 -28.99 -51.46
CA GLY A 53 -26.79 -28.61 -52.06
C GLY A 53 -26.75 -27.14 -52.46
N ILE A 54 -27.74 -26.36 -52.04
CA ILE A 54 -27.78 -24.89 -52.30
C ILE A 54 -28.53 -24.22 -51.14
N LEU A 55 -27.95 -23.12 -50.65
CA LEU A 55 -28.44 -22.30 -49.52
C LEU A 55 -28.44 -20.84 -49.98
N VAL A 56 -29.53 -20.11 -49.77
CA VAL A 56 -29.64 -18.66 -50.07
C VAL A 56 -29.69 -17.89 -48.75
N LEU A 57 -28.70 -17.02 -48.54
CA LEU A 57 -28.61 -16.12 -47.36
C LEU A 57 -28.95 -14.70 -47.82
N THR A 58 -30.13 -14.18 -47.46
CA THR A 58 -30.57 -12.81 -47.80
C THR A 58 -30.10 -11.83 -46.72
N GLY A 59 -29.84 -10.58 -47.13
CA GLY A 59 -29.60 -9.44 -46.23
C GLY A 59 -28.24 -9.48 -45.58
N MET A 60 -27.23 -10.05 -46.24
CA MET A 60 -25.88 -10.27 -45.65
C MET A 60 -24.97 -9.05 -45.89
N LEU A 61 -24.94 -8.50 -47.10
CA LEU A 61 -23.94 -7.47 -47.50
C LEU A 61 -24.59 -6.08 -47.60
N ARG A 62 -23.91 -5.07 -47.07
CA ARG A 62 -24.35 -3.64 -47.11
C ARG A 62 -24.29 -3.15 -48.57
N THR A 63 -25.27 -2.35 -48.98
CA THR A 63 -25.41 -1.82 -50.37
C THR A 63 -24.18 -0.93 -50.71
N ARG A 64 -23.58 -0.29 -49.71
CA ARG A 64 -22.29 0.44 -49.85
C ARG A 64 -21.27 -0.45 -50.56
N LEU A 65 -21.11 -1.71 -50.13
CA LEU A 65 -20.10 -2.65 -50.68
C LEU A 65 -20.54 -3.12 -52.08
N THR A 66 -21.78 -3.56 -52.24
CA THR A 66 -22.30 -4.13 -53.50
C THR A 66 -22.34 -3.05 -54.59
N ASP A 67 -22.62 -1.78 -54.23
CA ASP A 67 -22.61 -0.66 -55.20
C ASP A 67 -21.20 -0.47 -55.77
N GLN A 68 -20.17 -0.47 -54.92
CA GLN A 68 -18.76 -0.22 -55.34
C GLN A 68 -18.31 -1.35 -56.28
N LEU A 69 -18.69 -2.59 -55.97
CA LEU A 69 -18.29 -3.80 -56.75
C LEU A 69 -19.06 -3.84 -58.07
N ARG A 70 -20.36 -3.51 -58.06
CA ARG A 70 -21.18 -3.42 -59.29
C ARG A 70 -20.55 -2.38 -60.22
N THR A 71 -20.29 -1.17 -59.72
CA THR A 71 -19.74 -0.04 -60.50
C THR A 71 -18.41 -0.48 -61.13
N ALA A 72 -17.51 -1.03 -60.31
CA ALA A 72 -16.14 -1.41 -60.75
C ALA A 72 -16.24 -2.40 -61.92
N MET A 73 -17.13 -3.40 -61.81
CA MET A 73 -17.23 -4.48 -62.82
C MET A 73 -17.91 -3.97 -64.08
N LEU A 74 -18.95 -3.13 -63.95
CA LEU A 74 -19.60 -2.50 -65.13
C LEU A 74 -18.59 -1.58 -65.84
N ASP A 75 -17.73 -0.88 -65.09
CA ASP A 75 -16.72 0.04 -65.66
C ASP A 75 -15.64 -0.74 -66.40
N ASP A 76 -15.26 -1.95 -65.93
CA ASP A 76 -14.18 -2.76 -66.54
C ASP A 76 -14.69 -3.53 -67.77
N LEU A 77 -16.01 -3.72 -67.90
CA LEU A 77 -16.60 -4.61 -68.93
C LEU A 77 -16.16 -4.17 -70.34
N PRO A 78 -16.18 -2.86 -70.69
CA PRO A 78 -15.73 -2.45 -72.02
C PRO A 78 -14.32 -2.97 -72.35
N GLU A 79 -13.38 -2.90 -71.40
CA GLU A 79 -11.98 -3.33 -71.63
C GLU A 79 -11.95 -4.86 -71.78
N VAL A 80 -12.83 -5.60 -71.09
CA VAL A 80 -12.98 -7.08 -71.23
C VAL A 80 -13.47 -7.43 -72.64
N LEU A 81 -14.48 -6.73 -73.15
CA LEU A 81 -15.13 -7.06 -74.45
C LEU A 81 -14.24 -6.63 -75.62
N ARG A 82 -13.25 -5.78 -75.35
CA ARG A 82 -12.30 -5.23 -76.35
C ARG A 82 -11.20 -6.26 -76.66
N GLN A 83 -10.93 -7.22 -75.74
CA GLN A 83 -9.88 -8.27 -75.89
C GLN A 83 -10.12 -9.04 -77.21
N GLN A 84 -9.07 -9.65 -77.75
CA GLN A 84 -9.10 -10.46 -79.00
C GLN A 84 -10.01 -11.66 -78.81
N ASP A 85 -9.79 -12.44 -77.74
CA ASP A 85 -10.62 -13.64 -77.43
C ASP A 85 -11.24 -13.43 -76.05
N VAL A 86 -12.55 -13.14 -76.01
CA VAL A 86 -13.31 -12.84 -74.77
C VAL A 86 -13.61 -14.18 -74.08
N PRO A 87 -13.12 -14.39 -72.84
CA PRO A 87 -13.31 -15.65 -72.16
C PRO A 87 -14.79 -15.85 -71.83
N THR A 88 -15.37 -16.90 -72.37
CA THR A 88 -16.82 -17.13 -72.41
C THR A 88 -17.09 -18.55 -71.86
N ASN A 89 -18.19 -18.75 -71.15
CA ASN A 89 -18.53 -20.05 -70.51
C ASN A 89 -19.61 -20.76 -71.34
N PHE A 90 -19.19 -21.72 -72.18
CA PHE A 90 -20.01 -22.68 -72.97
C PHE A 90 -20.62 -22.03 -74.21
N VAL A 91 -21.31 -20.90 -74.03
CA VAL A 91 -22.16 -20.28 -75.09
C VAL A 91 -22.00 -18.76 -75.01
N PRO A 92 -22.34 -18.03 -76.10
CA PRO A 92 -22.23 -16.58 -76.11
C PRO A 92 -22.98 -15.86 -74.97
N GLY A 93 -22.38 -14.78 -74.48
CA GLY A 93 -23.00 -13.84 -73.52
C GLY A 93 -22.64 -14.13 -72.08
N HIS A 94 -22.00 -15.27 -71.79
CA HIS A 94 -21.60 -15.65 -70.41
C HIS A 94 -20.10 -15.43 -70.21
N VAL A 95 -19.71 -14.22 -69.81
CA VAL A 95 -18.29 -13.76 -69.83
C VAL A 95 -17.66 -14.03 -68.47
N GLN A 96 -16.43 -14.55 -68.45
CA GLN A 96 -15.62 -14.67 -67.21
C GLN A 96 -14.94 -13.32 -66.98
N GLN A 97 -15.13 -12.74 -65.80
CA GLN A 97 -14.60 -11.39 -65.45
C GLN A 97 -14.26 -11.38 -63.96
N ASP A 98 -12.99 -11.21 -63.63
CA ASP A 98 -12.52 -11.02 -62.23
C ASP A 98 -12.91 -9.62 -61.80
N PRO A 99 -13.46 -9.46 -60.58
CA PRO A 99 -13.60 -8.13 -60.00
C PRO A 99 -12.20 -7.59 -59.76
N PRO A 100 -12.03 -6.26 -59.59
CA PRO A 100 -10.71 -5.70 -59.32
C PRO A 100 -10.13 -6.24 -58.00
N VAL A 101 -8.80 -6.38 -57.98
CA VAL A 101 -8.00 -6.76 -56.77
C VAL A 101 -7.13 -5.54 -56.39
N ARG A 102 -7.72 -4.34 -56.39
CA ARG A 102 -7.12 -3.11 -55.81
C ARG A 102 -7.53 -3.08 -54.33
N GLU A 103 -6.72 -2.49 -53.45
CA GLU A 103 -6.96 -2.55 -51.99
C GLU A 103 -8.29 -1.84 -51.65
N SER A 104 -8.66 -0.81 -52.43
CA SER A 104 -9.89 0.02 -52.21
C SER A 104 -11.17 -0.78 -52.44
N LEU A 105 -11.11 -1.94 -53.13
CA LEU A 105 -12.29 -2.77 -53.51
C LEU A 105 -12.18 -4.19 -52.95
N LEU A 106 -11.25 -4.43 -52.04
CA LEU A 106 -11.12 -5.76 -51.36
C LEU A 106 -11.63 -5.62 -49.93
N PHE A 107 -12.83 -6.12 -49.66
CA PHE A 107 -13.61 -5.91 -48.42
C PHE A 107 -13.62 -7.19 -47.60
N PRO A 108 -13.16 -7.16 -46.33
CA PRO A 108 -13.20 -8.32 -45.44
C PRO A 108 -14.56 -9.03 -45.42
N ASP A 109 -15.66 -8.27 -45.41
CA ASP A 109 -17.04 -8.80 -45.34
C ASP A 109 -17.40 -9.57 -46.61
N VAL A 110 -16.66 -9.38 -47.71
CA VAL A 110 -16.83 -10.16 -48.98
C VAL A 110 -15.84 -11.32 -48.97
N LEU A 111 -14.53 -11.06 -48.88
CA LEU A 111 -13.48 -12.11 -48.99
C LEU A 111 -13.51 -13.06 -47.80
N LEU A 112 -13.67 -12.51 -46.58
CA LEU A 112 -13.52 -13.22 -45.28
C LEU A 112 -14.80 -13.08 -44.45
N ASN A 113 -15.96 -13.32 -45.06
CA ASN A 113 -17.28 -13.13 -44.40
C ASN A 113 -17.39 -14.14 -43.27
N PRO A 114 -17.74 -13.70 -42.04
CA PRO A 114 -17.74 -14.60 -40.89
C PRO A 114 -18.82 -15.69 -40.96
N VAL A 115 -20.00 -15.36 -41.50
CA VAL A 115 -21.12 -16.34 -41.64
C VAL A 115 -20.75 -17.37 -42.70
N VAL A 116 -20.20 -16.92 -43.82
CA VAL A 116 -19.80 -17.82 -44.94
C VAL A 116 -18.79 -18.83 -44.39
N TYR A 117 -17.75 -18.36 -43.69
CA TYR A 117 -16.63 -19.21 -43.19
C TYR A 117 -17.11 -20.07 -42.02
N GLN A 118 -18.07 -19.61 -41.23
CA GLN A 118 -18.68 -20.46 -40.18
C GLN A 118 -19.29 -21.70 -40.86
N ILE A 119 -20.01 -21.50 -41.97
CA ILE A 119 -20.65 -22.61 -42.73
C ILE A 119 -19.58 -23.49 -43.37
N THR A 120 -18.59 -22.89 -44.06
CA THR A 120 -17.59 -23.66 -44.85
C THR A 120 -16.65 -24.38 -43.88
N HIS A 121 -16.35 -23.81 -42.71
CA HIS A 121 -15.55 -24.47 -41.65
C HIS A 121 -16.28 -25.74 -41.18
N ALA A 122 -17.59 -25.67 -40.97
CA ALA A 122 -18.43 -26.79 -40.49
C ALA A 122 -18.47 -27.91 -41.54
N VAL A 123 -18.60 -27.58 -42.83
CA VAL A 123 -18.75 -28.62 -43.91
C VAL A 123 -17.38 -29.18 -44.31
N LEU A 124 -16.37 -28.33 -44.53
CA LEU A 124 -15.10 -28.70 -45.19
C LEU A 124 -13.95 -28.82 -44.18
N GLY A 125 -14.10 -28.29 -42.96
CA GLY A 125 -13.05 -28.28 -41.93
C GLY A 125 -12.44 -26.89 -41.76
N ALA A 126 -11.69 -26.69 -40.67
CA ALA A 126 -11.07 -25.41 -40.27
C ALA A 126 -9.98 -25.01 -41.27
N ASP A 127 -9.49 -25.98 -42.06
CA ASP A 127 -8.37 -25.82 -43.02
C ASP A 127 -8.88 -25.39 -44.40
N ALA A 128 -10.20 -25.30 -44.58
CA ALA A 128 -10.84 -24.86 -45.84
C ALA A 128 -10.31 -23.48 -46.22
N ARG A 129 -10.18 -23.23 -47.52
CA ARG A 129 -9.58 -21.98 -48.05
C ARG A 129 -10.33 -21.54 -49.29
N ASN A 130 -10.50 -20.23 -49.44
CA ASN A 130 -10.96 -19.60 -50.69
C ASN A 130 -9.81 -19.65 -51.71
N ALA A 131 -10.08 -20.11 -52.94
CA ALA A 131 -9.10 -20.21 -54.05
C ALA A 131 -9.65 -19.59 -55.34
N VAL A 132 -10.78 -18.90 -55.26
CA VAL A 132 -11.39 -18.21 -56.42
C VAL A 132 -11.86 -16.84 -55.97
N TYR A 133 -11.42 -15.80 -56.66
CA TYR A 133 -11.98 -14.43 -56.58
C TYR A 133 -12.15 -13.95 -58.03
N SER A 134 -13.28 -14.37 -58.62
CA SER A 134 -13.61 -14.20 -60.05
C SER A 134 -15.05 -13.73 -60.18
N GLY A 135 -15.62 -13.84 -61.38
CA GLY A 135 -17.02 -13.42 -61.59
C GLY A 135 -17.54 -13.87 -62.93
N ASN A 136 -18.86 -13.73 -63.07
CA ASN A 136 -19.66 -14.17 -64.24
C ASN A 136 -20.52 -12.98 -64.66
N MET A 137 -20.15 -12.34 -65.77
CA MET A 137 -20.92 -11.21 -66.36
C MET A 137 -21.84 -11.77 -67.45
N ASN A 138 -23.16 -11.76 -67.19
CA ASN A 138 -24.22 -12.30 -68.07
C ASN A 138 -24.74 -11.15 -68.94
N LEU A 139 -24.33 -11.11 -70.22
CA LEU A 139 -24.60 -9.98 -71.14
C LEU A 139 -26.04 -10.07 -71.68
N PRO A 140 -26.68 -8.91 -71.97
CA PRO A 140 -27.93 -8.91 -72.71
C PRO A 140 -27.81 -9.75 -73.99
N GLY A 141 -28.80 -10.61 -74.22
CA GLY A 141 -28.93 -11.45 -75.42
C GLY A 141 -28.19 -12.77 -75.27
N SER A 142 -27.71 -13.09 -74.08
CA SER A 142 -26.92 -14.31 -73.77
C SER A 142 -27.76 -15.56 -74.12
N HIS A 143 -27.07 -16.63 -74.49
CA HIS A 143 -27.68 -17.96 -74.80
C HIS A 143 -27.85 -18.76 -73.50
N GLU A 144 -28.49 -19.92 -73.62
CA GLU A 144 -28.69 -20.89 -72.52
C GLU A 144 -27.43 -21.75 -72.42
N GLN A 145 -26.81 -21.82 -71.25
CA GLN A 145 -25.67 -22.74 -71.00
C GLN A 145 -26.22 -24.17 -70.92
N PRO A 146 -25.42 -25.19 -71.23
CA PRO A 146 -25.80 -26.56 -70.89
C PRO A 146 -25.71 -26.72 -69.37
N VAL A 147 -26.59 -27.54 -68.80
CA VAL A 147 -26.54 -27.93 -67.36
C VAL A 147 -25.18 -28.58 -67.12
N HIS A 148 -24.47 -28.15 -66.09
CA HIS A 148 -23.10 -28.62 -65.77
C HIS A 148 -22.85 -28.51 -64.28
N LEU A 149 -21.74 -29.08 -63.81
CA LEU A 149 -21.19 -28.78 -62.46
C LEU A 149 -19.90 -28.00 -62.64
N ASP A 150 -19.62 -27.07 -61.72
CA ASP A 150 -18.40 -26.22 -61.75
C ASP A 150 -17.18 -27.02 -61.30
N GLU A 151 -17.36 -28.01 -60.42
CA GLU A 151 -16.28 -28.92 -59.97
C GLU A 151 -16.83 -30.34 -59.97
N PRO A 152 -16.07 -31.35 -60.46
CA PRO A 152 -16.56 -32.72 -60.55
C PRO A 152 -16.44 -33.52 -59.24
N HIS A 153 -17.11 -34.66 -59.22
CA HIS A 153 -16.88 -35.77 -58.26
C HIS A 153 -15.47 -36.29 -58.52
N LEU A 154 -14.77 -36.72 -57.49
CA LEU A 154 -13.31 -37.03 -57.55
C LEU A 154 -13.10 -38.45 -58.06
N TRP A 155 -14.13 -39.30 -57.99
CA TRP A 155 -14.12 -40.64 -58.63
C TRP A 155 -15.47 -40.89 -59.29
N PRO A 156 -15.48 -41.52 -60.48
CA PRO A 156 -16.74 -41.88 -61.12
C PRO A 156 -17.44 -43.02 -60.36
N GLY A 157 -18.77 -42.95 -60.25
CA GLY A 157 -19.63 -44.01 -59.67
C GLY A 157 -19.57 -44.08 -58.16
N ILE A 158 -18.97 -43.07 -57.49
CA ILE A 158 -18.74 -43.07 -56.02
C ILE A 158 -19.52 -41.93 -55.38
N SER A 159 -20.17 -42.20 -54.26
CA SER A 159 -20.79 -41.19 -53.35
C SER A 159 -19.72 -40.75 -52.33
N HIS A 160 -19.41 -39.46 -52.29
CA HIS A 160 -18.46 -38.87 -51.31
C HIS A 160 -18.95 -37.49 -50.87
N PRO A 161 -18.54 -37.02 -49.66
CA PRO A 161 -18.99 -35.72 -49.18
C PRO A 161 -18.45 -34.57 -50.04
N PRO A 162 -18.89 -33.32 -49.77
CA PRO A 162 -18.40 -32.17 -50.52
C PRO A 162 -16.91 -31.95 -50.26
N TYR A 163 -16.19 -31.36 -51.22
CA TYR A 163 -14.79 -30.87 -51.06
C TYR A 163 -14.68 -29.39 -51.42
N CYS A 164 -15.76 -28.76 -51.89
CA CYS A 164 -15.77 -27.33 -52.29
C CYS A 164 -17.20 -26.77 -52.21
N LEU A 165 -17.31 -25.52 -51.75
CA LEU A 165 -18.59 -24.78 -51.72
C LEU A 165 -18.39 -23.50 -52.52
N CYS A 166 -19.18 -23.31 -53.58
CA CYS A 166 -19.21 -22.06 -54.37
C CYS A 166 -19.95 -21.02 -53.53
N VAL A 167 -19.40 -19.81 -53.48
CA VAL A 167 -20.00 -18.63 -52.78
C VAL A 167 -20.30 -17.57 -53.85
N ASP A 168 -21.55 -17.49 -54.30
CA ASP A 168 -22.02 -16.61 -55.40
C ASP A 168 -22.64 -15.35 -54.78
N VAL A 169 -22.16 -14.18 -55.20
CA VAL A 169 -22.59 -12.85 -54.66
C VAL A 169 -23.16 -12.03 -55.81
N PRO A 170 -24.50 -11.98 -56.00
CA PRO A 170 -25.09 -11.11 -57.01
C PRO A 170 -24.78 -9.63 -56.71
N LEU A 171 -24.47 -8.83 -57.74
CA LEU A 171 -24.12 -7.39 -57.57
C LEU A 171 -25.25 -6.47 -58.08
N ILE A 172 -26.33 -7.05 -58.60
CA ILE A 172 -27.65 -6.36 -58.78
C ILE A 172 -28.73 -7.36 -58.34
N ASP A 173 -29.97 -6.91 -58.21
CA ASP A 173 -31.14 -7.80 -58.07
C ASP A 173 -31.14 -8.75 -59.27
N PHE A 174 -31.09 -10.05 -59.04
CA PHE A 174 -31.24 -11.09 -60.08
C PHE A 174 -32.74 -11.34 -60.23
N THR A 175 -33.23 -11.40 -61.46
CA THR A 175 -34.66 -11.63 -61.79
C THR A 175 -34.73 -12.76 -62.82
N LEU A 176 -35.92 -13.29 -63.08
CA LEU A 176 -36.14 -14.25 -64.18
C LEU A 176 -35.85 -13.56 -65.52
N GLU A 177 -35.91 -12.23 -65.59
CA GLU A 177 -35.64 -11.46 -66.83
C GLU A 177 -34.12 -11.38 -67.08
N ASN A 178 -33.32 -11.04 -66.06
CA ASN A 178 -31.91 -10.57 -66.27
C ASN A 178 -30.92 -11.72 -66.03
N GLY A 179 -31.40 -12.97 -65.94
CA GLY A 179 -30.53 -14.17 -65.98
C GLY A 179 -30.18 -14.76 -64.62
N SER A 180 -31.14 -14.83 -63.70
CA SER A 180 -30.97 -15.56 -62.42
C SER A 180 -30.67 -17.03 -62.71
N THR A 181 -29.62 -17.58 -62.11
CA THR A 181 -29.06 -18.92 -62.38
C THR A 181 -30.11 -20.00 -62.14
N GLU A 182 -30.21 -20.98 -63.04
CA GLU A 182 -31.01 -22.22 -62.83
C GLU A 182 -30.20 -23.16 -61.94
N TYR A 183 -30.82 -23.66 -60.86
CA TYR A 183 -30.25 -24.60 -59.87
C TYR A 183 -31.07 -25.89 -59.89
N TRP A 184 -30.42 -27.04 -59.79
CA TRP A 184 -31.05 -28.39 -59.67
C TRP A 184 -30.89 -28.90 -58.23
N PRO A 185 -31.84 -28.63 -57.31
CA PRO A 185 -31.70 -29.06 -55.92
C PRO A 185 -31.52 -30.58 -55.79
N GLY A 186 -30.58 -30.97 -54.95
CA GLY A 186 -30.28 -32.37 -54.58
C GLY A 186 -29.37 -33.07 -55.58
N SER A 187 -28.95 -32.39 -56.64
CA SER A 187 -28.16 -32.96 -57.76
C SER A 187 -26.70 -33.17 -57.36
N HIS A 188 -26.27 -32.56 -56.25
CA HIS A 188 -24.84 -32.55 -55.82
C HIS A 188 -24.36 -33.96 -55.40
N VAL A 189 -25.25 -34.88 -55.06
CA VAL A 189 -24.89 -36.26 -54.59
C VAL A 189 -25.01 -37.27 -55.75
N LEU A 190 -25.44 -36.85 -56.93
CA LEU A 190 -25.66 -37.76 -58.08
C LEU A 190 -24.33 -37.93 -58.82
N ASN A 191 -23.85 -39.15 -58.94
CA ASN A 191 -22.58 -39.48 -59.66
C ASN A 191 -22.67 -40.85 -60.29
N PRO A 192 -23.67 -41.11 -61.17
CA PRO A 192 -23.74 -42.40 -61.85
C PRO A 192 -22.64 -42.46 -62.92
N ASP A 193 -22.23 -43.66 -63.31
CA ASP A 193 -21.24 -43.88 -64.40
C ASP A 193 -21.72 -43.16 -65.67
N GLU A 194 -20.78 -42.57 -66.43
CA GLU A 194 -20.98 -41.99 -67.79
C GLU A 194 -21.88 -40.74 -67.72
N CYS A 195 -21.93 -40.03 -66.60
CA CYS A 195 -22.88 -38.92 -66.35
C CYS A 195 -22.30 -37.57 -66.83
N TYR A 196 -20.97 -37.42 -66.91
CA TYR A 196 -20.27 -36.11 -67.06
C TYR A 196 -19.27 -36.18 -68.21
N ASP A 197 -19.17 -35.10 -68.98
CA ASP A 197 -18.19 -35.01 -70.10
C ASP A 197 -16.99 -34.20 -69.60
N GLU A 198 -15.99 -34.00 -70.46
CA GLU A 198 -14.72 -33.29 -70.14
C GLU A 198 -15.00 -31.83 -69.74
N ARG A 199 -16.16 -31.27 -70.09
CA ARG A 199 -16.53 -29.86 -69.80
C ARG A 199 -17.40 -29.75 -68.53
N GLY A 200 -17.73 -30.86 -67.87
CA GLY A 200 -18.54 -30.90 -66.64
C GLY A 200 -20.04 -30.91 -66.95
N CYS A 201 -20.42 -31.13 -68.20
CA CYS A 201 -21.84 -31.07 -68.66
C CYS A 201 -22.52 -32.39 -68.33
N VAL A 202 -23.77 -32.31 -67.84
CA VAL A 202 -24.58 -33.51 -67.45
C VAL A 202 -25.15 -34.13 -68.74
N LEU A 203 -25.00 -35.44 -68.90
CA LEU A 203 -25.56 -36.21 -70.03
C LEU A 203 -27.05 -35.95 -70.11
N PRO A 204 -27.57 -35.57 -71.29
CA PRO A 204 -29.00 -35.27 -71.46
C PRO A 204 -29.97 -36.34 -70.91
N ALA A 205 -29.62 -37.62 -71.04
CA ALA A 205 -30.44 -38.75 -70.54
C ALA A 205 -30.57 -38.67 -69.01
N GLU A 206 -29.48 -38.36 -68.31
CA GLU A 206 -29.46 -38.25 -66.82
C GLU A 206 -30.23 -37.00 -66.40
N LEU A 207 -30.17 -35.92 -67.20
CA LEU A 207 -30.92 -34.67 -66.93
C LEU A 207 -32.42 -34.99 -66.86
N GLU A 208 -32.95 -35.72 -67.83
CA GLU A 208 -34.41 -35.98 -67.96
C GLU A 208 -34.88 -36.96 -66.88
N ARG A 209 -34.10 -38.00 -66.58
CA ARG A 209 -34.36 -38.92 -65.44
C ARG A 209 -34.54 -38.08 -64.16
N ARG A 210 -33.60 -37.17 -63.89
CA ARG A 210 -33.58 -36.36 -62.65
C ARG A 210 -34.76 -35.37 -62.68
N ARG A 211 -35.01 -34.74 -63.83
CA ARG A 211 -36.06 -33.70 -64.01
C ARG A 211 -37.41 -34.25 -63.55
N ALA A 212 -37.68 -35.53 -63.80
CA ALA A 212 -38.96 -36.23 -63.48
C ALA A 212 -39.14 -36.36 -61.96
N VAL A 213 -38.03 -36.39 -61.20
CA VAL A 213 -38.01 -36.64 -59.72
C VAL A 213 -37.91 -35.31 -58.97
N ALA A 214 -36.97 -34.44 -59.36
CA ALA A 214 -36.69 -33.13 -58.71
C ALA A 214 -36.34 -32.10 -59.78
N PRO A 215 -37.34 -31.44 -60.41
CA PRO A 215 -37.06 -30.51 -61.51
C PRO A 215 -36.25 -29.31 -61.05
N PRO A 216 -35.51 -28.65 -61.96
CA PRO A 216 -34.74 -27.46 -61.59
C PRO A 216 -35.62 -26.27 -61.20
N VAL A 217 -35.03 -25.26 -60.56
CA VAL A 217 -35.72 -24.03 -60.08
C VAL A 217 -34.90 -22.82 -60.56
N ARG A 218 -35.58 -21.71 -60.87
CA ARG A 218 -34.98 -20.36 -61.02
C ARG A 218 -35.81 -19.42 -60.17
N PHE A 219 -35.18 -18.49 -59.48
CA PHE A 219 -35.87 -17.54 -58.58
C PHE A 219 -35.12 -16.23 -58.53
N PRO A 220 -35.82 -15.10 -58.31
CA PRO A 220 -35.16 -13.82 -58.06
C PRO A 220 -34.30 -13.95 -56.80
N ILE A 221 -33.16 -13.27 -56.80
CA ILE A 221 -32.27 -13.17 -55.62
C ILE A 221 -31.92 -11.69 -55.46
N PRO A 222 -32.32 -11.06 -54.33
CA PRO A 222 -32.05 -9.64 -54.14
C PRO A 222 -30.54 -9.44 -53.90
N VAL A 223 -30.02 -8.32 -54.40
CA VAL A 223 -28.63 -7.86 -54.10
C VAL A 223 -28.53 -7.76 -52.57
N GLY A 224 -27.35 -8.05 -52.02
CA GLY A 224 -27.13 -8.18 -50.57
C GLY A 224 -27.12 -9.64 -50.15
N SER A 225 -27.68 -10.53 -50.98
CA SER A 225 -27.75 -11.98 -50.72
C SER A 225 -26.40 -12.64 -51.05
N VAL A 226 -26.14 -13.79 -50.44
CA VAL A 226 -25.01 -14.70 -50.77
C VAL A 226 -25.60 -16.09 -50.99
N VAL A 227 -25.21 -16.77 -52.07
CA VAL A 227 -25.60 -18.18 -52.33
C VAL A 227 -24.39 -19.08 -52.06
N ILE A 228 -24.54 -20.02 -51.13
CA ILE A 228 -23.55 -21.10 -50.86
C ILE A 228 -24.13 -22.38 -51.46
N ARG A 229 -23.38 -23.03 -52.35
CA ARG A 229 -23.81 -24.29 -52.98
C ARG A 229 -22.62 -25.24 -53.12
N ASP A 230 -22.88 -26.53 -52.99
CA ASP A 230 -21.93 -27.61 -53.37
C ASP A 230 -21.42 -27.28 -54.79
N GLY A 231 -20.11 -27.33 -54.99
CA GLY A 231 -19.47 -27.08 -56.30
C GLY A 231 -19.84 -28.15 -57.32
N ARG A 232 -20.50 -29.23 -56.89
CA ARG A 232 -20.95 -30.34 -57.76
C ARG A 232 -22.43 -30.17 -58.11
N LEU A 233 -23.11 -29.14 -57.60
CA LEU A 233 -24.55 -28.92 -57.90
C LEU A 233 -24.72 -28.69 -59.41
N TRP A 234 -25.66 -29.40 -60.04
CA TRP A 234 -26.06 -29.09 -61.43
C TRP A 234 -26.71 -27.71 -61.45
N HIS A 235 -26.35 -26.88 -62.42
CA HIS A 235 -26.91 -25.53 -62.63
C HIS A 235 -26.62 -25.11 -64.07
N ARG A 236 -27.21 -23.99 -64.53
CA ARG A 236 -26.78 -23.34 -65.79
C ARG A 236 -27.07 -21.85 -65.74
N GLY A 237 -26.21 -21.07 -66.40
CA GLY A 237 -26.53 -19.70 -66.83
C GLY A 237 -27.67 -19.75 -67.85
N VAL A 238 -28.55 -18.75 -67.79
CA VAL A 238 -29.72 -18.63 -68.70
C VAL A 238 -29.71 -17.25 -69.33
N PRO A 239 -30.48 -17.04 -70.42
CA PRO A 239 -30.48 -15.76 -71.11
C PRO A 239 -30.78 -14.57 -70.19
N ASN A 240 -29.97 -13.52 -70.32
CA ASN A 240 -30.26 -12.15 -69.81
C ASN A 240 -31.11 -11.46 -70.89
N LEU A 241 -32.41 -11.28 -70.63
CA LEU A 241 -33.37 -10.69 -71.60
C LEU A 241 -33.58 -9.21 -71.29
N SER A 242 -32.78 -8.62 -70.40
CA SER A 242 -32.83 -7.19 -70.03
C SER A 242 -31.82 -6.41 -70.87
N ALA A 243 -31.80 -5.09 -70.77
CA ALA A 243 -30.90 -4.21 -71.57
C ALA A 243 -29.58 -3.93 -70.83
N ALA A 244 -29.34 -4.60 -69.69
CA ALA A 244 -28.20 -4.30 -68.80
C ALA A 244 -27.43 -5.58 -68.43
N PRO A 245 -26.09 -5.53 -68.43
CA PRO A 245 -25.29 -6.67 -67.96
C PRO A 245 -25.62 -7.02 -66.50
N ARG A 246 -25.58 -8.31 -66.18
CA ARG A 246 -25.90 -8.88 -64.84
C ARG A 246 -24.61 -9.39 -64.20
N PRO A 247 -23.96 -8.60 -63.33
CA PRO A 247 -22.69 -9.01 -62.71
C PRO A 247 -22.88 -9.94 -61.51
N LEU A 248 -22.15 -11.06 -61.49
CA LEU A 248 -22.05 -12.00 -60.35
C LEU A 248 -20.60 -12.07 -59.89
N LEU A 249 -20.34 -11.84 -58.60
CA LEU A 249 -19.00 -12.07 -58.01
C LEU A 249 -18.96 -13.50 -57.48
N ALA A 250 -17.90 -14.24 -57.80
CA ALA A 250 -17.79 -15.70 -57.55
C ALA A 250 -16.56 -16.00 -56.70
N MET A 251 -16.76 -16.71 -55.60
CA MET A 251 -15.68 -17.30 -54.77
C MET A 251 -15.97 -18.80 -54.60
N THR A 252 -14.95 -19.60 -54.28
CA THR A 252 -15.11 -21.05 -54.03
C THR A 252 -14.13 -21.48 -52.93
N HIS A 253 -14.68 -22.01 -51.84
CA HIS A 253 -13.93 -22.57 -50.70
C HIS A 253 -13.66 -24.05 -51.00
N TYR A 254 -12.42 -24.49 -50.81
CA TYR A 254 -11.97 -25.89 -51.03
C TYR A 254 -11.35 -26.42 -49.74
N THR A 255 -11.40 -27.73 -49.55
CA THR A 255 -10.57 -28.47 -48.57
C THR A 255 -9.12 -28.13 -48.86
N GLU A 256 -8.27 -28.09 -47.85
CA GLU A 256 -6.83 -27.69 -47.97
C GLU A 256 -6.14 -28.57 -49.02
N TRP A 257 -6.59 -29.80 -49.23
CA TRP A 257 -5.84 -30.81 -50.04
C TRP A 257 -6.19 -30.74 -51.53
N PHE A 258 -7.19 -29.95 -51.94
CA PHE A 258 -7.55 -29.80 -53.37
C PHE A 258 -6.61 -28.80 -54.07
N ASP A 259 -5.93 -29.28 -55.12
CA ASP A 259 -4.97 -28.46 -55.91
C ASP A 259 -5.73 -27.35 -56.64
N MET A 260 -5.39 -26.11 -56.34
CA MET A 260 -5.91 -24.89 -56.99
C MET A 260 -4.77 -23.91 -57.16
N PRO A 261 -4.75 -23.10 -58.24
CA PRO A 261 -3.79 -22.00 -58.35
C PRO A 261 -4.15 -20.94 -57.31
N PRO A 262 -3.15 -20.21 -56.76
CA PRO A 262 -3.44 -19.17 -55.78
C PRO A 262 -4.11 -17.96 -56.43
N ILE A 263 -4.92 -17.22 -55.67
CA ILE A 263 -5.47 -15.90 -56.05
C ILE A 263 -4.31 -14.90 -55.95
N GLN A 264 -4.07 -14.14 -57.01
CA GLN A 264 -3.13 -12.99 -57.01
C GLN A 264 -3.79 -11.83 -56.26
N LEU A 265 -3.20 -11.41 -55.14
CA LEU A 265 -3.65 -10.21 -54.36
C LEU A 265 -2.46 -9.26 -54.20
N PRO A 266 -2.71 -7.94 -54.09
CA PRO A 266 -1.66 -6.99 -53.78
C PRO A 266 -1.20 -7.18 -52.32
N ASP A 267 0.10 -7.00 -52.06
CA ASP A 267 0.67 -7.21 -50.71
C ASP A 267 0.14 -6.13 -49.75
N THR A 268 -0.57 -5.13 -50.25
CA THR A 268 -1.21 -4.07 -49.42
C THR A 268 -2.35 -4.67 -48.57
N VAL A 269 -2.85 -5.87 -48.87
CA VAL A 269 -3.95 -6.53 -48.09
C VAL A 269 -3.42 -7.75 -47.34
N LYS A 270 -2.12 -8.07 -47.48
CA LYS A 270 -1.47 -9.24 -46.83
C LYS A 270 -1.68 -9.20 -45.31
N SER A 271 -1.63 -8.01 -44.68
CA SER A 271 -1.70 -7.85 -43.20
C SER A 271 -2.97 -8.51 -42.67
N TRP A 272 -4.14 -8.24 -43.28
CA TRP A 272 -5.46 -8.72 -42.77
C TRP A 272 -5.89 -10.03 -43.45
N VAL A 273 -5.44 -10.32 -44.68
CA VAL A 273 -5.78 -11.59 -45.39
C VAL A 273 -4.97 -12.74 -44.79
N ASP A 274 -3.63 -12.60 -44.73
CA ASP A 274 -2.70 -13.69 -44.35
C ASP A 274 -2.72 -13.92 -42.83
N GLY A 275 -3.13 -12.94 -42.03
CA GLY A 275 -3.39 -13.13 -40.58
C GLY A 275 -4.46 -14.20 -40.32
N SER A 276 -5.56 -14.16 -41.09
CA SER A 276 -6.92 -14.65 -40.72
C SER A 276 -6.94 -16.18 -40.55
N ASP A 277 -7.80 -16.66 -39.65
CA ASP A 277 -8.14 -18.11 -39.51
C ASP A 277 -9.26 -18.47 -40.52
N ARG A 278 -9.68 -17.50 -41.34
CA ARG A 278 -10.50 -17.71 -42.56
C ARG A 278 -9.53 -17.71 -43.76
N HIS A 279 -9.08 -18.90 -44.15
CA HIS A 279 -7.89 -19.07 -45.04
C HIS A 279 -8.23 -18.68 -46.48
N THR A 280 -7.22 -18.15 -47.17
CA THR A 280 -7.23 -17.87 -48.63
C THR A 280 -5.96 -18.49 -49.23
N HIS A 281 -6.08 -19.29 -50.29
CA HIS A 281 -4.91 -19.69 -51.12
C HIS A 281 -4.51 -18.48 -51.95
N ALA A 282 -3.57 -17.67 -51.44
CA ALA A 282 -3.21 -16.35 -52.00
C ALA A 282 -1.70 -16.31 -52.31
N HIS A 283 -1.34 -15.62 -53.38
CA HIS A 283 0.03 -15.16 -53.72
C HIS A 283 0.03 -13.64 -53.70
N PHE A 284 0.80 -13.03 -52.81
CA PHE A 284 0.85 -11.56 -52.59
C PHE A 284 1.93 -10.95 -53.49
N VAL A 285 1.57 -9.92 -54.25
CA VAL A 285 2.40 -9.30 -55.33
C VAL A 285 2.78 -7.88 -54.88
N ALA A 286 3.97 -7.42 -55.26
CA ALA A 286 4.40 -6.01 -55.12
C ALA A 286 3.65 -5.19 -56.18
N GLY A 287 3.04 -4.08 -55.77
CA GLY A 287 2.22 -3.21 -56.64
C GLY A 287 0.90 -3.84 -57.00
N ASP A 288 0.38 -3.50 -58.18
CA ASP A 288 -0.93 -3.93 -58.71
C ASP A 288 -0.82 -5.24 -59.50
N VAL A 289 -1.93 -5.97 -59.57
CA VAL A 289 -2.15 -7.21 -60.38
C VAL A 289 -2.95 -6.80 -61.62
N ASP A 290 -2.60 -7.33 -62.80
CA ASP A 290 -3.46 -7.26 -64.01
C ASP A 290 -4.59 -8.29 -63.88
N HIS A 291 -5.81 -7.86 -63.52
CA HIS A 291 -7.00 -8.75 -63.31
C HIS A 291 -7.72 -9.01 -64.64
N LEU A 292 -7.40 -8.27 -65.70
CA LEU A 292 -7.97 -8.41 -67.08
C LEU A 292 -6.84 -8.69 -68.07
N HIS A 296 -8.20 -16.75 -69.70
CA HIS A 296 -8.73 -16.93 -68.32
C HIS A 296 -8.82 -18.41 -67.94
N PRO A 297 -8.11 -18.86 -66.89
CA PRO A 297 -8.08 -20.28 -66.52
C PRO A 297 -9.41 -20.90 -66.06
N PHE A 298 -10.38 -20.10 -65.63
CA PHE A 298 -11.66 -20.57 -65.02
C PHE A 298 -12.82 -20.59 -66.03
N ALA A 299 -12.63 -20.05 -67.24
CA ALA A 299 -13.61 -20.11 -68.35
C ALA A 299 -13.66 -21.54 -68.92
N VAL A 300 -14.86 -22.12 -69.08
CA VAL A 300 -15.08 -23.47 -69.66
C VAL A 300 -15.91 -23.27 -70.94
N ALA B 18 5.98 -63.23 -39.08
CA ALA B 18 7.38 -63.19 -39.59
C ALA B 18 7.59 -64.34 -40.58
N LEU B 19 7.68 -64.01 -41.88
CA LEU B 19 7.77 -64.99 -43.00
C LEU B 19 9.22 -65.11 -43.51
N ALA B 20 9.49 -66.11 -44.34
CA ALA B 20 10.81 -66.40 -44.96
C ALA B 20 10.88 -65.79 -46.37
N ALA B 21 9.75 -65.34 -46.92
CA ALA B 21 9.67 -64.75 -48.27
C ALA B 21 8.37 -63.96 -48.42
N PRO B 22 8.24 -63.09 -49.44
CA PRO B 22 6.99 -62.39 -49.68
C PRO B 22 5.87 -63.41 -49.91
N PRO B 23 4.70 -63.25 -49.24
CA PRO B 23 3.60 -64.18 -49.41
C PRO B 23 3.09 -64.25 -50.86
N GLY B 24 2.73 -65.44 -51.33
CA GLY B 24 2.13 -65.68 -52.65
C GLY B 24 0.98 -64.71 -52.93
N GLU B 25 0.07 -64.56 -51.97
CA GLU B 25 -1.19 -63.75 -52.10
C GLU B 25 -0.87 -62.29 -52.40
N LEU B 26 0.34 -61.80 -52.09
CA LEU B 26 0.69 -60.36 -52.23
C LEU B 26 1.70 -60.12 -53.35
N THR B 27 2.20 -61.18 -54.00
CA THR B 27 3.43 -61.10 -54.82
C THR B 27 3.15 -61.43 -56.29
N LEU B 28 3.71 -60.63 -57.19
CA LEU B 28 3.86 -60.93 -58.64
C LEU B 28 5.34 -60.98 -58.97
N ALA B 29 5.84 -62.09 -59.52
CA ALA B 29 7.25 -62.29 -59.88
C ALA B 29 7.46 -61.87 -61.34
N LEU B 30 8.32 -60.87 -61.56
CA LEU B 30 8.68 -60.35 -62.90
C LEU B 30 10.19 -60.52 -63.11
N THR B 31 10.64 -60.15 -64.31
CA THR B 31 12.05 -59.96 -64.70
C THR B 31 12.22 -58.49 -65.07
N PRO B 32 13.45 -57.95 -65.12
CA PRO B 32 13.65 -56.57 -65.59
C PRO B 32 13.27 -56.30 -67.04
N ASP B 33 13.02 -57.36 -67.82
CA ASP B 33 12.68 -57.27 -69.27
C ASP B 33 11.17 -57.04 -69.45
N ASP B 34 10.35 -57.34 -68.44
CA ASP B 34 8.87 -57.16 -68.49
C ASP B 34 8.55 -55.66 -68.51
N LYS B 35 8.10 -55.12 -69.64
CA LYS B 35 7.80 -53.67 -69.81
C LYS B 35 6.34 -53.44 -69.39
N THR B 36 5.49 -54.45 -69.44
CA THR B 36 4.01 -54.33 -69.35
C THR B 36 3.43 -55.68 -68.96
N LEU B 37 2.41 -55.67 -68.09
CA LEU B 37 1.69 -56.87 -67.65
C LEU B 37 0.61 -57.21 -68.68
N ASP B 38 0.46 -58.48 -69.03
CA ASP B 38 -0.70 -58.99 -69.79
C ASP B 38 -1.95 -58.71 -68.96
N PRO B 39 -3.14 -58.53 -69.59
CA PRO B 39 -4.34 -58.15 -68.86
C PRO B 39 -4.65 -58.97 -67.60
N ALA B 40 -4.37 -60.27 -67.61
CA ALA B 40 -4.67 -61.21 -66.49
C ALA B 40 -3.74 -60.95 -65.30
N SER B 41 -2.45 -60.71 -65.58
CA SER B 41 -1.42 -60.29 -64.59
C SER B 41 -1.82 -58.94 -63.98
N LEU B 42 -2.26 -57.99 -64.83
CA LEU B 42 -2.68 -56.64 -64.37
C LEU B 42 -3.90 -56.77 -63.46
N ASP B 43 -4.87 -57.61 -63.82
CA ASP B 43 -6.09 -57.87 -63.02
C ASP B 43 -5.70 -58.40 -61.63
N ARG B 44 -4.77 -59.37 -61.56
CA ARG B 44 -4.31 -59.95 -60.27
C ARG B 44 -3.65 -58.85 -59.40
N ALA B 45 -2.79 -58.04 -60.04
CA ALA B 45 -2.10 -56.90 -59.38
C ALA B 45 -3.13 -55.94 -58.75
N LEU B 46 -4.18 -55.57 -59.50
CA LEU B 46 -5.23 -54.62 -59.04
C LEU B 46 -6.09 -55.29 -57.95
N ALA B 47 -6.39 -56.58 -58.07
CA ALA B 47 -7.20 -57.34 -57.08
C ALA B 47 -6.46 -57.37 -55.74
N ILE B 48 -5.14 -57.57 -55.81
CA ILE B 48 -4.25 -57.56 -54.61
C ILE B 48 -4.27 -56.16 -53.96
N LEU B 49 -4.10 -55.09 -54.74
CA LEU B 49 -4.09 -53.70 -54.21
C LEU B 49 -5.45 -53.35 -53.61
N ALA B 50 -6.55 -53.82 -54.18
CA ALA B 50 -7.92 -53.50 -53.72
C ALA B 50 -8.16 -54.22 -52.39
N GLU B 51 -7.84 -55.52 -52.32
CA GLU B 51 -8.16 -56.33 -51.12
C GLU B 51 -7.12 -56.08 -50.00
N HIS B 52 -5.83 -56.14 -50.32
CA HIS B 52 -4.72 -56.16 -49.33
C HIS B 52 -4.08 -54.77 -49.19
N GLY B 53 -4.15 -53.92 -50.21
CA GLY B 53 -3.59 -52.56 -50.17
C GLY B 53 -2.08 -52.54 -50.24
N ILE B 54 -1.48 -53.68 -50.54
CA ILE B 54 -0.01 -53.81 -50.73
C ILE B 54 0.25 -54.92 -51.75
N LEU B 55 1.15 -54.64 -52.68
CA LEU B 55 1.55 -55.52 -53.80
C LEU B 55 3.08 -55.53 -53.84
N VAL B 56 3.69 -56.72 -53.89
CA VAL B 56 5.17 -56.87 -53.98
C VAL B 56 5.51 -57.39 -55.38
N LEU B 57 6.28 -56.61 -56.13
CA LEU B 57 6.75 -56.97 -57.49
C LEU B 57 8.24 -57.29 -57.38
N THR B 58 8.61 -58.58 -57.45
CA THR B 58 10.01 -59.06 -57.38
C THR B 58 10.64 -59.05 -58.78
N GLY B 59 11.96 -58.80 -58.85
CA GLY B 59 12.77 -58.95 -60.07
C GLY B 59 12.51 -57.86 -61.09
N MET B 60 12.13 -56.65 -60.68
CA MET B 60 11.73 -55.55 -61.60
C MET B 60 12.93 -54.70 -62.03
N LEU B 61 13.83 -54.33 -61.12
CA LEU B 61 14.93 -53.37 -61.40
C LEU B 61 16.27 -54.10 -61.53
N ARG B 62 17.07 -53.70 -62.51
CA ARG B 62 18.44 -54.22 -62.77
C ARG B 62 19.33 -53.80 -61.61
N THR B 63 20.23 -54.69 -61.17
CA THR B 63 21.15 -54.45 -60.02
C THR B 63 22.10 -53.29 -60.35
N ARG B 64 22.41 -53.08 -61.63
CA ARG B 64 23.11 -51.88 -62.18
C ARG B 64 22.52 -50.61 -61.54
N LEU B 65 21.18 -50.46 -61.58
CA LEU B 65 20.49 -49.23 -61.12
C LEU B 65 20.48 -49.18 -59.58
N THR B 66 20.10 -50.28 -58.93
CA THR B 66 19.96 -50.35 -57.44
C THR B 66 21.34 -50.19 -56.78
N ASP B 67 22.42 -50.68 -57.41
CA ASP B 67 23.80 -50.53 -56.87
C ASP B 67 24.19 -49.04 -56.87
N GLN B 68 23.92 -48.32 -57.96
CA GLN B 68 24.30 -46.89 -58.11
C GLN B 68 23.54 -46.07 -57.07
N LEU B 69 22.26 -46.38 -56.84
CA LEU B 69 21.38 -45.62 -55.89
C LEU B 69 21.76 -45.96 -54.44
N ARG B 70 22.06 -47.23 -54.14
CA ARG B 70 22.55 -47.65 -52.81
C ARG B 70 23.83 -46.89 -52.48
N THR B 71 24.81 -46.94 -53.39
CA THR B 71 26.12 -46.28 -53.22
C THR B 71 25.91 -44.79 -52.97
N ALA B 72 25.14 -44.12 -53.83
CA ALA B 72 24.91 -42.66 -53.78
C ALA B 72 24.34 -42.28 -52.41
N MET B 73 23.38 -43.05 -51.91
CA MET B 73 22.69 -42.74 -50.63
C MET B 73 23.61 -43.05 -49.43
N LEU B 74 24.37 -44.14 -49.46
CA LEU B 74 25.38 -44.43 -48.41
C LEU B 74 26.45 -43.30 -48.40
N ASP B 75 26.85 -42.81 -49.58
CA ASP B 75 27.87 -41.73 -49.71
C ASP B 75 27.32 -40.40 -49.17
N ASP B 76 26.02 -40.11 -49.32
CA ASP B 76 25.40 -38.83 -48.90
C ASP B 76 25.07 -38.84 -47.40
N LEU B 77 25.00 -40.02 -46.77
CA LEU B 77 24.50 -40.17 -45.38
C LEU B 77 25.33 -39.29 -44.42
N PRO B 78 26.68 -39.26 -44.51
CA PRO B 78 27.47 -38.36 -43.68
C PRO B 78 26.97 -36.91 -43.69
N GLU B 79 26.64 -36.37 -44.85
CA GLU B 79 26.20 -34.95 -45.01
C GLU B 79 24.81 -34.80 -44.36
N VAL B 80 23.98 -35.84 -44.42
CA VAL B 80 22.64 -35.85 -43.75
C VAL B 80 22.81 -35.83 -42.23
N LEU B 81 23.70 -36.66 -41.68
CA LEU B 81 23.88 -36.82 -40.21
C LEU B 81 24.61 -35.61 -39.63
N ARG B 82 25.25 -34.80 -40.48
CA ARG B 82 26.02 -33.59 -40.09
C ARG B 82 25.06 -32.41 -39.82
N GLN B 83 23.84 -32.42 -40.36
CA GLN B 83 22.82 -31.33 -40.21
C GLN B 83 22.57 -31.10 -38.71
N GLN B 84 22.14 -29.88 -38.33
CA GLN B 84 21.92 -29.47 -36.92
C GLN B 84 20.79 -30.31 -36.31
N ASP B 85 19.66 -30.39 -37.00
CA ASP B 85 18.49 -31.25 -36.66
C ASP B 85 18.32 -32.25 -37.80
N VAL B 86 18.64 -33.53 -37.53
CA VAL B 86 18.58 -34.64 -38.52
C VAL B 86 17.11 -35.03 -38.69
N PRO B 87 16.55 -34.91 -39.90
CA PRO B 87 15.13 -35.16 -40.12
C PRO B 87 14.86 -36.65 -39.91
N THR B 88 14.00 -36.93 -38.95
CA THR B 88 13.80 -38.27 -38.37
C THR B 88 12.29 -38.54 -38.40
N ASN B 89 11.89 -39.79 -38.63
CA ASN B 89 10.47 -40.18 -38.72
C ASN B 89 10.05 -40.88 -37.44
N PHE B 90 9.40 -40.12 -36.53
CA PHE B 90 8.73 -40.54 -35.27
C PHE B 90 9.75 -40.80 -34.16
N VAL B 91 10.76 -41.63 -34.44
CA VAL B 91 11.68 -42.18 -33.40
C VAL B 91 13.09 -42.23 -33.97
N PRO B 92 14.12 -42.29 -33.10
CA PRO B 92 15.52 -42.34 -33.55
C PRO B 92 15.84 -43.49 -34.52
N GLY B 93 16.75 -43.20 -35.45
CA GLY B 93 17.32 -44.18 -36.39
C GLY B 93 16.60 -44.24 -37.72
N HIS B 94 15.42 -43.62 -37.85
CA HIS B 94 14.61 -43.60 -39.11
C HIS B 94 14.77 -42.24 -39.77
N VAL B 95 15.78 -42.10 -40.63
CA VAL B 95 16.22 -40.79 -41.19
C VAL B 95 15.53 -40.59 -42.53
N GLN B 96 15.04 -39.37 -42.78
CA GLN B 96 14.54 -38.94 -44.11
C GLN B 96 15.75 -38.50 -44.93
N GLN B 97 15.90 -39.07 -46.13
CA GLN B 97 17.05 -38.79 -47.02
C GLN B 97 16.59 -38.89 -48.47
N ASP B 98 16.65 -37.79 -49.21
CA ASP B 98 16.38 -37.78 -50.67
C ASP B 98 17.56 -38.42 -51.38
N PRO B 99 17.32 -39.32 -52.35
CA PRO B 99 18.38 -39.76 -53.24
C PRO B 99 18.80 -38.56 -54.07
N PRO B 100 19.99 -38.57 -54.70
CA PRO B 100 20.43 -37.44 -55.50
C PRO B 100 19.50 -37.17 -56.67
N VAL B 101 19.37 -35.88 -57.05
CA VAL B 101 18.67 -35.41 -58.27
C VAL B 101 19.72 -34.82 -59.23
N ARG B 102 20.86 -35.51 -59.39
CA ARG B 102 21.85 -35.25 -60.46
C ARG B 102 21.42 -36.08 -61.68
N GLU B 103 21.71 -35.63 -62.89
CA GLU B 103 21.17 -36.27 -64.13
C GLU B 103 21.72 -37.70 -64.24
N SER B 104 22.94 -37.96 -63.75
CA SER B 104 23.64 -39.27 -63.83
C SER B 104 22.96 -40.34 -62.97
N LEU B 105 22.11 -39.97 -62.02
CA LEU B 105 21.45 -40.89 -61.06
C LEU B 105 19.91 -40.78 -61.14
N LEU B 106 19.40 -40.13 -62.19
CA LEU B 106 17.94 -40.09 -62.45
C LEU B 106 17.62 -41.02 -63.61
N PHE B 107 17.05 -42.19 -63.31
CA PHE B 107 16.85 -43.33 -64.25
C PHE B 107 15.38 -43.44 -64.61
N PRO B 108 15.03 -43.39 -65.92
CA PRO B 108 13.65 -43.57 -66.36
C PRO B 108 12.99 -44.83 -65.76
N ASP B 109 13.72 -45.95 -65.65
CA ASP B 109 13.15 -47.22 -65.13
C ASP B 109 12.84 -47.13 -63.62
N VAL B 110 13.37 -46.12 -62.92
CA VAL B 110 13.02 -45.82 -61.50
C VAL B 110 11.90 -44.77 -61.47
N LEU B 111 12.12 -43.58 -62.05
CA LEU B 111 11.15 -42.44 -61.97
C LEU B 111 9.89 -42.73 -62.76
N LEU B 112 10.03 -43.32 -63.96
CA LEU B 112 8.96 -43.50 -64.98
C LEU B 112 8.86 -44.98 -65.36
N ASN B 113 8.80 -45.87 -64.37
CA ASN B 113 8.79 -47.33 -64.60
C ASN B 113 7.47 -47.68 -65.28
N PRO B 114 7.50 -48.41 -66.41
CA PRO B 114 6.29 -48.68 -67.18
C PRO B 114 5.30 -49.59 -66.44
N VAL B 115 5.78 -50.58 -65.68
CA VAL B 115 4.90 -51.50 -64.90
C VAL B 115 4.24 -50.73 -63.75
N VAL B 116 5.01 -49.90 -63.05
CA VAL B 116 4.49 -49.09 -61.92
C VAL B 116 3.36 -48.20 -62.44
N TYR B 117 3.59 -47.47 -63.53
CA TYR B 117 2.64 -46.48 -64.09
C TYR B 117 1.46 -47.19 -64.76
N GLN B 118 1.66 -48.40 -65.28
CA GLN B 118 0.54 -49.22 -65.80
C GLN B 118 -0.45 -49.44 -64.65
N ILE B 119 0.07 -49.81 -63.47
CA ILE B 119 -0.76 -50.08 -62.27
C ILE B 119 -1.38 -48.77 -61.78
N THR B 120 -0.60 -47.71 -61.63
CA THR B 120 -1.10 -46.43 -61.02
C THR B 120 -2.07 -45.75 -62.00
N HIS B 121 -1.87 -45.87 -63.32
CA HIS B 121 -2.84 -45.37 -64.34
C HIS B 121 -4.19 -46.08 -64.17
N ALA B 122 -4.18 -47.40 -63.98
CA ALA B 122 -5.41 -48.22 -63.80
C ALA B 122 -6.14 -47.82 -62.51
N VAL B 123 -5.44 -47.59 -61.39
CA VAL B 123 -6.10 -47.31 -60.08
C VAL B 123 -6.49 -45.83 -59.98
N LEU B 124 -5.60 -44.90 -60.34
CA LEU B 124 -5.74 -43.45 -60.04
C LEU B 124 -6.15 -42.64 -61.28
N GLY B 125 -6.02 -43.21 -62.48
CA GLY B 125 -6.33 -42.53 -63.74
C GLY B 125 -5.09 -42.14 -64.52
N ALA B 126 -5.25 -41.79 -65.80
CA ALA B 126 -4.16 -41.45 -66.75
C ALA B 126 -3.47 -40.15 -66.31
N ASP B 127 -4.12 -39.35 -65.46
CA ASP B 127 -3.65 -38.01 -65.00
C ASP B 127 -2.81 -38.13 -63.72
N ALA B 128 -2.66 -39.33 -63.17
CA ALA B 128 -1.91 -39.59 -61.92
C ALA B 128 -0.48 -39.11 -62.11
N ARG B 129 0.16 -38.62 -61.06
CA ARG B 129 1.53 -38.04 -61.13
C ARG B 129 2.34 -38.45 -59.89
N ASN B 130 3.62 -38.69 -60.09
CA ASN B 130 4.61 -38.83 -59.00
C ASN B 130 4.91 -37.42 -58.43
N ALA B 131 4.84 -37.27 -57.10
CA ALA B 131 5.09 -35.98 -56.40
C ALA B 131 6.08 -36.18 -55.24
N VAL B 132 6.71 -37.34 -55.14
CA VAL B 132 7.71 -37.64 -54.10
C VAL B 132 8.88 -38.37 -54.76
N TYR B 133 10.07 -37.84 -54.58
CA TYR B 133 11.36 -38.52 -54.89
C TYR B 133 12.25 -38.36 -53.67
N SER B 134 12.04 -39.22 -52.68
CA SER B 134 12.65 -39.14 -51.33
C SER B 134 13.15 -40.52 -50.91
N GLY B 135 13.42 -40.70 -49.62
CA GLY B 135 13.90 -42.00 -49.11
C GLY B 135 13.92 -42.06 -47.61
N ASN B 136 14.09 -43.28 -47.11
CA ASN B 136 14.01 -43.67 -45.69
C ASN B 136 15.27 -44.50 -45.40
N MET B 137 16.24 -43.91 -44.70
CA MET B 137 17.49 -44.59 -44.30
C MET B 137 17.31 -45.09 -42.86
N ASN B 138 17.21 -46.41 -42.68
CA ASN B 138 16.98 -47.10 -41.37
C ASN B 138 18.35 -47.48 -40.79
N LEU B 139 18.82 -46.75 -39.78
CA LEU B 139 20.19 -46.89 -39.20
C LEU B 139 20.25 -48.10 -38.28
N PRO B 140 21.42 -48.78 -38.18
CA PRO B 140 21.64 -49.78 -37.13
C PRO B 140 21.29 -49.19 -35.75
N GLY B 141 20.49 -49.94 -34.98
CA GLY B 141 20.08 -49.61 -33.61
C GLY B 141 18.83 -48.75 -33.55
N SER B 142 18.14 -48.61 -34.68
CA SER B 142 16.91 -47.79 -34.81
C SER B 142 15.83 -48.32 -33.86
N HIS B 143 14.92 -47.44 -33.44
CA HIS B 143 13.76 -47.76 -32.56
C HIS B 143 12.57 -48.23 -33.40
N GLU B 144 11.49 -48.67 -32.74
CA GLU B 144 10.22 -49.08 -33.40
C GLU B 144 9.39 -47.82 -33.65
N GLN B 145 8.97 -47.58 -34.88
CA GLN B 145 8.01 -46.50 -35.20
C GLN B 145 6.63 -46.90 -34.70
N PRO B 146 5.75 -45.94 -34.39
CA PRO B 146 4.34 -46.25 -34.17
C PRO B 146 3.71 -46.63 -35.51
N VAL B 147 2.75 -47.56 -35.49
CA VAL B 147 1.92 -47.89 -36.67
C VAL B 147 1.24 -46.60 -37.12
N HIS B 148 1.33 -46.27 -38.41
CA HIS B 148 0.80 -45.00 -38.97
C HIS B 148 0.42 -45.21 -40.43
N LEU B 149 -0.26 -44.23 -41.02
CA LEU B 149 -0.41 -44.13 -42.50
C LEU B 149 0.40 -42.92 -42.97
N ASP B 150 0.99 -43.03 -44.16
CA ASP B 150 1.81 -41.96 -44.78
C ASP B 150 0.92 -40.85 -45.34
N GLU B 151 -0.31 -41.18 -45.77
CA GLU B 151 -1.31 -40.20 -46.25
C GLU B 151 -2.65 -40.55 -45.65
N PRO B 152 -3.43 -39.57 -45.15
CA PRO B 152 -4.71 -39.86 -44.50
C PRO B 152 -5.88 -40.05 -45.47
N HIS B 153 -7.00 -40.53 -44.93
CA HIS B 153 -8.34 -40.47 -45.52
C HIS B 153 -8.72 -38.99 -45.61
N LEU B 154 -9.46 -38.60 -46.64
CA LEU B 154 -9.73 -37.18 -46.98
C LEU B 154 -10.91 -36.66 -46.16
N TRP B 155 -11.74 -37.55 -45.61
CA TRP B 155 -12.79 -37.17 -44.64
C TRP B 155 -12.84 -38.19 -43.51
N PRO B 156 -13.05 -37.75 -42.26
CA PRO B 156 -13.18 -38.70 -41.16
C PRO B 156 -14.49 -39.49 -41.26
N GLY B 157 -14.45 -40.80 -40.93
CA GLY B 157 -15.63 -41.69 -40.89
C GLY B 157 -16.18 -42.07 -42.26
N ILE B 158 -15.46 -41.80 -43.34
CA ILE B 158 -15.94 -42.01 -44.74
C ILE B 158 -15.04 -43.05 -45.42
N SER B 159 -15.67 -44.01 -46.10
CA SER B 159 -14.99 -44.98 -46.99
C SER B 159 -14.94 -44.40 -48.41
N HIS B 160 -13.75 -44.26 -48.98
CA HIS B 160 -13.52 -43.71 -50.33
C HIS B 160 -12.37 -44.46 -51.01
N PRO B 161 -12.30 -44.48 -52.37
CA PRO B 161 -11.23 -45.17 -53.06
C PRO B 161 -9.87 -44.55 -52.83
N PRO B 162 -8.78 -45.19 -53.30
CA PRO B 162 -7.43 -44.65 -53.14
C PRO B 162 -7.27 -43.34 -53.92
N TYR B 163 -6.41 -42.44 -53.45
CA TYR B 163 -5.99 -41.22 -54.18
C TYR B 163 -4.47 -41.15 -54.32
N CYS B 164 -3.73 -42.09 -53.74
CA CYS B 164 -2.25 -42.14 -53.79
C CYS B 164 -1.76 -43.57 -53.59
N LEU B 165 -0.71 -43.94 -54.31
CA LEU B 165 -0.02 -45.24 -54.16
C LEU B 165 1.44 -44.93 -53.87
N CYS B 166 1.93 -45.41 -52.73
CA CYS B 166 3.37 -45.32 -52.35
C CYS B 166 4.11 -46.38 -53.17
N VAL B 167 5.24 -46.01 -53.74
CA VAL B 167 6.14 -46.91 -54.51
C VAL B 167 7.46 -46.98 -53.77
N ASP B 168 7.67 -48.06 -53.02
CA ASP B 168 8.84 -48.28 -52.14
C ASP B 168 9.84 -49.17 -52.89
N VAL B 169 11.09 -48.72 -53.01
CA VAL B 169 12.17 -49.40 -53.78
C VAL B 169 13.30 -49.71 -52.80
N PRO B 170 13.39 -50.94 -52.25
CA PRO B 170 14.52 -51.31 -51.42
C PRO B 170 15.83 -51.25 -52.21
N LEU B 171 16.91 -50.74 -51.59
CA LEU B 171 18.23 -50.59 -52.27
C LEU B 171 19.25 -51.60 -51.74
N ILE B 172 18.85 -52.45 -50.78
CA ILE B 172 19.56 -53.72 -50.41
C ILE B 172 18.48 -54.78 -50.20
N ASP B 173 18.87 -56.05 -50.06
CA ASP B 173 17.96 -57.11 -49.59
C ASP B 173 17.42 -56.66 -48.23
N PHE B 174 16.10 -56.55 -48.08
CA PHE B 174 15.43 -56.30 -46.79
C PHE B 174 15.25 -57.65 -46.12
N THR B 175 15.55 -57.74 -44.83
CA THR B 175 15.43 -58.97 -44.01
C THR B 175 14.64 -58.62 -42.76
N LEU B 176 14.20 -59.62 -42.02
CA LEU B 176 13.60 -59.40 -40.67
C LEU B 176 14.63 -58.75 -39.75
N GLU B 177 15.93 -58.96 -40.02
CA GLU B 177 17.04 -58.43 -39.19
C GLU B 177 17.24 -56.93 -39.48
N ASN B 178 17.27 -56.50 -40.76
CA ASN B 178 17.80 -55.17 -41.15
C ASN B 178 16.66 -54.16 -41.32
N GLY B 179 15.45 -54.48 -40.87
CA GLY B 179 14.33 -53.53 -40.73
C GLY B 179 13.34 -53.54 -41.92
N SER B 180 13.01 -54.71 -42.44
CA SER B 180 11.92 -54.84 -43.45
C SER B 180 10.62 -54.34 -42.83
N THR B 181 9.92 -53.45 -43.52
CA THR B 181 8.76 -52.70 -43.02
C THR B 181 7.65 -53.65 -42.59
N GLU B 182 7.01 -53.39 -41.47
CA GLU B 182 5.76 -54.08 -41.03
C GLU B 182 4.58 -53.48 -41.78
N TYR B 183 3.77 -54.33 -42.41
CA TYR B 183 2.58 -53.97 -43.21
C TYR B 183 1.35 -54.61 -42.57
N TRP B 184 0.23 -53.88 -42.51
CA TRP B 184 -1.09 -54.38 -42.04
C TRP B 184 -2.03 -54.57 -43.24
N PRO B 185 -2.09 -55.78 -43.84
CA PRO B 185 -2.93 -56.02 -45.00
C PRO B 185 -4.41 -55.69 -44.75
N GLY B 186 -5.03 -55.00 -45.71
CA GLY B 186 -6.47 -54.67 -45.71
C GLY B 186 -6.78 -53.41 -44.91
N SER B 187 -5.78 -52.79 -44.27
CA SER B 187 -5.95 -51.65 -43.33
C SER B 187 -6.23 -50.35 -44.10
N HIS B 188 -6.02 -50.34 -45.42
CA HIS B 188 -6.13 -49.12 -46.27
C HIS B 188 -7.58 -48.62 -46.37
N VAL B 189 -8.58 -49.46 -46.12
CA VAL B 189 -10.02 -49.08 -46.26
C VAL B 189 -10.63 -48.72 -44.88
N LEU B 190 -9.86 -48.85 -43.79
CA LEU B 190 -10.36 -48.61 -42.41
C LEU B 190 -10.28 -47.12 -42.10
N ASN B 191 -11.40 -46.47 -41.77
CA ASN B 191 -11.41 -45.03 -41.39
C ASN B 191 -12.47 -44.78 -40.32
N PRO B 192 -12.41 -45.47 -39.16
CA PRO B 192 -13.39 -45.23 -38.10
C PRO B 192 -13.09 -43.89 -37.42
N ASP B 193 -14.11 -43.29 -36.80
CA ASP B 193 -13.99 -41.98 -36.09
C ASP B 193 -12.89 -42.11 -35.03
N GLU B 194 -12.06 -41.08 -34.84
CA GLU B 194 -11.08 -40.91 -33.74
C GLU B 194 -9.93 -41.94 -33.85
N CYS B 195 -9.63 -42.40 -35.06
CA CYS B 195 -8.66 -43.50 -35.31
C CYS B 195 -7.23 -42.95 -35.49
N TYR B 196 -7.08 -41.69 -35.90
CA TYR B 196 -5.81 -41.12 -36.42
C TYR B 196 -5.51 -39.80 -35.73
N ASP B 197 -4.25 -39.58 -35.39
CA ASP B 197 -3.81 -38.34 -34.68
C ASP B 197 -3.18 -37.43 -35.73
N GLU B 198 -2.71 -36.26 -35.31
CA GLU B 198 -2.11 -35.22 -36.18
C GLU B 198 -0.87 -35.77 -36.93
N ARG B 199 -0.24 -36.85 -36.44
CA ARG B 199 0.99 -37.44 -37.03
C ARG B 199 0.65 -38.64 -37.94
N GLY B 200 -0.62 -39.02 -38.07
CA GLY B 200 -1.06 -40.16 -38.90
C GLY B 200 -0.99 -41.49 -38.18
N CYS B 201 -0.80 -41.47 -36.87
CA CYS B 201 -0.60 -42.69 -36.03
C CYS B 201 -1.97 -43.30 -35.70
N VAL B 202 -2.04 -44.62 -35.77
CA VAL B 202 -3.26 -45.41 -35.50
C VAL B 202 -3.42 -45.52 -33.98
N LEU B 203 -4.61 -45.20 -33.47
CA LEU B 203 -4.94 -45.34 -32.04
C LEU B 203 -4.68 -46.77 -31.61
N PRO B 204 -3.93 -47.01 -30.52
CA PRO B 204 -3.64 -48.37 -30.06
C PRO B 204 -4.85 -49.30 -29.91
N ALA B 205 -5.99 -48.76 -29.48
CA ALA B 205 -7.27 -49.50 -29.34
C ALA B 205 -7.71 -50.07 -30.69
N GLU B 206 -7.60 -49.29 -31.77
CA GLU B 206 -7.98 -49.69 -33.13
C GLU B 206 -6.97 -50.70 -33.65
N LEU B 207 -5.70 -50.58 -33.27
CA LEU B 207 -4.64 -51.56 -33.64
C LEU B 207 -5.02 -52.95 -33.15
N GLU B 208 -5.43 -53.09 -31.89
CA GLU B 208 -5.74 -54.40 -31.23
C GLU B 208 -7.01 -55.00 -31.84
N ARG B 209 -8.05 -54.19 -32.04
CA ARG B 209 -9.30 -54.60 -32.74
C ARG B 209 -8.93 -55.23 -34.09
N ARG B 210 -8.10 -54.53 -34.86
CA ARG B 210 -7.71 -54.97 -36.23
C ARG B 210 -6.82 -56.21 -36.15
N ARG B 211 -5.88 -56.25 -35.20
CA ARG B 211 -4.90 -57.35 -35.03
C ARG B 211 -5.64 -58.69 -34.91
N ALA B 212 -6.79 -58.70 -34.23
CA ALA B 212 -7.64 -59.89 -33.98
C ALA B 212 -8.25 -60.43 -35.27
N VAL B 213 -8.43 -59.58 -36.28
CA VAL B 213 -9.10 -59.93 -37.58
C VAL B 213 -8.04 -60.22 -38.65
N ALA B 214 -7.05 -59.33 -38.81
CA ALA B 214 -5.98 -59.41 -39.84
C ALA B 214 -4.67 -58.89 -39.26
N PRO B 215 -3.88 -59.76 -38.59
CA PRO B 215 -2.64 -59.30 -37.94
C PRO B 215 -1.61 -58.82 -38.96
N PRO B 216 -0.66 -57.96 -38.58
CA PRO B 216 0.36 -57.47 -39.50
C PRO B 216 1.33 -58.58 -39.98
N VAL B 217 2.11 -58.29 -41.03
CA VAL B 217 3.13 -59.19 -41.62
C VAL B 217 4.44 -58.42 -41.79
N ARG B 218 5.57 -59.10 -41.64
CA ARG B 218 6.89 -58.64 -42.08
C ARG B 218 7.53 -59.80 -42.83
N PHE B 219 8.24 -59.50 -43.92
CA PHE B 219 8.86 -60.52 -44.78
C PHE B 219 10.10 -59.94 -45.44
N PRO B 220 11.11 -60.78 -45.75
CA PRO B 220 12.24 -60.35 -46.56
C PRO B 220 11.72 -59.90 -47.94
N ILE B 221 12.38 -58.90 -48.50
CA ILE B 221 12.11 -58.38 -49.88
C ILE B 221 13.45 -58.27 -50.56
N PRO B 222 13.69 -59.03 -51.66
CA PRO B 222 14.99 -58.97 -52.34
C PRO B 222 15.12 -57.62 -53.06
N VAL B 223 16.34 -57.08 -53.09
CA VAL B 223 16.70 -55.87 -53.90
C VAL B 223 16.30 -56.20 -55.35
N GLY B 224 15.85 -55.19 -56.09
CA GLY B 224 15.27 -55.36 -57.44
C GLY B 224 13.75 -55.34 -57.36
N SER B 225 13.17 -55.56 -56.18
CA SER B 225 11.71 -55.54 -55.94
C SER B 225 11.20 -54.10 -55.88
N VAL B 226 9.91 -53.92 -56.18
CA VAL B 226 9.15 -52.65 -55.98
C VAL B 226 7.90 -53.02 -55.20
N VAL B 227 7.62 -52.27 -54.13
CA VAL B 227 6.36 -52.41 -53.35
C VAL B 227 5.44 -51.24 -53.71
N ILE B 228 4.25 -51.57 -54.21
CA ILE B 228 3.15 -50.58 -54.45
C ILE B 228 2.14 -50.84 -53.35
N ARG B 229 1.80 -49.80 -52.60
CA ARG B 229 0.79 -49.90 -51.52
C ARG B 229 -0.05 -48.62 -51.51
N ASP B 230 -1.32 -48.77 -51.13
CA ASP B 230 -2.20 -47.63 -50.79
C ASP B 230 -1.45 -46.76 -49.78
N GLY B 231 -1.41 -45.45 -50.00
CA GLY B 231 -0.77 -44.48 -49.10
C GLY B 231 -1.44 -44.43 -47.73
N ARG B 232 -2.60 -45.06 -47.61
CA ARG B 232 -3.39 -45.10 -46.35
C ARG B 232 -3.14 -46.43 -45.60
N LEU B 233 -2.35 -47.34 -46.16
CA LEU B 233 -2.04 -48.63 -45.51
C LEU B 233 -1.33 -48.39 -44.17
N TRP B 234 -1.81 -49.03 -43.11
CA TRP B 234 -1.07 -49.02 -41.80
C TRP B 234 0.23 -49.81 -41.99
N HIS B 235 1.32 -49.25 -41.49
CA HIS B 235 2.68 -49.86 -41.52
C HIS B 235 3.55 -49.21 -40.44
N ARG B 236 4.73 -49.76 -40.18
CA ARG B 236 5.76 -49.06 -39.37
C ARG B 236 7.16 -49.52 -39.73
N GLY B 237 8.12 -48.61 -39.66
CA GLY B 237 9.54 -48.92 -39.55
C GLY B 237 9.81 -49.67 -38.24
N VAL B 238 10.72 -50.64 -38.28
CA VAL B 238 11.12 -51.48 -37.13
C VAL B 238 12.63 -51.43 -37.02
N PRO B 239 13.19 -51.83 -35.86
CA PRO B 239 14.63 -51.77 -35.63
C PRO B 239 15.45 -52.46 -36.73
N ASN B 240 16.49 -51.78 -37.21
CA ASN B 240 17.58 -52.37 -38.03
C ASN B 240 18.61 -52.96 -37.07
N LEU B 241 18.64 -54.29 -36.95
CA LEU B 241 19.51 -55.04 -36.00
C LEU B 241 20.74 -55.57 -36.74
N SER B 242 21.01 -55.09 -37.94
CA SER B 242 22.21 -55.46 -38.73
C SER B 242 23.28 -54.40 -38.52
N ALA B 243 24.48 -54.60 -39.07
CA ALA B 243 25.66 -53.72 -38.92
C ALA B 243 25.67 -52.62 -39.99
N ALA B 244 24.66 -52.53 -40.85
CA ALA B 244 24.67 -51.68 -42.06
C ALA B 244 23.39 -50.89 -42.18
N PRO B 245 23.46 -49.61 -42.60
CA PRO B 245 22.25 -48.83 -42.89
C PRO B 245 21.42 -49.49 -43.99
N ARG B 246 20.08 -49.40 -43.87
CA ARG B 246 19.11 -50.05 -44.80
C ARG B 246 18.43 -48.94 -45.62
N PRO B 247 18.91 -48.64 -46.84
CA PRO B 247 18.36 -47.57 -47.66
C PRO B 247 17.08 -48.01 -48.40
N LEU B 248 16.03 -47.20 -48.31
CA LEU B 248 14.77 -47.32 -49.07
C LEU B 248 14.59 -46.06 -49.92
N LEU B 249 14.38 -46.23 -51.22
CA LEU B 249 13.99 -45.10 -52.12
C LEU B 249 12.46 -45.07 -52.15
N ALA B 250 11.86 -43.88 -51.97
CA ALA B 250 10.41 -43.68 -51.82
C ALA B 250 9.88 -42.73 -52.90
N MET B 251 8.84 -43.18 -53.61
CA MET B 251 8.04 -42.33 -54.53
C MET B 251 6.56 -42.51 -54.14
N THR B 252 5.72 -41.54 -54.52
CA THR B 252 4.26 -41.62 -54.27
C THR B 252 3.52 -40.97 -55.43
N HIS B 253 2.67 -41.77 -56.09
CA HIS B 253 1.78 -41.33 -57.19
C HIS B 253 0.49 -40.84 -56.56
N TYR B 254 0.00 -39.68 -57.00
CA TYR B 254 -1.26 -39.05 -56.54
C TYR B 254 -2.17 -38.78 -57.74
N THR B 255 -3.46 -38.78 -57.51
CA THR B 255 -4.47 -38.21 -58.44
C THR B 255 -4.07 -36.76 -58.72
N GLU B 256 -4.34 -36.28 -59.93
CA GLU B 256 -3.99 -34.91 -60.42
C GLU B 256 -4.47 -33.85 -59.40
N TRP B 257 -5.54 -34.10 -58.66
CA TRP B 257 -6.27 -33.05 -57.92
C TRP B 257 -5.77 -32.95 -56.47
N PHE B 258 -4.88 -33.84 -56.02
CA PHE B 258 -4.28 -33.76 -54.66
C PHE B 258 -3.12 -32.77 -54.66
N ASP B 259 -3.22 -31.75 -53.82
CA ASP B 259 -2.20 -30.67 -53.68
C ASP B 259 -0.92 -31.28 -53.10
N MET B 260 0.17 -31.17 -53.85
CA MET B 260 1.53 -31.57 -53.44
C MET B 260 2.51 -30.53 -53.93
N PRO B 261 3.62 -30.27 -53.20
CA PRO B 261 4.69 -29.43 -53.73
C PRO B 261 5.38 -30.19 -54.86
N PRO B 262 5.90 -29.50 -55.89
CA PRO B 262 6.59 -30.17 -56.98
C PRO B 262 7.95 -30.71 -56.53
N ILE B 263 8.41 -31.78 -57.15
CA ILE B 263 9.80 -32.31 -57.01
C ILE B 263 10.72 -31.34 -57.77
N GLN B 264 11.76 -30.84 -57.13
CA GLN B 264 12.83 -30.04 -57.76
C GLN B 264 13.72 -31.00 -58.57
N LEU B 265 13.77 -30.81 -59.89
CA LEU B 265 14.67 -31.56 -60.80
C LEU B 265 15.50 -30.58 -61.60
N PRO B 266 16.72 -30.98 -62.02
CA PRO B 266 17.53 -30.14 -62.89
C PRO B 266 16.90 -30.12 -64.29
N ASP B 267 16.99 -29.00 -65.00
CA ASP B 267 16.35 -28.85 -66.34
C ASP B 267 17.07 -29.76 -67.35
N THR B 268 18.19 -30.38 -66.97
CA THR B 268 18.93 -31.34 -67.81
C THR B 268 18.10 -32.62 -68.06
N VAL B 269 17.07 -32.89 -67.26
CA VAL B 269 16.20 -34.11 -67.43
C VAL B 269 14.79 -33.71 -67.89
N LYS B 270 14.54 -32.42 -68.10
CA LYS B 270 13.23 -31.88 -68.55
C LYS B 270 12.80 -32.55 -69.85
N SER B 271 13.73 -32.79 -70.79
CA SER B 271 13.41 -33.31 -72.14
C SER B 271 12.64 -34.64 -72.01
N TRP B 272 13.10 -35.58 -71.18
CA TRP B 272 12.49 -36.94 -71.09
C TRP B 272 11.46 -37.04 -69.95
N VAL B 273 11.56 -36.21 -68.90
CA VAL B 273 10.58 -36.23 -67.76
C VAL B 273 9.31 -35.51 -68.21
N ASP B 274 9.42 -34.29 -68.72
CA ASP B 274 8.25 -33.41 -69.06
C ASP B 274 7.55 -33.89 -70.34
N GLY B 275 8.26 -34.61 -71.23
CA GLY B 275 7.64 -35.28 -72.40
C GLY B 275 6.58 -36.29 -72.00
N SER B 276 6.85 -37.09 -70.96
CA SER B 276 6.27 -38.44 -70.74
C SER B 276 4.77 -38.36 -70.44
N ASP B 277 4.02 -39.40 -70.83
CA ASP B 277 2.61 -39.60 -70.42
C ASP B 277 2.56 -40.34 -69.08
N ARG B 278 3.73 -40.61 -68.49
CA ARG B 278 3.90 -41.00 -67.05
C ARG B 278 4.27 -39.73 -66.28
N HIS B 279 3.28 -39.05 -65.72
CA HIS B 279 3.41 -37.65 -65.24
C HIS B 279 4.21 -37.61 -63.95
N THR B 280 4.93 -36.50 -63.78
CA THR B 280 5.65 -36.09 -62.56
C THR B 280 5.24 -34.65 -62.24
N HIS B 281 4.81 -34.36 -61.01
CA HIS B 281 4.68 -32.96 -60.53
C HIS B 281 6.09 -32.45 -60.26
N ALA B 282 6.68 -31.79 -61.25
CA ALA B 282 8.11 -31.38 -61.26
C ALA B 282 8.24 -29.87 -61.49
N HIS B 283 9.21 -29.25 -60.85
CA HIS B 283 9.70 -27.88 -61.12
C HIS B 283 11.15 -28.01 -61.57
N PHE B 284 11.45 -27.60 -62.81
CA PHE B 284 12.78 -27.76 -63.44
C PHE B 284 13.61 -26.49 -63.18
N VAL B 285 14.84 -26.68 -62.68
CA VAL B 285 15.73 -25.60 -62.18
C VAL B 285 16.94 -25.48 -63.13
N ALA B 286 17.44 -24.27 -63.33
CA ALA B 286 18.74 -24.01 -64.00
C ALA B 286 19.86 -24.41 -63.03
N GLY B 287 20.83 -25.20 -63.51
CA GLY B 287 21.93 -25.74 -62.69
C GLY B 287 21.44 -26.85 -61.78
N ASP B 288 22.16 -27.06 -60.68
CA ASP B 288 21.97 -28.20 -59.72
C ASP B 288 21.01 -27.82 -58.60
N VAL B 289 20.38 -28.83 -58.00
CA VAL B 289 19.45 -28.72 -56.85
C VAL B 289 20.21 -29.18 -55.60
N ASP B 290 20.09 -28.45 -54.48
CA ASP B 290 20.51 -28.93 -53.13
C ASP B 290 19.44 -29.90 -52.62
N HIS B 291 19.70 -31.22 -52.69
CA HIS B 291 18.76 -32.30 -52.28
C HIS B 291 18.86 -32.56 -50.77
N LEU B 292 19.90 -32.04 -50.10
CA LEU B 292 20.12 -32.17 -48.63
C LEU B 292 20.19 -30.78 -47.99
N HIS B 296 13.33 -30.84 -43.61
CA HIS B 296 12.72 -31.75 -44.63
C HIS B 296 11.20 -31.80 -44.49
N PRO B 297 10.45 -31.39 -45.55
CA PRO B 297 8.98 -31.33 -45.45
C PRO B 297 8.24 -32.66 -45.27
N PHE B 298 8.86 -33.79 -45.60
CA PHE B 298 8.22 -35.14 -45.62
C PHE B 298 8.53 -35.94 -44.35
N ALA B 299 9.45 -35.47 -43.50
CA ALA B 299 9.75 -36.06 -42.17
C ALA B 299 8.58 -35.77 -41.22
N VAL B 300 8.04 -36.78 -40.55
CA VAL B 300 6.92 -36.58 -39.56
C VAL B 300 7.49 -36.67 -38.13
N HIS C 16 -23.97 -6.43 31.32
CA HIS C 16 -24.57 -5.22 31.99
C HIS C 16 -25.84 -4.79 31.26
N MET C 17 -26.76 -4.12 31.97
CA MET C 17 -28.02 -3.54 31.43
C MET C 17 -27.82 -2.04 31.21
N ALA C 18 -28.04 -1.57 29.98
CA ALA C 18 -27.92 -0.17 29.52
C ALA C 18 -29.33 0.40 29.31
N LEU C 19 -29.73 1.36 30.17
CA LEU C 19 -31.09 1.92 30.24
C LEU C 19 -31.14 3.29 29.57
N ALA C 20 -32.35 3.80 29.32
CA ALA C 20 -32.62 5.12 28.69
C ALA C 20 -32.83 6.21 29.75
N ALA C 21 -33.03 5.81 31.01
CA ALA C 21 -33.27 6.73 32.14
C ALA C 21 -32.99 6.04 33.47
N PRO C 22 -32.86 6.81 34.56
CA PRO C 22 -32.71 6.22 35.89
C PRO C 22 -33.90 5.32 36.20
N PRO C 23 -33.67 4.08 36.69
CA PRO C 23 -34.76 3.16 36.98
C PRO C 23 -35.75 3.72 38.00
N GLY C 24 -37.06 3.51 37.80
CA GLY C 24 -38.10 3.92 38.75
C GLY C 24 -37.82 3.39 40.14
N GLU C 25 -37.39 2.12 40.24
CA GLU C 25 -37.10 1.39 41.50
C GLU C 25 -36.06 2.14 42.37
N LEU C 26 -35.20 2.98 41.75
CA LEU C 26 -34.06 3.63 42.44
C LEU C 26 -34.27 5.15 42.56
N THR C 27 -35.32 5.72 41.96
CA THR C 27 -35.36 7.18 41.65
C THR C 27 -36.52 7.88 42.36
N LEU C 28 -36.24 9.04 42.95
CA LEU C 28 -37.19 10.02 43.53
C LEU C 28 -37.03 11.35 42.79
N ALA C 29 -38.12 11.95 42.34
CA ALA C 29 -38.12 13.25 41.62
C ALA C 29 -38.38 14.37 42.64
N LEU C 30 -37.46 15.33 42.72
CA LEU C 30 -37.68 16.60 43.45
C LEU C 30 -37.59 17.79 42.50
N THR C 31 -37.80 18.98 43.06
CA THR C 31 -37.48 20.31 42.48
C THR C 31 -36.42 20.95 43.39
N PRO C 32 -35.67 21.98 42.95
CA PRO C 32 -34.74 22.67 43.85
C PRO C 32 -35.41 23.43 45.00
N ASP C 33 -36.74 23.55 45.02
CA ASP C 33 -37.51 24.25 46.10
C ASP C 33 -37.73 23.30 47.30
N ASP C 34 -37.66 21.97 47.09
CA ASP C 34 -37.91 20.95 48.14
C ASP C 34 -36.75 20.99 49.14
N LYS C 35 -37.03 21.45 50.37
CA LYS C 35 -36.05 21.48 51.49
C LYS C 35 -36.06 20.12 52.22
N THR C 36 -37.11 19.32 52.05
CA THR C 36 -37.41 18.12 52.87
C THR C 36 -38.16 17.09 52.03
N LEU C 37 -37.96 15.80 52.27
CA LEU C 37 -38.88 14.73 51.79
C LEU C 37 -40.05 14.60 52.78
N ASP C 38 -41.27 14.49 52.27
CA ASP C 38 -42.46 14.11 53.08
C ASP C 38 -42.20 12.71 53.65
N PRO C 39 -42.79 12.34 54.80
CA PRO C 39 -42.48 11.07 55.45
C PRO C 39 -42.48 9.83 54.54
N ALA C 40 -43.41 9.75 53.58
CA ALA C 40 -43.62 8.60 52.67
C ALA C 40 -42.47 8.52 51.66
N SER C 41 -42.06 9.67 51.11
CA SER C 41 -40.88 9.82 50.23
C SER C 41 -39.61 9.40 51.00
N LEU C 42 -39.47 9.83 52.26
CA LEU C 42 -38.28 9.51 53.09
C LEU C 42 -38.23 7.99 53.34
N ASP C 43 -39.39 7.38 53.64
CA ASP C 43 -39.49 5.91 53.89
C ASP C 43 -39.01 5.16 52.62
N ARG C 44 -39.47 5.58 51.44
CA ARG C 44 -39.11 4.94 50.14
C ARG C 44 -37.60 5.10 49.90
N ALA C 45 -37.06 6.29 50.15
CA ALA C 45 -35.62 6.62 50.02
C ALA C 45 -34.79 5.65 50.88
N LEU C 46 -35.19 5.42 52.13
CA LEU C 46 -34.45 4.51 53.06
C LEU C 46 -34.60 3.05 52.63
N ALA C 47 -35.79 2.67 52.16
CA ALA C 47 -36.09 1.29 51.67
C ALA C 47 -35.21 1.00 50.45
N ILE C 48 -35.06 1.98 49.56
CA ILE C 48 -34.20 1.89 48.35
C ILE C 48 -32.73 1.73 48.77
N LEU C 49 -32.24 2.55 49.70
CA LEU C 49 -30.82 2.47 50.16
C LEU C 49 -30.57 1.12 50.85
N ALA C 50 -31.53 0.60 51.60
CA ALA C 50 -31.36 -0.69 52.32
C ALA C 50 -31.34 -1.85 51.30
N GLU C 51 -32.27 -1.87 50.34
CA GLU C 51 -32.39 -3.02 49.40
C GLU C 51 -31.36 -2.90 48.27
N HIS C 52 -31.24 -1.72 47.63
CA HIS C 52 -30.47 -1.52 46.37
C HIS C 52 -29.12 -0.87 46.65
N GLY C 53 -28.98 -0.12 47.74
CA GLY C 53 -27.72 0.54 48.12
C GLY C 53 -27.37 1.70 47.20
N ILE C 54 -28.32 2.13 46.36
CA ILE C 54 -28.16 3.34 45.48
C ILE C 54 -29.53 3.98 45.26
N LEU C 55 -29.58 5.31 45.37
CA LEU C 55 -30.78 6.16 45.30
C LEU C 55 -30.45 7.32 44.38
N VAL C 56 -31.29 7.60 43.39
CA VAL C 56 -31.11 8.72 42.42
C VAL C 56 -32.19 9.78 42.69
N LEU C 57 -31.76 10.99 43.03
CA LEU C 57 -32.63 12.17 43.29
C LEU C 57 -32.46 13.13 42.10
N THR C 58 -33.48 13.25 41.24
CA THR C 58 -33.50 14.20 40.09
C THR C 58 -34.04 15.56 40.53
N GLY C 59 -33.55 16.62 39.89
CA GLY C 59 -34.11 17.99 39.96
C GLY C 59 -33.78 18.68 41.28
N MET C 60 -32.63 18.35 41.88
CA MET C 60 -32.26 18.81 43.23
C MET C 60 -31.50 20.14 43.18
N LEU C 61 -30.53 20.27 42.27
CA LEU C 61 -29.65 21.47 42.23
C LEU C 61 -30.03 22.38 41.05
N ARG C 62 -30.06 23.69 41.31
CA ARG C 62 -30.27 24.76 40.30
C ARG C 62 -29.08 24.75 39.33
N THR C 63 -29.36 24.97 38.04
CA THR C 63 -28.35 24.99 36.95
C THR C 63 -27.32 26.10 37.21
N ARG C 64 -27.73 27.20 37.87
CA ARG C 64 -26.83 28.28 38.32
C ARG C 64 -25.64 27.67 39.08
N LEU C 65 -25.88 26.76 40.03
CA LEU C 65 -24.82 26.14 40.86
C LEU C 65 -23.98 25.16 40.03
N THR C 66 -24.63 24.26 39.29
CA THR C 66 -23.95 23.18 38.52
C THR C 66 -23.12 23.80 37.38
N ASP C 67 -23.57 24.91 36.79
CA ASP C 67 -22.82 25.60 35.71
C ASP C 67 -21.50 26.14 36.28
N GLN C 68 -21.55 26.79 37.44
CA GLN C 68 -20.35 27.42 38.07
C GLN C 68 -19.33 26.33 38.43
N LEU C 69 -19.80 25.19 38.93
CA LEU C 69 -18.93 24.07 39.36
C LEU C 69 -18.35 23.34 38.14
N ARG C 70 -19.15 23.13 37.10
CA ARG C 70 -18.67 22.54 35.82
C ARG C 70 -17.54 23.42 35.26
N THR C 71 -17.80 24.71 35.12
CA THR C 71 -16.84 25.68 34.55
C THR C 71 -15.54 25.63 35.37
N ALA C 72 -15.65 25.75 36.69
CA ALA C 72 -14.49 25.80 37.61
C ALA C 72 -13.62 24.55 37.41
N MET C 73 -14.24 23.38 37.32
CA MET C 73 -13.50 22.09 37.23
C MET C 73 -12.89 21.91 35.83
N LEU C 74 -13.59 22.31 34.78
CA LEU C 74 -13.02 22.28 33.41
C LEU C 74 -11.84 23.27 33.33
N ASP C 75 -11.94 24.43 33.99
CA ASP C 75 -10.86 25.46 34.02
C ASP C 75 -9.63 24.95 34.79
N ASP C 76 -9.82 24.16 35.85
CA ASP C 76 -8.71 23.66 36.72
C ASP C 76 -8.04 22.42 36.12
N LEU C 77 -8.70 21.75 35.17
CA LEU C 77 -8.21 20.43 34.63
C LEU C 77 -6.78 20.56 34.09
N PRO C 78 -6.44 21.63 33.31
CA PRO C 78 -5.08 21.81 32.87
C PRO C 78 -4.04 21.75 34.00
N GLU C 79 -4.32 22.38 35.14
CA GLU C 79 -3.38 22.42 36.30
C GLU C 79 -3.24 21.01 36.87
N VAL C 80 -4.32 20.23 36.86
CA VAL C 80 -4.30 18.81 37.34
C VAL C 80 -3.43 17.95 36.41
N LEU C 81 -3.60 18.08 35.09
CA LEU C 81 -2.90 17.23 34.09
C LEU C 81 -1.42 17.62 33.98
N ARG C 82 -1.06 18.80 34.49
CA ARG C 82 0.32 19.36 34.46
C ARG C 82 1.18 18.72 35.55
N GLN C 83 0.58 18.18 36.62
CA GLN C 83 1.30 17.57 37.78
C GLN C 83 2.26 16.48 37.29
N GLN C 84 3.33 16.22 38.04
CA GLN C 84 4.38 15.21 37.68
C GLN C 84 3.77 13.81 37.66
N ASP C 85 3.03 13.46 38.73
CA ASP C 85 2.22 12.21 38.80
C ASP C 85 0.74 12.62 38.91
N VAL C 86 -0.02 12.38 37.83
CA VAL C 86 -1.47 12.69 37.73
C VAL C 86 -2.23 11.64 38.53
N PRO C 87 -2.98 12.06 39.58
CA PRO C 87 -3.66 11.11 40.44
C PRO C 87 -4.79 10.45 39.64
N THR C 88 -4.70 9.14 39.49
CA THR C 88 -5.50 8.34 38.56
C THR C 88 -6.11 7.19 39.36
N ASN C 89 -7.34 6.80 39.06
CA ASN C 89 -8.07 5.74 39.77
C ASN C 89 -8.05 4.47 38.92
N PHE C 90 -7.14 3.54 39.24
CA PHE C 90 -7.01 2.15 38.72
C PHE C 90 -6.41 2.11 37.31
N VAL C 91 -6.96 2.89 36.38
CA VAL C 91 -6.63 2.78 34.92
C VAL C 91 -6.59 4.19 34.32
N PRO C 92 -5.93 4.37 33.15
CA PRO C 92 -5.86 5.67 32.49
C PRO C 92 -7.21 6.33 32.21
N GLY C 93 -7.22 7.66 32.31
CA GLY C 93 -8.38 8.51 31.95
C GLY C 93 -9.29 8.85 33.13
N HIS C 94 -9.11 8.20 34.28
CA HIS C 94 -9.96 8.41 35.49
C HIS C 94 -9.18 9.24 36.51
N VAL C 95 -9.31 10.56 36.42
CA VAL C 95 -8.45 11.52 37.19
C VAL C 95 -9.17 11.91 38.48
N GLN C 96 -8.45 11.95 39.60
CA GLN C 96 -8.94 12.53 40.87
C GLN C 96 -8.73 14.05 40.80
N GLN C 97 -9.78 14.82 41.03
CA GLN C 97 -9.75 16.30 40.98
C GLN C 97 -10.70 16.89 42.03
N ASP C 98 -10.17 17.63 43.00
CA ASP C 98 -10.99 18.38 43.99
C ASP C 98 -11.58 19.59 43.30
N PRO C 99 -12.88 19.86 43.49
CA PRO C 99 -13.47 21.13 43.03
C PRO C 99 -12.83 22.23 43.87
N PRO C 100 -12.90 23.50 43.43
CA PRO C 100 -12.28 24.59 44.20
C PRO C 100 -12.91 24.72 45.59
N VAL C 101 -12.09 25.12 46.56
CA VAL C 101 -12.49 25.47 47.95
C VAL C 101 -12.28 26.98 48.15
N ARG C 102 -12.66 27.78 47.15
CA ARG C 102 -12.77 29.25 47.24
C ARG C 102 -14.18 29.56 47.75
N GLU C 103 -14.36 30.67 48.47
CA GLU C 103 -15.65 30.95 49.15
C GLU C 103 -16.74 31.16 48.09
N SER C 104 -16.41 31.69 46.91
CA SER C 104 -17.35 32.01 45.81
C SER C 104 -17.97 30.74 45.18
N LEU C 105 -17.38 29.56 45.40
CA LEU C 105 -17.79 28.28 44.76
C LEU C 105 -18.11 27.22 45.82
N LEU C 106 -18.26 27.63 47.09
CA LEU C 106 -18.72 26.73 48.17
C LEU C 106 -20.16 27.11 48.51
N PHE C 107 -21.10 26.28 48.08
CA PHE C 107 -22.57 26.54 48.11
C PHE C 107 -23.20 25.66 49.18
N PRO C 108 -23.92 26.24 50.16
CA PRO C 108 -24.63 25.47 51.17
C PRO C 108 -25.50 24.35 50.59
N ASP C 109 -26.18 24.61 49.47
CA ASP C 109 -27.09 23.62 48.82
C ASP C 109 -26.30 22.44 48.23
N VAL C 110 -24.98 22.56 48.06
CA VAL C 110 -24.07 21.44 47.64
C VAL C 110 -23.46 20.80 48.89
N LEU C 111 -22.75 21.56 49.73
CA LEU C 111 -22.01 21.00 50.90
C LEU C 111 -22.97 20.51 51.98
N LEU C 112 -24.04 21.28 52.25
CA LEU C 112 -24.97 21.11 53.40
C LEU C 112 -26.40 21.01 52.87
N ASN C 113 -26.63 20.16 51.87
CA ASN C 113 -27.94 20.02 51.22
C ASN C 113 -28.91 19.43 52.23
N PRO C 114 -30.09 20.04 52.42
CA PRO C 114 -31.02 19.61 53.48
C PRO C 114 -31.61 18.23 53.21
N VAL C 115 -31.90 17.89 51.95
CA VAL C 115 -32.46 16.56 51.56
C VAL C 115 -31.39 15.50 51.77
N VAL C 116 -30.17 15.76 51.33
CA VAL C 116 -29.04 14.79 51.45
C VAL C 116 -28.87 14.47 52.94
N TYR C 117 -28.80 15.48 53.81
CA TYR C 117 -28.52 15.31 55.26
C TYR C 117 -29.75 14.72 55.97
N GLN C 118 -30.96 15.00 55.50
CA GLN C 118 -32.18 14.33 56.02
C GLN C 118 -31.99 12.81 55.85
N ILE C 119 -31.55 12.38 54.65
CA ILE C 119 -31.34 10.94 54.34
C ILE C 119 -30.17 10.39 55.17
N THR C 120 -29.03 11.07 55.20
CA THR C 120 -27.80 10.56 55.86
C THR C 120 -27.99 10.57 57.39
N HIS C 121 -28.73 11.53 57.93
CA HIS C 121 -29.10 11.56 59.36
C HIS C 121 -29.92 10.31 59.72
N ALA C 122 -30.88 9.95 58.87
CA ALA C 122 -31.78 8.78 59.09
C ALA C 122 -30.99 7.47 59.01
N VAL C 123 -30.04 7.32 58.08
CA VAL C 123 -29.28 6.04 57.91
C VAL C 123 -28.13 5.95 58.94
N LEU C 124 -27.33 7.01 59.09
CA LEU C 124 -26.04 6.96 59.83
C LEU C 124 -26.14 7.60 61.22
N GLY C 125 -27.18 8.38 61.49
CA GLY C 125 -27.37 9.07 62.78
C GLY C 125 -27.13 10.56 62.64
N ALA C 126 -27.53 11.33 63.66
CA ALA C 126 -27.47 12.82 63.70
C ALA C 126 -26.01 13.28 63.73
N ASP C 127 -25.08 12.38 64.09
CA ASP C 127 -23.63 12.69 64.26
C ASP C 127 -22.86 12.46 62.96
N ALA C 128 -23.53 12.00 61.90
CA ALA C 128 -22.91 11.74 60.58
C ALA C 128 -22.28 13.04 60.07
N ARG C 129 -21.17 12.95 59.35
CA ARG C 129 -20.40 14.12 58.89
C ARG C 129 -19.86 13.86 57.48
N ASN C 130 -19.85 14.90 56.65
CA ASN C 130 -19.14 14.90 55.36
C ASN C 130 -17.63 14.99 55.62
N ALA C 131 -16.82 14.12 55.01
CA ALA C 131 -15.35 14.11 55.15
C ALA C 131 -14.65 14.04 53.79
N VAL C 132 -15.41 14.22 52.70
CA VAL C 132 -14.87 14.24 51.32
C VAL C 132 -15.53 15.40 50.56
N TYR C 133 -14.72 16.28 50.00
CA TYR C 133 -15.13 17.28 48.98
C TYR C 133 -14.10 17.18 47.85
N SER C 134 -14.32 16.21 46.96
CA SER C 134 -13.39 15.80 45.90
C SER C 134 -14.18 15.61 44.59
N GLY C 135 -13.58 14.93 43.61
CA GLY C 135 -14.24 14.72 42.33
C GLY C 135 -13.50 13.74 41.46
N ASN C 136 -14.19 13.31 40.40
CA ASN C 136 -13.75 12.27 39.44
C ASN C 136 -13.93 12.86 38.05
N MET C 137 -12.84 13.23 37.39
CA MET C 137 -12.84 13.73 36.00
C MET C 137 -12.54 12.57 35.06
N ASN C 138 -13.54 12.14 34.28
CA ASN C 138 -13.48 11.01 33.33
C ASN C 138 -13.11 11.55 31.94
N LEU C 139 -11.87 11.36 31.50
CA LEU C 139 -11.32 11.96 30.25
C LEU C 139 -11.80 11.18 29.03
N PRO C 140 -11.97 11.84 27.86
CA PRO C 140 -12.18 11.13 26.61
C PRO C 140 -11.09 10.07 26.41
N GLY C 141 -11.50 8.86 26.03
CA GLY C 141 -10.62 7.71 25.71
C GLY C 141 -10.27 6.89 26.92
N SER C 142 -10.89 7.17 28.08
CA SER C 142 -10.61 6.50 29.37
C SER C 142 -10.85 5.01 29.24
N HIS C 143 -10.12 4.22 30.05
CA HIS C 143 -10.24 2.73 30.11
C HIS C 143 -11.38 2.34 31.06
N GLU C 144 -11.69 1.05 31.13
CA GLU C 144 -12.68 0.47 32.06
C GLU C 144 -11.98 0.23 33.40
N GLN C 145 -12.53 0.77 34.49
CA GLN C 145 -12.01 0.48 35.86
C GLN C 145 -12.43 -0.94 36.23
N PRO C 146 -11.69 -1.62 37.12
CA PRO C 146 -12.19 -2.85 37.71
C PRO C 146 -13.34 -2.50 38.67
N VAL C 147 -14.33 -3.39 38.75
CA VAL C 147 -15.44 -3.27 39.72
C VAL C 147 -14.82 -3.24 41.12
N HIS C 148 -15.19 -2.29 41.95
CA HIS C 148 -14.60 -2.06 43.28
C HIS C 148 -15.64 -1.43 44.21
N LEU C 149 -15.33 -1.38 45.50
CA LEU C 149 -16.05 -0.48 46.46
C LEU C 149 -15.10 0.63 46.88
N ASP C 150 -15.65 1.82 47.10
CA ASP C 150 -14.90 3.04 47.52
C ASP C 150 -14.50 2.93 48.99
N GLU C 151 -15.30 2.27 49.81
CA GLU C 151 -14.99 2.03 51.25
C GLU C 151 -15.33 0.57 51.54
N PRO C 152 -14.47 -0.16 52.28
CA PRO C 152 -14.69 -1.58 52.54
C PRO C 152 -15.65 -1.87 53.70
N HIS C 153 -16.08 -3.14 53.79
CA HIS C 153 -16.69 -3.73 54.99
C HIS C 153 -15.57 -3.77 56.04
N LEU C 154 -15.92 -3.58 57.32
CA LEU C 154 -14.91 -3.29 58.36
C LEU C 154 -14.30 -4.60 58.87
N TRP C 155 -14.96 -5.72 58.65
CA TRP C 155 -14.41 -7.07 58.92
C TRP C 155 -14.81 -7.98 57.75
N PRO C 156 -13.91 -8.91 57.35
CA PRO C 156 -14.27 -9.91 56.34
C PRO C 156 -15.31 -10.90 56.90
N GLY C 157 -16.25 -11.33 56.07
CA GLY C 157 -17.22 -12.40 56.34
C GLY C 157 -18.35 -11.95 57.27
N ILE C 158 -18.48 -10.64 57.55
CA ILE C 158 -19.45 -10.10 58.54
C ILE C 158 -20.45 -9.20 57.81
N SER C 159 -21.72 -9.39 58.13
CA SER C 159 -22.85 -8.51 57.73
C SER C 159 -23.00 -7.42 58.79
N HIS C 160 -22.90 -6.16 58.37
CA HIS C 160 -23.08 -4.99 59.26
C HIS C 160 -23.75 -3.87 58.46
N PRO C 161 -24.48 -2.95 59.13
CA PRO C 161 -25.15 -1.86 58.44
C PRO C 161 -24.15 -0.87 57.84
N PRO C 162 -24.63 0.13 57.07
CA PRO C 162 -23.76 1.11 56.44
C PRO C 162 -23.02 1.94 57.49
N TYR C 163 -21.82 2.44 57.19
CA TYR C 163 -21.12 3.46 58.01
C TYR C 163 -20.77 4.70 57.18
N CYS C 164 -21.07 4.70 55.88
CA CYS C 164 -20.78 5.82 54.97
C CYS C 164 -21.72 5.79 53.75
N LEU C 165 -22.13 6.97 53.28
CA LEU C 165 -22.96 7.13 52.07
C LEU C 165 -22.20 8.08 51.15
N CYS C 166 -21.85 7.62 49.94
CA CYS C 166 -21.25 8.46 48.89
C CYS C 166 -22.37 9.33 48.30
N VAL C 167 -22.10 10.61 48.10
CA VAL C 167 -23.01 11.60 47.48
C VAL C 167 -22.36 12.09 46.19
N ASP C 168 -22.79 11.55 45.05
CA ASP C 168 -22.22 11.81 43.70
C ASP C 168 -23.08 12.86 43.00
N VAL C 169 -22.47 13.93 42.54
CA VAL C 169 -23.15 15.09 41.89
C VAL C 169 -22.60 15.26 40.48
N PRO C 170 -23.25 14.72 39.43
CA PRO C 170 -22.82 14.97 38.06
C PRO C 170 -22.87 16.47 37.73
N LEU C 171 -21.87 16.97 37.00
CA LEU C 171 -21.79 18.42 36.63
C LEU C 171 -22.05 18.64 35.14
N ILE C 172 -22.31 17.58 34.38
CA ILE C 172 -22.98 17.61 33.04
C ILE C 172 -24.00 16.47 33.01
N ASP C 173 -24.86 16.44 32.01
CA ASP C 173 -25.71 15.26 31.72
C ASP C 173 -24.77 14.07 31.53
N PHE C 174 -24.94 13.02 32.34
CA PHE C 174 -24.20 11.75 32.18
C PHE C 174 -25.00 10.91 31.18
N THR C 175 -24.32 10.27 30.24
CA THR C 175 -24.92 9.41 29.19
C THR C 175 -24.14 8.10 29.17
N LEU C 176 -24.66 7.09 28.47
CA LEU C 176 -23.92 5.83 28.22
C LEU C 176 -22.67 6.13 27.40
N GLU C 177 -22.67 7.23 26.63
CA GLU C 177 -21.50 7.62 25.79
C GLU C 177 -20.39 8.23 26.67
N ASN C 178 -20.71 9.15 27.58
CA ASN C 178 -19.71 10.06 28.18
C ASN C 178 -19.28 9.53 29.57
N GLY C 179 -19.62 8.28 29.91
CA GLY C 179 -19.04 7.54 31.05
C GLY C 179 -19.89 7.58 32.30
N SER C 180 -21.22 7.48 32.19
CA SER C 180 -22.13 7.28 33.34
C SER C 180 -21.69 6.03 34.11
N THR C 181 -21.52 6.16 35.43
CA THR C 181 -20.92 5.12 36.31
C THR C 181 -21.76 3.84 36.24
N GLU C 182 -21.12 2.69 36.15
CA GLU C 182 -21.77 1.35 36.29
C GLU C 182 -21.97 1.08 37.79
N TYR C 183 -23.20 0.74 38.17
CA TYR C 183 -23.63 0.44 39.56
C TYR C 183 -24.15 -0.99 39.60
N TRP C 184 -23.81 -1.73 40.66
CA TRP C 184 -24.31 -3.10 40.95
C TRP C 184 -25.34 -3.04 42.07
N PRO C 185 -26.65 -2.91 41.78
CA PRO C 185 -27.67 -2.84 42.82
C PRO C 185 -27.65 -4.07 43.75
N GLY C 186 -27.75 -3.81 45.06
CA GLY C 186 -27.84 -4.82 46.13
C GLY C 186 -26.48 -5.36 46.56
N SER C 187 -25.40 -4.91 45.93
CA SER C 187 -24.02 -5.43 46.15
C SER C 187 -23.44 -4.92 47.49
N HIS C 188 -24.06 -3.92 48.10
CA HIS C 188 -23.54 -3.24 49.31
C HIS C 188 -23.55 -4.16 50.55
N VAL C 189 -24.36 -5.22 50.55
CA VAL C 189 -24.51 -6.15 51.71
C VAL C 189 -23.68 -7.42 51.48
N LEU C 190 -22.99 -7.54 50.34
CA LEU C 190 -22.21 -8.77 50.00
C LEU C 190 -20.82 -8.62 50.62
N ASN C 191 -20.44 -9.56 51.50
CA ASN C 191 -19.11 -9.56 52.16
C ASN C 191 -18.71 -11.00 52.44
N PRO C 192 -18.59 -11.87 51.43
CA PRO C 192 -18.06 -13.22 51.66
C PRO C 192 -16.55 -13.15 51.89
N ASP C 193 -15.97 -14.12 52.58
CA ASP C 193 -14.50 -14.26 52.77
C ASP C 193 -13.79 -14.19 51.41
N GLU C 194 -12.64 -13.51 51.35
CA GLU C 194 -11.70 -13.49 50.19
C GLU C 194 -12.31 -12.77 48.99
N CYS C 195 -13.23 -11.83 49.22
CA CYS C 195 -14.02 -11.16 48.15
C CYS C 195 -13.30 -9.90 47.63
N TYR C 196 -12.39 -9.29 48.42
CA TYR C 196 -11.84 -7.94 48.18
C TYR C 196 -10.32 -7.97 48.29
N ASP C 197 -9.62 -7.23 47.42
CA ASP C 197 -8.15 -7.08 47.47
C ASP C 197 -7.83 -5.76 48.18
N GLU C 198 -6.54 -5.45 48.31
CA GLU C 198 -6.01 -4.25 49.01
C GLU C 198 -6.50 -2.96 48.34
N ARG C 199 -6.96 -3.00 47.08
CA ARG C 199 -7.43 -1.82 46.31
C ARG C 199 -8.96 -1.67 46.37
N GLY C 200 -9.66 -2.61 46.99
CA GLY C 200 -11.13 -2.61 47.10
C GLY C 200 -11.81 -3.24 45.88
N CYS C 201 -11.04 -3.93 45.04
CA CYS C 201 -11.55 -4.59 43.81
C CYS C 201 -12.23 -5.92 44.17
N VAL C 202 -13.38 -6.18 43.54
CA VAL C 202 -14.17 -7.42 43.75
C VAL C 202 -13.49 -8.55 42.97
N LEU C 203 -13.28 -9.69 43.63
CA LEU C 203 -12.74 -10.92 43.01
C LEU C 203 -13.59 -11.26 41.79
N PRO C 204 -12.98 -11.47 40.62
CA PRO C 204 -13.73 -11.81 39.40
C PRO C 204 -14.76 -12.95 39.56
N ALA C 205 -14.44 -13.97 40.34
CA ALA C 205 -15.32 -15.13 40.58
C ALA C 205 -16.61 -14.67 41.29
N GLU C 206 -16.49 -13.77 42.27
CA GLU C 206 -17.66 -13.23 43.03
C GLU C 206 -18.47 -12.31 42.13
N LEU C 207 -17.82 -11.57 41.21
CA LEU C 207 -18.49 -10.69 40.23
C LEU C 207 -19.46 -11.52 39.39
N GLU C 208 -19.01 -12.66 38.86
CA GLU C 208 -19.78 -13.48 37.87
C GLU C 208 -20.92 -14.20 38.59
N ARG C 209 -20.69 -14.71 39.80
CA ARG C 209 -21.77 -15.29 40.67
C ARG C 209 -22.88 -14.25 40.82
N ARG C 210 -22.52 -13.02 41.17
CA ARG C 210 -23.49 -11.93 41.44
C ARG C 210 -24.17 -11.52 40.12
N ARG C 211 -23.42 -11.42 39.03
CA ARG C 211 -23.91 -10.96 37.69
C ARG C 211 -25.10 -11.83 37.27
N ALA C 212 -25.07 -13.13 37.56
CA ALA C 212 -26.11 -14.13 37.20
C ALA C 212 -27.42 -13.86 37.96
N VAL C 213 -27.34 -13.24 39.13
CA VAL C 213 -28.50 -13.01 40.06
C VAL C 213 -29.03 -11.59 39.88
N ALA C 214 -28.16 -10.58 39.90
CA ALA C 214 -28.51 -9.13 39.82
C ALA C 214 -27.45 -8.41 38.98
N PRO C 215 -27.58 -8.40 37.63
CA PRO C 215 -26.54 -7.82 36.79
C PRO C 215 -26.42 -6.31 37.01
N PRO C 216 -25.25 -5.71 36.74
CA PRO C 216 -25.07 -4.27 36.89
C PRO C 216 -25.94 -3.46 35.93
N VAL C 217 -26.07 -2.16 36.19
CA VAL C 217 -26.84 -1.21 35.35
C VAL C 217 -25.95 0.00 35.08
N ARG C 218 -26.11 0.61 33.91
CA ARG C 218 -25.64 1.98 33.59
C ARG C 218 -26.85 2.74 33.06
N PHE C 219 -27.01 3.99 33.44
CA PHE C 219 -28.16 4.81 32.98
C PHE C 219 -27.75 6.26 32.88
N PRO C 220 -28.38 7.03 31.97
CA PRO C 220 -28.19 8.48 31.92
C PRO C 220 -28.62 9.07 33.27
N ILE C 221 -27.93 10.12 33.70
CA ILE C 221 -28.31 10.92 34.89
C ILE C 221 -28.26 12.37 34.48
N PRO C 222 -29.40 13.11 34.49
CA PRO C 222 -29.39 14.51 34.11
C PRO C 222 -28.66 15.33 35.17
N VAL C 223 -27.90 16.34 34.74
CA VAL C 223 -27.28 17.36 35.63
C VAL C 223 -28.41 17.96 36.47
N GLY C 224 -28.14 18.32 37.72
CA GLY C 224 -29.14 18.71 38.72
C GLY C 224 -29.49 17.56 39.65
N SER C 225 -29.18 16.32 39.24
CA SER C 225 -29.44 15.09 40.03
C SER C 225 -28.35 14.92 41.08
N VAL C 226 -28.65 14.19 42.15
CA VAL C 226 -27.70 13.73 43.20
C VAL C 226 -27.89 12.23 43.37
N VAL C 227 -26.81 11.46 43.40
CA VAL C 227 -26.85 10.00 43.69
C VAL C 227 -26.31 9.78 45.11
N ILE C 228 -27.12 9.17 45.98
CA ILE C 228 -26.70 8.69 47.32
C ILE C 228 -26.58 7.17 47.21
N ARG C 229 -25.43 6.63 47.55
CA ARG C 229 -25.19 5.16 47.55
C ARG C 229 -24.36 4.77 48.78
N ASP C 230 -24.58 3.56 49.28
CA ASP C 230 -23.70 2.89 50.25
C ASP C 230 -22.27 2.97 49.70
N GLY C 231 -21.30 3.37 50.53
CA GLY C 231 -19.89 3.46 50.16
C GLY C 231 -19.29 2.10 49.87
N ARG C 232 -20.03 1.03 50.17
CA ARG C 232 -19.61 -0.37 49.92
C ARG C 232 -20.22 -0.90 48.61
N LEU C 233 -21.06 -0.12 47.92
CA LEU C 233 -21.70 -0.57 46.66
C LEU C 233 -20.62 -0.88 45.61
N TRP C 234 -20.68 -2.04 44.97
CA TRP C 234 -19.83 -2.34 43.79
C TRP C 234 -20.24 -1.39 42.66
N HIS C 235 -19.25 -0.81 41.99
CA HIS C 235 -19.41 0.09 40.83
C HIS C 235 -18.09 0.14 40.07
N ARG C 236 -18.08 0.75 38.87
CA ARG C 236 -16.82 1.11 38.19
C ARG C 236 -17.04 2.31 37.28
N GLY C 237 -15.98 3.12 37.14
CA GLY C 237 -15.82 4.04 36.01
C GLY C 237 -15.73 3.26 34.72
N VAL C 238 -16.31 3.79 33.65
CA VAL C 238 -16.33 3.15 32.30
C VAL C 238 -15.83 4.19 31.31
N PRO C 239 -15.44 3.76 30.09
CA PRO C 239 -14.90 4.66 29.09
C PRO C 239 -15.83 5.85 28.81
N ASN C 240 -15.24 7.05 28.78
CA ASN C 240 -15.85 8.27 28.21
C ASN C 240 -15.53 8.25 26.71
N LEU C 241 -16.55 7.95 25.88
CA LEU C 241 -16.41 7.81 24.40
C LEU C 241 -16.82 9.09 23.70
N SER C 242 -17.01 10.18 24.44
CA SER C 242 -17.39 11.51 23.90
C SER C 242 -16.12 12.35 23.74
N ALA C 243 -16.23 13.54 23.15
CA ALA C 243 -15.11 14.45 22.86
C ALA C 243 -14.83 15.39 24.03
N ALA C 244 -15.52 15.24 25.17
CA ALA C 244 -15.47 16.21 26.29
C ALA C 244 -15.27 15.50 27.63
N PRO C 245 -14.42 16.06 28.53
CA PRO C 245 -14.30 15.53 29.89
C PRO C 245 -15.64 15.52 30.62
N ARG C 246 -15.86 14.50 31.45
CA ARG C 246 -17.10 14.29 32.22
C ARG C 246 -16.81 14.53 33.71
N PRO C 247 -17.11 15.74 34.24
CA PRO C 247 -16.83 16.05 35.64
C PRO C 247 -17.90 15.51 36.60
N LEU C 248 -17.47 14.81 37.65
CA LEU C 248 -18.32 14.37 38.80
C LEU C 248 -17.80 15.01 40.09
N LEU C 249 -18.66 15.68 40.85
CA LEU C 249 -18.32 16.18 42.20
C LEU C 249 -18.70 15.08 43.20
N ALA C 250 -17.80 14.75 44.14
CA ALA C 250 -17.93 13.61 45.06
C ALA C 250 -17.85 14.09 46.51
N MET C 251 -18.84 13.72 47.32
CA MET C 251 -18.84 13.87 48.79
C MET C 251 -19.15 12.51 49.42
N THR C 252 -18.74 12.31 50.68
CA THR C 252 -19.01 11.06 51.41
C THR C 252 -19.29 11.38 52.88
N HIS C 253 -20.48 11.02 53.35
CA HIS C 253 -20.92 11.15 54.75
C HIS C 253 -20.51 9.88 55.49
N TYR C 254 -19.92 10.02 56.67
CA TYR C 254 -19.46 8.91 57.53
C TYR C 254 -20.09 9.06 58.92
N THR C 255 -20.27 7.94 59.62
CA THR C 255 -20.52 7.90 61.09
C THR C 255 -19.39 8.68 61.76
N GLU C 256 -19.67 9.35 62.88
CA GLU C 256 -18.69 10.20 63.61
C GLU C 256 -17.44 9.38 63.96
N TRP C 257 -17.55 8.06 64.12
CA TRP C 257 -16.47 7.23 64.68
C TRP C 257 -15.50 6.70 63.62
N PHE C 258 -15.79 6.90 62.33
CA PHE C 258 -14.87 6.49 61.23
C PHE C 258 -13.80 7.56 61.02
N ASP C 259 -12.54 7.13 61.16
CA ASP C 259 -11.35 8.01 61.06
C ASP C 259 -11.22 8.45 59.61
N MET C 260 -11.25 9.76 59.41
CA MET C 260 -11.03 10.41 58.09
C MET C 260 -10.17 11.65 58.31
N PRO C 261 -9.32 12.04 57.34
CA PRO C 261 -8.67 13.35 57.40
C PRO C 261 -9.72 14.43 57.19
N PRO C 262 -9.57 15.62 57.82
CA PRO C 262 -10.54 16.69 57.63
C PRO C 262 -10.43 17.30 56.23
N ILE C 263 -11.52 17.85 55.73
CA ILE C 263 -11.55 18.69 54.49
C ILE C 263 -10.93 20.03 54.86
N GLN C 264 -9.93 20.47 54.10
CA GLN C 264 -9.33 21.83 54.22
C GLN C 264 -10.32 22.82 53.58
N LEU C 265 -10.84 23.76 54.37
CA LEU C 265 -11.70 24.87 53.90
C LEU C 265 -11.10 26.19 54.35
N PRO C 266 -11.33 27.29 53.61
CA PRO C 266 -10.85 28.61 54.04
C PRO C 266 -11.74 29.05 55.22
N ASP C 267 -11.18 29.79 56.19
CA ASP C 267 -11.92 30.22 57.40
C ASP C 267 -13.00 31.23 57.01
N THR C 268 -13.03 31.68 55.76
CA THR C 268 -14.08 32.60 55.23
C THR C 268 -15.45 31.90 55.19
N VAL C 269 -15.52 30.56 55.26
CA VAL C 269 -16.81 29.80 55.24
C VAL C 269 -17.10 29.16 56.60
N LYS C 270 -16.21 29.35 57.58
CA LYS C 270 -16.34 28.79 58.95
C LYS C 270 -17.67 29.18 59.59
N SER C 271 -18.14 30.41 59.37
CA SER C 271 -19.36 30.97 60.04
C SER C 271 -20.56 30.05 59.74
N TRP C 272 -20.77 29.65 58.48
CA TRP C 272 -21.98 28.89 58.07
C TRP C 272 -21.71 27.37 58.05
N VAL C 273 -20.46 26.93 57.87
CA VAL C 273 -20.13 25.47 57.86
C VAL C 273 -20.11 24.96 59.30
N ASP C 274 -19.34 25.62 60.19
CA ASP C 274 -19.10 25.14 61.57
C ASP C 274 -20.33 25.38 62.47
N GLY C 275 -21.19 26.33 62.13
CA GLY C 275 -22.50 26.49 62.82
C GLY C 275 -23.37 25.24 62.74
N SER C 276 -23.42 24.61 61.56
CA SER C 276 -24.56 23.78 61.07
C SER C 276 -24.73 22.50 61.89
N ASP C 277 -25.97 22.02 61.99
CA ASP C 277 -26.29 20.66 62.52
C ASP C 277 -26.17 19.61 61.39
N ARG C 278 -25.76 20.05 60.20
CA ARG C 278 -25.28 19.19 59.08
C ARG C 278 -23.76 19.19 59.12
N HIS C 279 -23.17 18.20 59.80
CA HIS C 279 -21.75 18.24 60.24
C HIS C 279 -20.82 18.01 59.04
N THR C 280 -19.65 18.63 59.13
CA THR C 280 -18.50 18.46 58.20
C THR C 280 -17.26 18.23 59.05
N HIS C 281 -16.48 17.17 58.80
CA HIS C 281 -15.11 17.04 59.36
C HIS C 281 -14.22 18.02 58.59
N ALA C 282 -14.05 19.22 59.12
CA ALA C 282 -13.38 20.37 58.44
C ALA C 282 -12.21 20.89 59.30
N HIS C 283 -11.15 21.31 58.64
CA HIS C 283 -10.04 22.11 59.22
C HIS C 283 -10.05 23.45 58.47
N PHE C 284 -10.27 24.54 59.21
CA PHE C 284 -10.40 25.91 58.64
C PHE C 284 -9.01 26.57 58.64
N VAL C 285 -8.61 27.12 57.50
CA VAL C 285 -7.26 27.65 57.24
C VAL C 285 -7.35 29.18 57.10
N ALA C 286 -6.34 29.90 57.60
CA ALA C 286 -6.14 31.34 57.33
C ALA C 286 -5.65 31.48 55.89
N GLY C 287 -6.27 32.37 55.11
CA GLY C 287 -5.96 32.56 53.68
C GLY C 287 -6.50 31.40 52.85
N ASP C 288 -5.80 31.10 51.74
CA ASP C 288 -6.24 30.17 50.66
C ASP C 288 -5.74 28.76 50.93
N VAL C 289 -6.48 27.77 50.42
CA VAL C 289 -6.06 26.33 50.36
C VAL C 289 -5.59 26.06 48.93
N ASP C 290 -4.44 25.40 48.75
CA ASP C 290 -4.05 24.78 47.46
C ASP C 290 -4.83 23.47 47.30
N HIS C 291 -5.89 23.47 46.47
CA HIS C 291 -6.79 22.29 46.26
C HIS C 291 -6.20 21.35 45.18
N LEU C 292 -5.17 21.79 44.43
CA LEU C 292 -4.47 20.99 43.39
C LEU C 292 -2.97 20.92 43.75
N HIS C 296 -2.41 12.81 45.88
CA HIS C 296 -3.85 12.87 46.30
C HIS C 296 -4.21 11.67 47.16
N PRO C 297 -4.63 11.87 48.43
CA PRO C 297 -4.91 10.76 49.34
C PRO C 297 -6.09 9.84 48.96
N PHE C 298 -7.02 10.28 48.11
CA PHE C 298 -8.28 9.57 47.77
C PHE C 298 -8.17 8.81 46.44
N ALA C 299 -7.09 9.02 45.66
CA ALA C 299 -6.80 8.28 44.40
C ALA C 299 -6.35 6.86 44.76
N VAL C 300 -6.91 5.84 44.12
CA VAL C 300 -6.52 4.42 44.39
C VAL C 300 -5.64 3.88 43.25
N HIS D 16 -2.08 33.16 82.91
CA HIS D 16 -0.70 33.05 82.34
C HIS D 16 0.11 31.95 83.04
N MET D 17 1.09 31.36 82.33
CA MET D 17 2.03 30.34 82.87
C MET D 17 3.36 31.01 83.24
N ALA D 18 3.79 30.82 84.49
CA ALA D 18 5.05 31.37 85.07
C ALA D 18 6.07 30.24 85.21
N LEU D 19 7.16 30.31 84.43
CA LEU D 19 8.20 29.24 84.30
C LEU D 19 9.45 29.63 85.09
N ALA D 20 10.36 28.68 85.30
CA ALA D 20 11.64 28.83 86.04
C ALA D 20 12.80 29.07 85.07
N ALA D 21 12.57 28.87 83.76
CA ALA D 21 13.58 29.07 82.70
C ALA D 21 12.91 29.22 81.35
N PRO D 22 13.61 29.70 80.30
CA PRO D 22 13.06 29.72 78.95
C PRO D 22 12.68 28.31 78.52
N PRO D 23 11.46 28.10 77.98
CA PRO D 23 11.04 26.76 77.54
C PRO D 23 11.95 26.19 76.45
N GLY D 24 12.24 24.90 76.51
CA GLY D 24 13.01 24.15 75.51
C GLY D 24 12.50 24.41 74.10
N GLU D 25 11.17 24.38 73.90
CA GLU D 25 10.55 24.49 72.56
C GLU D 25 10.88 25.85 71.89
N LEU D 26 11.28 26.87 72.67
CA LEU D 26 11.49 28.25 72.16
C LEU D 26 12.97 28.62 72.19
N THR D 27 13.86 27.78 72.71
CA THR D 27 15.23 28.19 73.11
C THR D 27 16.30 27.45 72.29
N LEU D 28 17.32 28.20 71.84
CA LEU D 28 18.59 27.69 71.29
C LEU D 28 19.74 28.21 72.17
N ALA D 29 20.59 27.32 72.68
CA ALA D 29 21.71 27.69 73.58
C ALA D 29 22.99 27.85 72.76
N LEU D 30 23.57 29.06 72.78
CA LEU D 30 24.84 29.37 72.06
C LEU D 30 25.88 29.84 73.07
N THR D 31 27.09 30.09 72.57
CA THR D 31 28.20 30.78 73.26
C THR D 31 28.48 32.06 72.47
N PRO D 32 29.19 33.06 73.03
CA PRO D 32 29.57 34.25 72.25
C PRO D 32 30.54 33.97 71.09
N ASP D 33 31.10 32.75 70.99
CA ASP D 33 32.05 32.35 69.92
C ASP D 33 31.30 31.91 68.65
N ASP D 34 30.02 31.54 68.77
CA ASP D 34 29.18 31.05 67.63
C ASP D 34 28.91 32.23 66.70
N LYS D 35 29.53 32.24 65.51
CA LYS D 35 29.35 33.28 64.46
C LYS D 35 28.15 32.91 63.59
N THR D 36 27.78 31.63 63.55
CA THR D 36 26.87 31.03 62.54
C THR D 36 26.14 29.84 63.17
N LEU D 37 24.87 29.64 62.81
CA LEU D 37 24.14 28.39 63.13
C LEU D 37 24.44 27.37 62.02
N ASP D 38 24.74 26.13 62.39
CA ASP D 38 24.81 24.98 61.45
C ASP D 38 23.42 24.83 60.81
N PRO D 39 23.30 24.29 59.58
CA PRO D 39 22.01 24.21 58.89
C PRO D 39 20.83 23.70 59.72
N ALA D 40 21.05 22.70 60.58
CA ALA D 40 20.01 22.03 61.40
C ALA D 40 19.53 22.96 62.50
N SER D 41 20.45 23.67 63.16
CA SER D 41 20.17 24.74 64.15
C SER D 41 19.36 25.87 63.49
N LEU D 42 19.75 26.28 62.28
CA LEU D 42 19.06 27.37 61.54
C LEU D 42 17.63 26.92 61.21
N ASP D 43 17.45 25.67 60.78
CA ASP D 43 16.12 25.10 60.45
C ASP D 43 15.22 25.12 61.69
N ARG D 44 15.74 24.71 62.85
CA ARG D 44 14.99 24.70 64.14
C ARG D 44 14.60 26.14 64.52
N ALA D 45 15.53 27.09 64.39
CA ALA D 45 15.32 28.53 64.66
C ALA D 45 14.16 29.04 63.82
N LEU D 46 14.12 28.74 62.52
CA LEU D 46 13.05 29.20 61.58
C LEU D 46 11.73 28.51 61.91
N ALA D 47 11.76 27.22 62.25
CA ALA D 47 10.55 26.43 62.58
C ALA D 47 9.92 27.03 63.85
N ILE D 48 10.75 27.41 64.82
CA ILE D 48 10.30 28.06 66.09
C ILE D 48 9.65 29.40 65.76
N LEU D 49 10.28 30.25 64.95
CA LEU D 49 9.74 31.59 64.59
C LEU D 49 8.43 31.44 63.80
N ALA D 50 8.31 30.43 62.94
CA ALA D 50 7.10 30.21 62.11
C ALA D 50 5.95 29.73 63.02
N GLU D 51 6.19 28.75 63.89
CA GLU D 51 5.11 28.15 64.71
C GLU D 51 4.80 29.04 65.93
N HIS D 52 5.82 29.48 66.68
CA HIS D 52 5.66 30.14 68.01
C HIS D 52 5.80 31.66 67.89
N GLY D 53 6.50 32.17 66.87
CA GLY D 53 6.68 33.61 66.64
C GLY D 53 7.63 34.23 67.66
N ILE D 54 8.32 33.42 68.47
CA ILE D 54 9.33 33.91 69.47
C ILE D 54 10.41 32.85 69.64
N LEU D 55 11.66 33.28 69.63
CA LEU D 55 12.89 32.47 69.75
C LEU D 55 13.77 33.12 70.83
N VAL D 56 14.27 32.33 71.78
CA VAL D 56 15.22 32.79 72.83
C VAL D 56 16.60 32.20 72.54
N LEU D 57 17.59 33.05 72.31
CA LEU D 57 19.00 32.68 72.08
C LEU D 57 19.81 33.04 73.32
N THR D 58 20.22 32.06 74.13
CA THR D 58 21.00 32.26 75.38
C THR D 58 22.50 32.26 75.04
N GLY D 59 23.29 33.02 75.81
CA GLY D 59 24.76 32.99 75.82
C GLY D 59 25.37 33.63 74.58
N MET D 60 24.71 34.64 74.01
CA MET D 60 25.12 35.28 72.73
C MET D 60 26.10 36.42 72.98
N LEU D 61 25.84 37.31 73.95
CA LEU D 61 26.62 38.55 74.15
C LEU D 61 27.53 38.43 75.39
N ARG D 62 28.79 38.87 75.24
CA ARG D 62 29.79 38.91 76.35
C ARG D 62 29.35 39.95 77.38
N THR D 63 29.56 39.65 78.66
CA THR D 63 29.16 40.49 79.82
C THR D 63 29.86 41.86 79.75
N ARG D 64 31.07 41.91 79.17
CA ARG D 64 31.79 43.17 78.86
C ARG D 64 30.84 44.14 78.14
N LEU D 65 30.12 43.68 77.11
CA LEU D 65 29.23 44.54 76.28
C LEU D 65 27.97 44.89 77.09
N THR D 66 27.31 43.91 77.70
CA THR D 66 26.02 44.10 78.41
C THR D 66 26.24 44.97 79.66
N ASP D 67 27.41 44.89 80.32
CA ASP D 67 27.74 45.75 81.48
C ASP D 67 27.80 47.22 81.03
N GLN D 68 28.48 47.50 79.92
CA GLN D 68 28.67 48.89 79.42
C GLN D 68 27.31 49.49 79.04
N LEU D 69 26.43 48.70 78.43
CA LEU D 69 25.10 49.16 77.95
C LEU D 69 24.15 49.33 79.15
N ARG D 70 24.17 48.42 80.11
CA ARG D 70 23.39 48.54 81.36
C ARG D 70 23.78 49.84 82.08
N THR D 71 25.08 50.04 82.31
CA THR D 71 25.62 51.22 83.02
C THR D 71 25.15 52.49 82.29
N ALA D 72 25.37 52.57 80.98
CA ALA D 72 25.06 53.76 80.16
C ALA D 72 23.57 54.13 80.31
N MET D 73 22.70 53.13 80.27
CA MET D 73 21.23 53.36 80.31
C MET D 73 20.77 53.72 81.72
N LEU D 74 21.31 53.07 82.75
CA LEU D 74 21.02 53.46 84.15
C LEU D 74 21.51 54.89 84.41
N ASP D 75 22.66 55.27 83.85
CA ASP D 75 23.24 56.64 84.02
C ASP D 75 22.37 57.69 83.31
N ASP D 76 21.76 57.35 82.17
CA ASP D 76 20.96 58.31 81.36
C ASP D 76 19.54 58.44 81.90
N LEU D 77 19.06 57.47 82.71
CA LEU D 77 17.64 57.41 83.16
C LEU D 77 17.27 58.70 83.89
N PRO D 78 18.10 59.26 84.80
CA PRO D 78 17.78 60.53 85.44
C PRO D 78 17.41 61.64 84.43
N GLU D 79 18.16 61.76 83.33
CA GLU D 79 17.92 62.80 82.30
C GLU D 79 16.59 62.52 81.59
N VAL D 80 16.24 61.25 81.41
CA VAL D 80 14.95 60.83 80.81
C VAL D 80 13.79 61.21 81.73
N LEU D 81 13.89 60.94 83.04
CA LEU D 81 12.81 61.17 84.04
C LEU D 81 12.63 62.66 84.31
N ARG D 82 13.64 63.48 83.96
CA ARG D 82 13.65 64.94 84.18
C ARG D 82 12.81 65.65 83.10
N GLN D 83 12.60 65.04 81.93
CA GLN D 83 11.86 65.64 80.78
C GLN D 83 10.46 66.07 81.24
N GLN D 84 9.87 67.07 80.55
CA GLN D 84 8.53 67.62 80.87
C GLN D 84 7.46 66.54 80.68
N ASP D 85 7.47 65.86 79.55
CA ASP D 85 6.61 64.67 79.26
C ASP D 85 7.54 63.47 79.05
N VAL D 86 7.56 62.55 80.02
CA VAL D 86 8.34 61.29 79.97
C VAL D 86 7.65 60.32 79.02
N PRO D 87 8.31 59.91 77.91
CA PRO D 87 7.67 59.06 76.92
C PRO D 87 7.42 57.67 77.54
N THR D 88 6.15 57.31 77.58
CA THR D 88 5.64 56.16 78.35
C THR D 88 4.82 55.27 77.41
N ASN D 89 4.89 53.95 77.59
CA ASN D 89 4.19 52.97 76.73
C ASN D 89 2.94 52.45 77.47
N PHE D 90 1.77 53.01 77.13
CA PHE D 90 0.39 52.59 77.53
C PHE D 90 0.08 53.01 78.96
N VAL D 91 0.94 52.66 79.92
CA VAL D 91 0.65 52.80 81.38
C VAL D 91 1.91 53.26 82.10
N PRO D 92 1.79 53.83 83.30
CA PRO D 92 2.95 54.29 84.07
C PRO D 92 4.04 53.23 84.32
N GLY D 93 5.29 53.68 84.31
CA GLY D 93 6.46 52.88 84.66
C GLY D 93 7.16 52.26 83.46
N HIS D 94 6.56 52.29 82.28
CA HIS D 94 7.14 51.70 81.04
C HIS D 94 7.68 52.82 80.15
N VAL D 95 8.96 53.15 80.34
CA VAL D 95 9.60 54.36 79.75
C VAL D 95 10.27 53.96 78.44
N GLN D 96 10.12 54.77 77.40
CA GLN D 96 10.92 54.63 76.14
C GLN D 96 12.25 55.35 76.35
N GLN D 97 13.36 54.66 76.12
CA GLN D 97 14.72 55.20 76.32
C GLN D 97 15.68 54.58 75.28
N ASP D 98 16.25 55.40 74.43
CA ASP D 98 17.29 54.99 73.45
C ASP D 98 18.58 54.79 74.20
N PRO D 99 19.31 53.69 73.95
CA PRO D 99 20.68 53.57 74.44
C PRO D 99 21.52 54.62 73.73
N PRO D 100 22.70 54.98 74.27
CA PRO D 100 23.54 55.99 73.63
C PRO D 100 23.99 55.57 72.23
N VAL D 101 24.15 56.56 71.35
CA VAL D 101 24.71 56.39 69.97
C VAL D 101 26.05 57.13 69.90
N ARG D 102 26.88 56.96 70.93
CA ARG D 102 28.31 57.38 70.92
C ARG D 102 29.11 56.21 70.36
N GLU D 103 30.25 56.44 69.71
CA GLU D 103 30.98 55.37 68.98
C GLU D 103 31.49 54.34 70.01
N SER D 104 31.81 54.76 71.24
CA SER D 104 32.35 53.91 72.34
C SER D 104 31.32 52.88 72.84
N LEU D 105 30.03 53.06 72.54
CA LEU D 105 28.92 52.18 73.03
C LEU D 105 28.12 51.58 71.85
N LEU D 106 28.64 51.67 70.63
CA LEU D 106 28.00 51.04 69.44
C LEU D 106 28.84 49.85 69.02
N PHE D 107 28.37 48.64 69.34
CA PHE D 107 29.13 47.36 69.22
C PHE D 107 28.61 46.55 68.04
N PRO D 108 29.48 46.15 67.08
CA PRO D 108 29.09 45.31 65.96
C PRO D 108 28.28 44.07 66.37
N ASP D 109 28.67 43.44 67.47
CA ASP D 109 28.04 42.19 68.00
C ASP D 109 26.63 42.47 68.50
N VAL D 110 26.27 43.73 68.78
CA VAL D 110 24.88 44.15 69.14
C VAL D 110 24.15 44.61 67.87
N LEU D 111 24.66 45.62 67.16
CA LEU D 111 23.94 46.22 66.00
C LEU D 111 23.90 45.25 64.81
N LEU D 112 25.01 44.55 64.54
CA LEU D 112 25.24 43.72 63.32
C LEU D 112 25.61 42.29 63.72
N ASN D 113 24.83 41.70 64.63
CA ASN D 113 25.14 40.35 65.17
C ASN D 113 24.97 39.34 64.05
N PRO D 114 25.97 38.47 63.81
CA PRO D 114 25.94 37.56 62.66
C PRO D 114 24.84 36.50 62.76
N VAL D 115 24.56 36.00 63.96
CA VAL D 115 23.50 34.98 64.19
C VAL D 115 22.13 35.63 63.98
N VAL D 116 21.92 36.83 64.54
CA VAL D 116 20.63 37.55 64.41
C VAL D 116 20.35 37.75 62.91
N TYR D 117 21.31 38.25 62.14
CA TYR D 117 21.13 38.60 60.72
C TYR D 117 21.05 37.34 59.85
N GLN D 118 21.71 36.25 60.26
CA GLN D 118 21.54 34.94 59.57
C GLN D 118 20.05 34.57 59.63
N ILE D 119 19.43 34.71 60.80
CA ILE D 119 18.00 34.37 61.02
C ILE D 119 17.12 35.35 60.22
N THR D 120 17.34 36.66 60.35
CA THR D 120 16.47 37.70 59.74
C THR D 120 16.63 37.68 58.21
N HIS D 121 17.83 37.37 57.70
CA HIS D 121 18.06 37.19 56.24
C HIS D 121 17.20 36.03 55.72
N ALA D 122 17.15 34.92 56.45
CA ALA D 122 16.38 33.71 56.07
C ALA D 122 14.88 33.99 56.09
N VAL D 123 14.35 34.74 57.07
CA VAL D 123 12.88 34.99 57.19
C VAL D 123 12.45 36.13 56.25
N LEU D 124 13.17 37.26 56.24
CA LEU D 124 12.73 38.53 55.61
C LEU D 124 13.43 38.79 54.27
N GLY D 125 14.54 38.10 53.98
CA GLY D 125 15.33 38.29 52.77
C GLY D 125 16.63 39.03 53.05
N ALA D 126 17.56 39.01 52.09
CA ALA D 126 18.93 39.57 52.19
C ALA D 126 18.86 41.09 52.30
N ASP D 127 17.73 41.69 51.93
CA ASP D 127 17.51 43.17 51.87
C ASP D 127 16.96 43.69 53.21
N ALA D 128 16.69 42.81 54.16
CA ALA D 128 16.13 43.18 55.48
C ALA D 128 17.11 44.14 56.16
N ARG D 129 16.59 45.06 56.95
CA ARG D 129 17.40 46.15 57.56
C ARG D 129 16.89 46.43 58.98
N ASN D 130 17.82 46.72 59.88
CA ASN D 130 17.49 47.25 61.22
C ASN D 130 17.08 48.72 61.08
N ALA D 131 15.95 49.13 61.68
CA ALA D 131 15.43 50.52 61.64
C ALA D 131 15.07 51.01 63.03
N VAL D 132 15.43 50.27 64.08
CA VAL D 132 15.17 50.65 65.49
C VAL D 132 16.44 50.38 66.31
N TYR D 133 16.93 51.40 67.00
CA TYR D 133 17.97 51.26 68.06
C TYR D 133 17.46 52.06 69.26
N SER D 134 16.59 51.44 70.04
CA SER D 134 15.82 52.06 71.13
C SER D 134 15.84 51.16 72.36
N GLY D 135 14.95 51.39 73.30
CA GLY D 135 14.88 50.55 74.49
C GLY D 135 13.67 50.85 75.33
N ASN D 136 13.43 49.94 76.28
CA ASN D 136 12.26 49.91 77.18
C ASN D 136 12.81 49.81 78.62
N MET D 137 12.71 50.89 79.38
CA MET D 137 13.13 50.94 80.81
C MET D 137 11.89 50.73 81.67
N ASN D 138 11.80 49.58 82.34
CA ASN D 138 10.66 49.15 83.18
C ASN D 138 10.97 49.55 84.64
N LEU D 139 10.32 50.60 85.15
CA LEU D 139 10.61 51.20 86.47
C LEU D 139 9.98 50.37 87.58
N PRO D 140 10.62 50.34 88.78
CA PRO D 140 9.97 49.78 89.96
C PRO D 140 8.59 50.40 90.15
N GLY D 141 7.58 49.56 90.40
CA GLY D 141 6.18 49.94 90.67
C GLY D 141 5.36 50.13 89.41
N SER D 142 5.90 49.74 88.26
CA SER D 142 5.24 49.87 86.93
C SER D 142 3.90 49.13 86.93
N HIS D 143 2.95 49.60 86.12
CA HIS D 143 1.62 48.99 85.90
C HIS D 143 1.71 47.88 84.84
N GLU D 144 0.60 47.15 84.65
CA GLU D 144 0.47 46.11 83.61
C GLU D 144 0.08 46.79 82.29
N GLN D 145 0.83 46.57 81.23
CA GLN D 145 0.44 47.06 79.87
C GLN D 145 -0.72 46.22 79.36
N PRO D 146 -1.58 46.76 78.48
CA PRO D 146 -2.53 45.92 77.76
C PRO D 146 -1.76 45.05 76.76
N VAL D 147 -2.22 43.82 76.54
CA VAL D 147 -1.67 42.93 75.49
C VAL D 147 -1.81 43.65 74.15
N HIS D 148 -0.73 43.71 73.37
CA HIS D 148 -0.66 44.47 72.10
C HIS D 148 0.35 43.80 71.18
N LEU D 149 0.39 44.23 69.92
CA LEU D 149 1.52 43.96 69.00
C LEU D 149 2.29 45.26 68.76
N ASP D 150 3.59 45.19 68.59
CA ASP D 150 4.47 46.36 68.34
C ASP D 150 4.31 46.85 66.90
N GLU D 151 4.03 45.94 65.96
CA GLU D 151 3.78 46.28 64.54
C GLU D 151 2.55 45.50 64.08
N PRO D 152 1.61 46.13 63.36
CA PRO D 152 0.36 45.47 62.96
C PRO D 152 0.48 44.60 61.71
N HIS D 153 -0.54 43.79 61.47
CA HIS D 153 -0.83 43.15 60.17
C HIS D 153 -1.16 44.28 59.19
N LEU D 154 -0.79 44.12 57.92
CA LEU D 154 -0.80 45.23 56.94
C LEU D 154 -2.20 45.42 56.37
N TRP D 155 -3.05 44.42 56.47
CA TRP D 155 -4.49 44.51 56.11
C TRP D 155 -5.30 43.73 57.14
N PRO D 156 -6.49 44.22 57.53
CA PRO D 156 -7.35 43.47 58.43
C PRO D 156 -7.92 42.23 57.74
N GLY D 157 -8.04 41.11 58.48
CA GLY D 157 -8.68 39.87 58.04
C GLY D 157 -7.83 39.07 57.06
N ILE D 158 -6.54 39.41 56.89
CA ILE D 158 -5.63 38.78 55.89
C ILE D 158 -4.50 38.05 56.62
N SER D 159 -4.23 36.83 56.19
CA SER D 159 -3.05 36.04 56.61
C SER D 159 -1.90 36.35 55.65
N HIS D 160 -0.77 36.83 56.17
CA HIS D 160 0.45 37.15 55.39
C HIS D 160 1.68 36.83 56.22
N PRO D 161 2.84 36.53 55.59
CA PRO D 161 4.05 36.19 56.32
C PRO D 161 4.60 37.40 57.07
N PRO D 162 5.67 37.21 57.88
CA PRO D 162 6.24 38.31 58.66
C PRO D 162 6.83 39.37 57.73
N TYR D 163 6.86 40.63 58.19
CA TYR D 163 7.61 41.71 57.51
C TYR D 163 8.60 42.38 58.46
N CYS D 164 8.61 41.99 59.73
CA CYS D 164 9.55 42.56 60.76
C CYS D 164 9.79 41.57 61.89
N LEU D 165 11.02 41.52 62.40
CA LEU D 165 11.39 40.70 63.57
C LEU D 165 11.97 41.65 64.61
N CYS D 166 11.35 41.70 65.79
CA CYS D 166 11.87 42.47 66.96
C CYS D 166 13.05 41.67 67.53
N VAL D 167 14.15 42.37 67.85
CA VAL D 167 15.37 41.79 68.48
C VAL D 167 15.54 42.46 69.84
N ASP D 168 15.13 41.78 70.90
CA ASP D 168 15.06 42.28 72.29
C ASP D 168 16.31 41.77 73.04
N VAL D 169 17.08 42.66 73.64
CA VAL D 169 18.37 42.36 74.32
C VAL D 169 18.26 42.80 75.79
N PRO D 170 17.94 41.90 76.73
CA PRO D 170 17.91 42.26 78.15
C PRO D 170 19.31 42.71 78.63
N LEU D 171 19.38 43.76 79.44
CA LEU D 171 20.67 44.31 79.95
C LEU D 171 20.88 44.00 81.44
N ILE D 172 19.93 43.32 82.09
CA ILE D 172 20.13 42.58 83.37
C ILE D 172 19.43 41.23 83.21
N ASP D 173 19.65 40.32 84.14
CA ASP D 173 18.84 39.08 84.29
C ASP D 173 17.38 39.52 84.42
N PHE D 174 16.51 39.07 83.51
CA PHE D 174 15.05 39.30 83.63
C PHE D 174 14.49 38.17 84.49
N THR D 175 13.62 38.50 85.44
CA THR D 175 12.99 37.53 86.36
C THR D 175 11.48 37.80 86.35
N LEU D 176 10.69 36.91 86.94
CA LEU D 176 9.24 37.14 87.14
C LEU D 176 9.05 38.34 88.06
N GLU D 177 10.04 38.66 88.90
CA GLU D 177 9.96 39.79 89.85
C GLU D 177 10.19 41.13 89.11
N ASN D 178 11.21 41.22 88.27
CA ASN D 178 11.71 42.54 87.77
C ASN D 178 11.11 42.87 86.39
N GLY D 179 10.08 42.14 85.94
CA GLY D 179 9.26 42.54 84.78
C GLY D 179 9.65 41.86 83.47
N SER D 180 10.00 40.58 83.49
CA SER D 180 10.22 39.78 82.26
C SER D 180 8.93 39.80 81.42
N THR D 181 9.04 40.12 80.14
CA THR D 181 7.92 40.40 79.22
C THR D 181 7.01 39.16 79.12
N GLU D 182 5.69 39.35 79.16
CA GLU D 182 4.69 38.30 78.86
C GLU D 182 4.60 38.14 77.34
N TYR D 183 4.73 36.91 76.85
CA TYR D 183 4.66 36.54 75.41
C TYR D 183 3.49 35.57 75.21
N TRP D 184 2.75 35.73 74.11
CA TRP D 184 1.66 34.83 73.68
C TRP D 184 2.14 34.00 72.48
N PRO D 185 2.70 32.79 72.69
CA PRO D 185 3.19 31.97 71.59
C PRO D 185 2.11 31.65 70.55
N GLY D 186 2.46 31.79 69.27
CA GLY D 186 1.62 31.44 68.11
C GLY D 186 0.65 32.55 67.73
N SER D 187 0.63 33.67 68.46
CA SER D 187 -0.33 34.79 68.29
C SER D 187 0.01 35.63 67.06
N HIS D 188 1.20 35.47 66.49
CA HIS D 188 1.72 36.33 65.38
C HIS D 188 0.94 36.10 64.08
N VAL D 189 0.25 34.97 63.91
CA VAL D 189 -0.50 34.64 62.66
C VAL D 189 -2.00 34.98 62.81
N LEU D 190 -2.43 35.44 63.98
CA LEU D 190 -3.86 35.73 64.27
C LEU D 190 -4.17 37.14 63.77
N ASN D 191 -5.12 37.29 62.85
CA ASN D 191 -5.57 38.60 62.32
C ASN D 191 -7.04 38.53 61.93
N PRO D 192 -7.95 38.21 62.89
CA PRO D 192 -9.37 38.25 62.59
C PRO D 192 -9.84 39.71 62.49
N ASP D 193 -10.93 39.97 61.77
CA ASP D 193 -11.58 41.31 61.67
C ASP D 193 -11.85 41.83 63.10
N GLU D 194 -11.68 43.14 63.30
CA GLU D 194 -12.06 43.90 64.53
C GLU D 194 -11.15 43.51 65.71
N CYS D 195 -9.93 43.02 65.48
CA CYS D 195 -9.09 42.43 66.54
C CYS D 195 -8.19 43.48 67.23
N TYR D 196 -7.88 44.59 66.55
CA TYR D 196 -6.82 45.55 66.93
C TYR D 196 -7.35 46.98 66.91
N ASP D 197 -6.94 47.80 67.87
CA ASP D 197 -7.30 49.24 67.93
C ASP D 197 -6.12 50.04 67.37
N GLU D 198 -6.25 51.38 67.35
CA GLU D 198 -5.26 52.32 66.78
C GLU D 198 -3.92 52.19 67.52
N ARG D 199 -3.90 51.65 68.75
CA ARG D 199 -2.68 51.55 69.61
C ARG D 199 -2.04 50.17 69.49
N GLY D 200 -2.64 49.25 68.73
CA GLY D 200 -2.11 47.89 68.54
C GLY D 200 -2.58 46.92 69.61
N CYS D 201 -3.55 47.32 70.43
CA CYS D 201 -4.05 46.52 71.58
C CYS D 201 -5.03 45.46 71.07
N VAL D 202 -4.92 44.24 71.61
CA VAL D 202 -5.77 43.08 71.24
C VAL D 202 -7.12 43.25 71.94
N LEU D 203 -8.23 43.11 71.22
CA LEU D 203 -9.60 43.13 71.78
C LEU D 203 -9.69 42.08 72.87
N PRO D 204 -10.18 42.44 74.08
CA PRO D 204 -10.30 41.49 75.18
C PRO D 204 -11.01 40.17 74.86
N ALA D 205 -12.04 40.20 74.01
CA ALA D 205 -12.79 38.99 73.58
C ALA D 205 -11.85 38.03 72.84
N GLU D 206 -10.97 38.55 71.97
CA GLU D 206 -10.00 37.74 71.18
C GLU D 206 -8.91 37.21 72.12
N LEU D 207 -8.53 37.98 73.14
CA LEU D 207 -7.54 37.56 74.16
C LEU D 207 -8.03 36.28 74.86
N GLU D 208 -9.29 36.24 75.29
CA GLU D 208 -9.85 35.14 76.10
C GLU D 208 -10.05 33.90 75.23
N ARG D 209 -10.54 34.06 73.99
CA ARG D 209 -10.62 32.95 73.00
C ARG D 209 -9.26 32.29 72.88
N ARG D 210 -8.20 33.09 72.67
CA ARG D 210 -6.83 32.60 72.44
C ARG D 210 -6.28 31.96 73.73
N ARG D 211 -6.52 32.59 74.89
CA ARG D 211 -6.01 32.14 76.21
C ARG D 211 -6.42 30.68 76.45
N ALA D 212 -7.63 30.29 76.03
CA ALA D 212 -8.21 28.94 76.22
C ALA D 212 -7.46 27.90 75.39
N VAL D 213 -6.83 28.30 74.29
CA VAL D 213 -6.13 27.40 73.32
C VAL D 213 -4.63 27.38 73.61
N ALA D 214 -4.01 28.55 73.75
CA ALA D 214 -2.54 28.72 73.95
C ALA D 214 -2.29 29.88 74.92
N PRO D 215 -2.32 29.64 76.25
CA PRO D 215 -2.20 30.73 77.22
C PRO D 215 -0.82 31.40 77.14
N PRO D 216 -0.70 32.67 77.57
CA PRO D 216 0.60 33.35 77.56
C PRO D 216 1.61 32.73 78.54
N VAL D 217 2.88 33.08 78.38
CA VAL D 217 4.00 32.61 79.24
C VAL D 217 4.83 33.82 79.67
N ARG D 218 5.40 33.77 80.87
CA ARG D 218 6.50 34.66 81.33
C ARG D 218 7.59 33.75 81.88
N PHE D 219 8.86 34.07 81.62
CA PHE D 219 9.99 33.25 82.06
C PHE D 219 11.21 34.12 82.30
N PRO D 220 12.11 33.72 83.21
CA PRO D 220 13.38 34.41 83.37
C PRO D 220 14.17 34.31 82.07
N ILE D 221 14.94 35.35 81.76
CA ILE D 221 15.87 35.37 80.60
C ILE D 221 17.19 35.93 81.13
N PRO D 222 18.28 35.14 81.08
CA PRO D 222 19.56 35.61 81.60
C PRO D 222 20.12 36.69 80.66
N VAL D 223 20.78 37.70 81.25
CA VAL D 223 21.56 38.71 80.49
C VAL D 223 22.56 37.95 79.62
N GLY D 224 22.86 38.47 78.43
CA GLY D 224 23.65 37.77 77.41
C GLY D 224 22.76 37.12 76.36
N SER D 225 21.48 36.92 76.68
CA SER D 225 20.46 36.34 75.76
C SER D 225 19.99 37.41 74.77
N VAL D 226 19.47 36.96 73.63
CA VAL D 226 18.76 37.79 72.61
C VAL D 226 17.43 37.10 72.31
N VAL D 227 16.33 37.86 72.29
CA VAL D 227 14.99 37.35 71.89
C VAL D 227 14.68 37.88 70.48
N ILE D 228 14.44 36.96 69.53
CA ILE D 228 13.92 37.31 68.18
C ILE D 228 12.45 36.89 68.17
N ARG D 229 11.55 37.83 67.85
CA ARG D 229 10.10 37.51 67.74
C ARG D 229 9.51 38.27 66.55
N ASP D 230 8.49 37.69 65.93
CA ASP D 230 7.59 38.37 64.97
C ASP D 230 7.13 39.67 65.62
N GLY D 231 7.21 40.80 64.91
CA GLY D 231 6.77 42.12 65.39
C GLY D 231 5.28 42.16 65.62
N ARG D 232 4.55 41.14 65.17
CA ARG D 232 3.07 41.02 65.34
C ARG D 232 2.73 40.14 66.54
N LEU D 233 3.71 39.56 67.22
CA LEU D 233 3.45 38.69 68.40
C LEU D 233 2.74 39.48 69.49
N TRP D 234 1.64 38.93 70.03
CA TRP D 234 0.98 39.53 71.23
C TRP D 234 1.95 39.38 72.40
N HIS D 235 2.11 40.44 73.18
CA HIS D 235 2.95 40.49 74.41
C HIS D 235 2.48 41.66 75.27
N ARG D 236 2.97 41.76 76.51
CA ARG D 236 2.82 43.00 77.30
C ARG D 236 3.99 43.14 78.30
N GLY D 237 4.36 44.39 78.56
CA GLY D 237 5.13 44.75 79.75
C GLY D 237 4.31 44.47 81.00
N VAL D 238 4.96 44.00 82.06
CA VAL D 238 4.29 43.67 83.35
C VAL D 238 5.02 44.39 84.48
N PRO D 239 4.40 44.50 85.67
CA PRO D 239 5.01 45.22 86.78
C PRO D 239 6.43 44.75 87.11
N ASN D 240 7.35 45.70 87.26
CA ASN D 240 8.68 45.51 87.89
C ASN D 240 8.47 45.65 89.41
N LEU D 241 8.53 44.53 90.14
CA LEU D 241 8.28 44.49 91.60
C LEU D 241 9.60 44.50 92.36
N SER D 242 10.72 44.76 91.69
CA SER D 242 12.07 44.83 92.29
C SER D 242 12.40 46.29 92.58
N ALA D 243 13.52 46.55 93.26
CA ALA D 243 13.96 47.89 93.69
C ALA D 243 14.80 48.58 92.61
N ALA D 244 14.95 47.97 91.44
CA ALA D 244 15.90 48.42 90.40
C ALA D 244 15.21 48.51 89.04
N PRO D 245 15.49 49.58 88.26
CA PRO D 245 14.99 49.66 86.89
C PRO D 245 15.51 48.48 86.05
N ARG D 246 14.67 48.00 85.12
CA ARG D 246 14.94 46.81 84.27
C ARG D 246 15.14 47.28 82.83
N PRO D 247 16.40 47.47 82.37
CA PRO D 247 16.67 47.98 81.03
C PRO D 247 16.58 46.87 79.96
N LEU D 248 15.84 47.15 78.88
CA LEU D 248 15.77 46.32 77.66
C LEU D 248 16.26 47.13 76.47
N LEU D 249 17.24 46.64 75.73
CA LEU D 249 17.67 47.28 74.45
C LEU D 249 16.85 46.63 73.32
N ALA D 250 16.27 47.43 72.45
CA ALA D 250 15.29 47.03 71.42
C ALA D 250 15.77 47.40 70.03
N MET D 251 15.84 46.42 69.14
CA MET D 251 16.07 46.61 67.68
C MET D 251 14.94 45.90 66.93
N THR D 252 14.68 46.29 65.68
CA THR D 252 13.64 45.67 64.83
C THR D 252 14.12 45.68 63.37
N HIS D 253 14.24 44.48 62.80
CA HIS D 253 14.58 44.24 61.38
C HIS D 253 13.28 44.26 60.58
N TYR D 254 13.26 44.98 59.46
CA TYR D 254 12.11 45.10 58.54
C TYR D 254 12.54 44.69 57.13
N THR D 255 11.60 44.19 56.34
CA THR D 255 11.73 44.07 54.87
C THR D 255 12.08 45.46 54.34
N GLU D 256 12.88 45.52 53.27
CA GLU D 256 13.37 46.79 52.65
C GLU D 256 12.19 47.73 52.36
N TRP D 257 11.00 47.21 52.07
CA TRP D 257 9.89 48.01 51.50
C TRP D 257 8.99 48.62 52.59
N PHE D 258 9.20 48.29 53.87
CA PHE D 258 8.43 48.91 54.98
C PHE D 258 9.01 50.28 55.36
N ASP D 259 8.18 51.32 55.27
CA ASP D 259 8.56 52.73 55.54
C ASP D 259 8.89 52.88 57.03
N MET D 260 10.13 53.25 57.32
CA MET D 260 10.63 53.54 58.68
C MET D 260 11.52 54.78 58.62
N PRO D 261 11.54 55.62 59.67
CA PRO D 261 12.54 56.69 59.76
C PRO D 261 13.91 56.06 59.99
N PRO D 262 15.00 56.67 59.47
CA PRO D 262 16.34 56.13 59.69
C PRO D 262 16.78 56.31 61.15
N ILE D 263 17.64 55.41 61.63
CA ILE D 263 18.37 55.56 62.92
C ILE D 263 19.44 56.64 62.71
N GLN D 264 19.47 57.63 63.58
CA GLN D 264 20.55 58.66 63.63
C GLN D 264 21.79 58.00 64.24
N LEU D 265 22.89 57.90 63.49
CA LEU D 265 24.20 57.41 63.99
C LEU D 265 25.27 58.45 63.71
N PRO D 266 26.33 58.52 64.54
CA PRO D 266 27.47 59.40 64.25
C PRO D 266 28.25 58.84 63.05
N ASP D 267 28.80 59.70 62.21
CA ASP D 267 29.53 59.28 60.98
C ASP D 267 30.83 58.56 61.37
N THR D 268 31.19 58.57 62.65
CA THR D 268 32.39 57.84 63.18
C THR D 268 32.18 56.32 63.08
N VAL D 269 30.96 55.82 62.88
CA VAL D 269 30.68 54.35 62.75
C VAL D 269 30.24 54.01 61.32
N LYS D 270 30.17 55.01 60.42
CA LYS D 270 29.75 54.82 59.01
C LYS D 270 30.61 53.76 58.31
N SER D 271 31.91 53.72 58.57
CA SER D 271 32.88 52.82 57.87
C SER D 271 32.41 51.36 58.01
N TRP D 272 32.06 50.91 59.22
CA TRP D 272 31.73 49.49 59.49
C TRP D 272 30.21 49.22 59.42
N VAL D 273 29.36 50.22 59.65
CA VAL D 273 27.88 50.06 59.57
C VAL D 273 27.47 50.05 58.10
N ASP D 274 27.86 51.07 57.33
CA ASP D 274 27.37 51.31 55.95
C ASP D 274 28.03 50.34 54.96
N GLY D 275 29.23 49.81 55.28
CA GLY D 275 29.86 48.75 54.47
C GLY D 275 29.00 47.48 54.41
N SER D 276 28.42 47.08 55.55
CA SER D 276 28.01 45.70 55.89
C SER D 276 26.88 45.20 54.99
N ASP D 277 26.85 43.89 54.74
CA ASP D 277 25.73 43.18 54.09
C ASP D 277 24.66 42.83 55.14
N ARG D 278 24.87 43.23 56.40
CA ARG D 278 23.85 43.30 57.47
C ARG D 278 23.34 44.74 57.53
N HIS D 279 22.25 45.03 56.81
CA HIS D 279 21.82 46.41 56.48
C HIS D 279 21.21 47.08 57.71
N THR D 280 21.40 48.40 57.77
CA THR D 280 20.77 49.32 58.74
C THR D 280 20.16 50.49 57.96
N HIS D 281 18.89 50.83 58.19
CA HIS D 281 18.32 52.11 57.72
C HIS D 281 18.89 53.20 58.62
N ALA D 282 20.00 53.82 58.20
CA ALA D 282 20.79 54.77 59.02
C ALA D 282 20.94 56.11 58.29
N HIS D 283 20.95 57.21 59.05
CA HIS D 283 21.37 58.55 58.61
C HIS D 283 22.58 58.92 59.47
N PHE D 284 23.73 59.13 58.83
CA PHE D 284 25.03 59.42 59.49
C PHE D 284 25.18 60.94 59.64
N VAL D 285 25.50 61.38 60.86
CA VAL D 285 25.53 62.81 61.27
C VAL D 285 26.99 63.20 61.56
N ALA D 286 27.36 64.44 61.26
CA ALA D 286 28.63 65.06 61.70
C ALA D 286 28.50 65.39 63.19
N GLY D 287 29.48 64.97 64.00
CA GLY D 287 29.44 65.12 65.46
C GLY D 287 28.43 64.19 66.11
N ASP D 288 27.89 64.61 67.26
CA ASP D 288 27.11 63.80 68.22
C ASP D 288 25.62 63.93 67.92
N VAL D 289 24.85 62.88 68.25
CA VAL D 289 23.36 62.83 68.16
C VAL D 289 22.81 62.99 69.57
N ASP D 290 21.78 63.84 69.76
CA ASP D 290 20.98 63.90 71.01
C ASP D 290 20.00 62.71 71.01
N HIS D 291 20.28 61.66 71.77
CA HIS D 291 19.45 60.42 71.87
C HIS D 291 18.32 60.59 72.89
N LEU D 292 18.35 61.64 73.73
CA LEU D 292 17.30 61.96 74.76
C LEU D 292 16.76 63.37 74.47
N ASP D 295 10.75 64.13 72.91
CA ASP D 295 9.43 63.63 72.44
C ASP D 295 9.62 62.46 71.45
N HIS D 296 9.20 61.25 71.82
CA HIS D 296 9.75 59.98 71.26
C HIS D 296 8.78 59.32 70.26
N PRO D 297 9.18 59.15 68.98
CA PRO D 297 8.29 58.60 67.96
C PRO D 297 7.81 57.16 68.15
N PHE D 298 8.51 56.34 68.96
CA PHE D 298 8.26 54.89 69.11
C PHE D 298 7.44 54.58 70.38
N ALA D 299 7.23 55.58 71.26
CA ALA D 299 6.36 55.47 72.46
C ALA D 299 4.90 55.44 72.02
N VAL D 300 4.09 54.50 72.53
CA VAL D 300 2.65 54.41 72.16
C VAL D 300 1.77 54.95 73.30
N LEU E 19 8.18 28.92 23.50
CA LEU E 19 8.13 30.31 22.96
C LEU E 19 6.71 30.88 23.11
N ALA E 20 6.53 32.18 22.85
CA ALA E 20 5.22 32.89 22.90
C ALA E 20 4.61 32.97 21.50
N ALA E 21 5.39 32.71 20.46
CA ALA E 21 4.95 32.79 19.05
C ALA E 21 5.91 31.99 18.15
N PRO E 22 5.51 31.69 16.89
CA PRO E 22 6.41 31.06 15.95
C PRO E 22 7.65 31.93 15.75
N PRO E 23 8.88 31.38 15.80
CA PRO E 23 10.09 32.18 15.64
C PRO E 23 10.14 32.84 14.25
N GLY E 24 10.63 34.09 14.21
CA GLY E 24 10.81 34.87 12.96
C GLY E 24 11.55 34.08 11.91
N GLU E 25 12.64 33.41 12.29
CA GLU E 25 13.57 32.65 11.38
C GLU E 25 12.81 31.55 10.65
N LEU E 26 11.67 31.08 11.15
CA LEU E 26 10.93 29.91 10.58
C LEU E 26 9.61 30.34 9.95
N THR E 27 9.22 31.61 10.02
CA THR E 27 7.83 32.06 9.78
C THR E 27 7.75 33.02 8.57
N LEU E 28 6.77 32.82 7.71
CA LEU E 28 6.30 33.76 6.66
C LEU E 28 4.85 34.11 6.94
N ALA E 29 4.50 35.40 7.04
CA ALA E 29 3.12 35.86 7.33
C ALA E 29 2.41 36.17 6.01
N LEU E 30 1.29 35.48 5.75
CA LEU E 30 0.44 35.69 4.56
C LEU E 30 -0.98 36.07 4.99
N THR E 31 -1.83 36.34 4.01
CA THR E 31 -3.31 36.46 4.14
C THR E 31 -3.92 35.35 3.28
N PRO E 32 -5.21 34.99 3.48
CA PRO E 32 -5.85 34.00 2.60
C PRO E 32 -6.01 34.46 1.14
N ASP E 33 -5.74 35.73 0.83
CA ASP E 33 -5.85 36.30 -0.55
C ASP E 33 -4.57 36.03 -1.36
N ASP E 34 -3.44 35.73 -0.70
CA ASP E 34 -2.13 35.47 -1.37
C ASP E 34 -2.22 34.13 -2.10
N LYS E 35 -2.24 34.15 -3.44
CA LYS E 35 -2.28 32.93 -4.30
C LYS E 35 -0.84 32.44 -4.54
N THR E 36 0.15 33.32 -4.38
CA THR E 36 1.54 33.12 -4.87
C THR E 36 2.51 33.87 -3.98
N LEU E 37 3.70 33.32 -3.74
CA LEU E 37 4.83 34.07 -3.12
C LEU E 37 5.57 34.81 -4.23
N ASP E 38 5.90 36.08 -4.00
CA ASP E 38 6.84 36.85 -4.88
C ASP E 38 8.19 36.13 -4.83
N PRO E 39 9.04 36.23 -5.88
CA PRO E 39 10.30 35.47 -5.93
C PRO E 39 11.16 35.51 -4.66
N ALA E 40 11.22 36.66 -3.97
CA ALA E 40 12.06 36.89 -2.78
C ALA E 40 11.50 36.13 -1.57
N SER E 41 10.17 36.16 -1.40
CA SER E 41 9.42 35.36 -0.39
C SER E 41 9.64 33.87 -0.65
N LEU E 42 9.58 33.43 -1.91
CA LEU E 42 9.76 32.00 -2.29
C LEU E 42 11.20 31.58 -1.95
N ASP E 43 12.18 32.43 -2.25
CA ASP E 43 13.62 32.16 -1.94
C ASP E 43 13.79 31.97 -0.43
N ARG E 44 13.20 32.85 0.40
CA ARG E 44 13.29 32.78 1.88
C ARG E 44 12.63 31.47 2.37
N ALA E 45 11.46 31.13 1.82
CA ALA E 45 10.73 29.89 2.14
C ALA E 45 11.62 28.66 1.89
N LEU E 46 12.31 28.60 0.74
CA LEU E 46 13.17 27.46 0.35
C LEU E 46 14.43 27.45 1.24
N ALA E 47 14.99 28.62 1.56
CA ALA E 47 16.20 28.74 2.41
C ALA E 47 15.87 28.22 3.82
N ILE E 48 14.67 28.54 4.31
CA ILE E 48 14.17 28.08 5.64
C ILE E 48 14.03 26.55 5.61
N LEU E 49 13.39 25.98 4.58
CA LEU E 49 13.19 24.51 4.48
C LEU E 49 14.55 23.79 4.36
N ALA E 50 15.52 24.37 3.67
CA ALA E 50 16.85 23.76 3.48
C ALA E 50 17.61 23.80 4.82
N GLU E 51 17.64 24.93 5.51
CA GLU E 51 18.46 25.09 6.75
C GLU E 51 17.74 24.46 7.95
N HIS E 52 16.45 24.77 8.16
CA HIS E 52 15.70 24.43 9.41
C HIS E 52 14.81 23.21 9.20
N GLY E 53 14.38 22.94 7.96
CA GLY E 53 13.53 21.77 7.63
C GLY E 53 12.10 21.94 8.13
N ILE E 54 11.73 23.14 8.58
CA ILE E 54 10.35 23.46 9.00
C ILE E 54 10.09 24.95 8.71
N LEU E 55 8.92 25.21 8.13
CA LEU E 55 8.44 26.53 7.68
C LEU E 55 7.02 26.71 8.24
N VAL E 56 6.74 27.83 8.89
CA VAL E 56 5.39 28.17 9.41
C VAL E 56 4.80 29.29 8.57
N LEU E 57 3.68 29.03 7.90
CA LEU E 57 2.93 30.01 7.08
C LEU E 57 1.66 30.40 7.85
N THR E 58 1.62 31.60 8.42
CA THR E 58 0.46 32.13 9.18
C THR E 58 -0.52 32.81 8.23
N GLY E 59 -1.82 32.76 8.55
CA GLY E 59 -2.89 33.52 7.90
C GLY E 59 -3.22 32.99 6.51
N MET E 60 -3.07 31.68 6.28
CA MET E 60 -3.23 31.05 4.95
C MET E 60 -4.67 30.62 4.70
N LEU E 61 -5.33 29.99 5.67
CA LEU E 61 -6.67 29.39 5.48
C LEU E 61 -7.74 30.23 6.16
N ARG E 62 -8.88 30.40 5.51
CA ARG E 62 -10.08 31.09 6.04
C ARG E 62 -10.65 30.25 7.19
N THR E 63 -11.09 30.89 8.27
CA THR E 63 -11.63 30.23 9.49
C THR E 63 -12.91 29.45 9.12
N ARG E 64 -13.64 29.90 8.09
CA ARG E 64 -14.77 29.15 7.47
C ARG E 64 -14.36 27.69 7.22
N LEU E 65 -13.19 27.46 6.61
CA LEU E 65 -12.71 26.10 6.21
C LEU E 65 -12.26 25.34 7.46
N THR E 66 -11.42 25.96 8.31
CA THR E 66 -10.85 25.31 9.51
C THR E 66 -11.95 24.98 10.53
N ASP E 67 -13.00 25.81 10.63
CA ASP E 67 -14.14 25.56 11.55
C ASP E 67 -14.90 24.30 11.09
N GLN E 68 -15.16 24.15 9.79
CA GLN E 68 -15.92 22.99 9.24
C GLN E 68 -15.13 21.70 9.49
N LEU E 69 -13.80 21.75 9.34
CA LEU E 69 -12.92 20.57 9.49
C LEU E 69 -12.75 20.23 10.98
N ARG E 70 -12.61 21.23 11.85
CA ARG E 70 -12.57 21.04 13.31
C ARG E 70 -13.85 20.35 13.77
N THR E 71 -15.00 20.90 13.39
CA THR E 71 -16.34 20.39 13.78
C THR E 71 -16.45 18.93 13.32
N ALA E 72 -16.17 18.66 12.05
CA ALA E 72 -16.31 17.31 11.44
C ALA E 72 -15.49 16.29 12.23
N MET E 73 -14.25 16.64 12.59
CA MET E 73 -13.31 15.71 13.26
C MET E 73 -13.71 15.54 14.74
N LEU E 74 -14.14 16.59 15.43
CA LEU E 74 -14.66 16.47 16.81
C LEU E 74 -15.94 15.62 16.80
N ASP E 75 -16.80 15.76 15.80
CA ASP E 75 -18.07 14.97 15.66
C ASP E 75 -17.76 13.49 15.39
N ASP E 76 -16.70 13.17 14.65
CA ASP E 76 -16.33 11.77 14.30
C ASP E 76 -15.58 11.08 15.45
N LEU E 77 -15.01 11.83 16.38
CA LEU E 77 -14.10 11.29 17.43
C LEU E 77 -14.82 10.22 18.25
N PRO E 78 -16.09 10.40 18.67
CA PRO E 78 -16.79 9.33 19.38
C PRO E 78 -16.75 7.98 18.65
N GLU E 79 -16.97 7.98 17.33
CA GLU E 79 -16.99 6.75 16.51
C GLU E 79 -15.58 6.16 16.44
N VAL E 80 -14.55 7.00 16.44
CA VAL E 80 -13.12 6.57 16.47
C VAL E 80 -12.81 5.88 17.81
N LEU E 81 -13.23 6.46 18.95
CA LEU E 81 -12.89 5.96 20.31
C LEU E 81 -13.69 4.68 20.61
N ARG E 82 -14.76 4.45 19.85
CA ARG E 82 -15.68 3.29 20.03
C ARG E 82 -15.08 2.03 19.41
N GLN E 83 -14.14 2.15 18.45
CA GLN E 83 -13.51 1.01 17.72
C GLN E 83 -12.92 0.03 18.74
N GLN E 84 -12.77 -1.24 18.33
CA GLN E 84 -12.17 -2.33 19.13
C GLN E 84 -10.69 -1.99 19.41
N ASP E 85 -9.94 -1.65 18.36
CA ASP E 85 -8.52 -1.23 18.45
C ASP E 85 -8.43 0.22 17.92
N VAL E 86 -8.23 1.18 18.83
CA VAL E 86 -8.13 2.64 18.50
C VAL E 86 -6.72 2.88 17.97
N PRO E 87 -6.55 3.30 16.70
CA PRO E 87 -5.22 3.44 16.11
C PRO E 87 -4.49 4.59 16.81
N THR E 88 -3.37 4.26 17.42
CA THR E 88 -2.64 5.13 18.36
C THR E 88 -1.19 5.23 17.88
N ASN E 89 -0.57 6.40 18.03
CA ASN E 89 0.82 6.64 17.55
C ASN E 89 1.79 6.63 18.74
N PHE E 90 2.47 5.50 18.95
CA PHE E 90 3.59 5.25 19.91
C PHE E 90 3.07 5.09 21.34
N VAL E 91 2.26 6.02 21.82
CA VAL E 91 1.84 6.09 23.26
C VAL E 91 0.38 6.53 23.35
N PRO E 92 -0.30 6.27 24.47
CA PRO E 92 -1.70 6.66 24.65
C PRO E 92 -2.00 8.15 24.40
N GLY E 93 -3.18 8.42 23.86
CA GLY E 93 -3.75 9.77 23.69
C GLY E 93 -3.47 10.37 22.32
N HIS E 94 -2.60 9.75 21.51
CA HIS E 94 -2.23 10.23 20.15
C HIS E 94 -2.95 9.36 19.12
N VAL E 95 -4.15 9.78 18.72
CA VAL E 95 -5.07 8.95 17.88
C VAL E 95 -4.85 9.32 16.42
N GLN E 96 -4.79 8.33 15.53
CA GLN E 96 -4.82 8.56 14.07
C GLN E 96 -6.28 8.68 13.65
N GLN E 97 -6.63 9.76 12.98
CA GLN E 97 -8.02 10.04 12.55
C GLN E 97 -8.00 10.76 11.20
N ASP E 98 -8.56 10.16 10.17
CA ASP E 98 -8.71 10.80 8.84
C ASP E 98 -9.85 11.80 8.94
N PRO E 99 -9.69 13.03 8.41
CA PRO E 99 -10.84 13.91 8.23
C PRO E 99 -11.76 13.27 7.20
N PRO E 100 -13.05 13.69 7.15
CA PRO E 100 -13.98 13.10 6.19
C PRO E 100 -13.55 13.37 4.75
N VAL E 101 -13.85 12.42 3.85
CA VAL E 101 -13.65 12.54 2.38
C VAL E 101 -15.03 12.60 1.70
N ARG E 102 -15.96 13.37 2.25
CA ARG E 102 -17.25 13.74 1.60
C ARG E 102 -17.00 15.00 0.77
N GLU E 103 -17.72 15.21 -0.32
CA GLU E 103 -17.44 16.34 -1.26
C GLU E 103 -17.62 17.68 -0.53
N SER E 104 -18.55 17.75 0.44
CA SER E 104 -18.89 19.00 1.19
C SER E 104 -17.74 19.45 2.11
N LEU E 105 -16.76 18.59 2.41
CA LEU E 105 -15.63 18.88 3.33
C LEU E 105 -14.27 18.70 2.62
N LEU E 106 -14.25 18.61 1.29
CA LEU E 106 -12.99 18.54 0.51
C LEU E 106 -12.79 19.86 -0.22
N PHE E 107 -11.89 20.71 0.28
CA PHE E 107 -11.70 22.12 -0.12
C PHE E 107 -10.43 22.28 -0.94
N PRO E 108 -10.52 22.83 -2.17
CA PRO E 108 -9.33 23.07 -3.00
C PRO E 108 -8.20 23.81 -2.26
N ASP E 109 -8.55 24.80 -1.44
CA ASP E 109 -7.56 25.63 -0.70
C ASP E 109 -6.84 24.80 0.37
N VAL E 110 -7.37 23.63 0.76
CA VAL E 110 -6.71 22.67 1.69
C VAL E 110 -5.95 21.62 0.87
N LEU E 111 -6.63 20.88 -0.01
CA LEU E 111 -6.01 19.75 -0.79
C LEU E 111 -5.00 20.28 -1.80
N LEU E 112 -5.34 21.37 -2.50
CA LEU E 112 -4.60 21.90 -3.70
C LEU E 112 -4.24 23.37 -3.48
N ASN E 113 -3.67 23.68 -2.32
CA ASN E 113 -3.35 25.08 -1.94
C ASN E 113 -2.25 25.58 -2.86
N PRO E 114 -2.41 26.76 -3.49
CA PRO E 114 -1.46 27.24 -4.49
C PRO E 114 -0.08 27.60 -3.90
N VAL E 115 -0.05 28.14 -2.69
CA VAL E 115 1.22 28.51 -2.02
C VAL E 115 1.96 27.24 -1.60
N VAL E 116 1.23 26.26 -1.05
CA VAL E 116 1.83 24.97 -0.60
C VAL E 116 2.50 24.31 -1.83
N TYR E 117 1.78 24.21 -2.95
CA TYR E 117 2.26 23.50 -4.16
C TYR E 117 3.34 24.32 -4.87
N GLN E 118 3.31 25.64 -4.76
CA GLN E 118 4.41 26.49 -5.28
C GLN E 118 5.70 26.07 -4.57
N ILE E 119 5.65 25.90 -3.25
CA ILE E 119 6.83 25.50 -2.42
C ILE E 119 7.22 24.06 -2.77
N THR E 120 6.27 23.12 -2.79
CA THR E 120 6.57 21.67 -2.97
C THR E 120 7.04 21.43 -4.42
N HIS E 121 6.50 22.17 -5.39
CA HIS E 121 6.97 22.12 -6.81
C HIS E 121 8.45 22.52 -6.87
N ALA E 122 8.84 23.59 -6.19
CA ALA E 122 10.23 24.12 -6.18
C ALA E 122 11.18 23.12 -5.51
N VAL E 123 10.79 22.47 -4.40
CA VAL E 123 11.70 21.54 -3.65
C VAL E 123 11.73 20.16 -4.32
N LEU E 124 10.58 19.58 -4.66
CA LEU E 124 10.44 18.15 -5.07
C LEU E 124 10.27 18.00 -6.59
N GLY E 125 9.94 19.06 -7.32
CA GLY E 125 9.69 19.03 -8.77
C GLY E 125 8.20 19.14 -9.09
N ALA E 126 7.90 19.42 -10.36
CA ALA E 126 6.54 19.65 -10.90
C ALA E 126 5.69 18.38 -10.81
N ASP E 127 6.35 17.22 -10.65
CA ASP E 127 5.74 15.87 -10.63
C ASP E 127 5.31 15.48 -9.21
N ALA E 128 5.65 16.28 -8.20
CA ALA E 128 5.35 16.00 -6.78
C ALA E 128 3.84 15.82 -6.62
N ARG E 129 3.42 14.98 -5.68
CA ARG E 129 1.99 14.64 -5.47
C ARG E 129 1.69 14.49 -3.98
N ASN E 130 0.51 14.91 -3.56
CA ASN E 130 -0.05 14.60 -2.23
C ASN E 130 -0.49 13.12 -2.21
N ALA E 131 -0.10 12.35 -1.20
CA ALA E 131 -0.45 10.91 -1.03
C ALA E 131 -0.96 10.62 0.39
N VAL E 132 -1.20 11.66 1.18
CA VAL E 132 -1.76 11.52 2.56
C VAL E 132 -2.86 12.56 2.76
N TYR E 133 -4.05 12.10 3.15
CA TYR E 133 -5.12 12.97 3.68
C TYR E 133 -5.63 12.33 4.98
N SER E 134 -4.93 12.60 6.07
CA SER E 134 -5.13 11.97 7.39
C SER E 134 -5.12 13.03 8.50
N GLY E 135 -4.96 12.60 9.74
CA GLY E 135 -4.90 13.55 10.87
C GLY E 135 -4.46 12.90 12.16
N ASN E 136 -4.18 13.75 13.14
CA ASN E 136 -3.61 13.40 14.45
C ASN E 136 -4.46 14.11 15.50
N MET E 137 -5.30 13.35 16.21
CA MET E 137 -6.15 13.86 17.30
C MET E 137 -5.43 13.61 18.63
N ASN E 138 -4.98 14.68 19.28
CA ASN E 138 -4.21 14.67 20.55
C ASN E 138 -5.19 14.84 21.72
N LEU E 139 -5.49 13.76 22.45
CA LEU E 139 -6.54 13.74 23.50
C LEU E 139 -6.03 14.39 24.79
N PRO E 140 -6.90 15.04 25.59
CA PRO E 140 -6.54 15.45 26.94
C PRO E 140 -5.93 14.28 27.71
N GLY E 141 -4.80 14.52 28.38
CA GLY E 141 -4.06 13.56 29.22
C GLY E 141 -3.10 12.68 28.44
N SER E 142 -2.87 12.98 27.17
CA SER E 142 -1.98 12.20 26.26
C SER E 142 -0.56 12.14 26.83
N HIS E 143 0.18 11.08 26.49
CA HIS E 143 1.59 10.85 26.91
C HIS E 143 2.54 11.56 25.94
N GLU E 144 3.84 11.54 26.25
CA GLU E 144 4.92 12.07 25.39
C GLU E 144 5.29 10.98 24.37
N GLN E 145 5.24 11.29 23.07
CA GLN E 145 5.75 10.38 22.01
C GLN E 145 7.27 10.36 22.06
N PRO E 146 7.94 9.30 21.62
CA PRO E 146 9.38 9.34 21.38
C PRO E 146 9.64 10.24 20.17
N VAL E 147 10.76 10.96 20.18
CA VAL E 147 11.23 11.74 19.01
C VAL E 147 11.42 10.76 17.85
N HIS E 148 10.86 11.10 16.70
CA HIS E 148 10.86 10.22 15.50
C HIS E 148 10.83 11.08 14.25
N LEU E 149 11.04 10.45 13.09
CA LEU E 149 10.70 11.06 11.78
C LEU E 149 9.52 10.28 11.20
N ASP E 150 8.64 10.98 10.48
CA ASP E 150 7.44 10.38 9.83
C ASP E 150 7.83 9.60 8.59
N GLU E 151 8.90 9.99 7.90
CA GLU E 151 9.44 9.26 6.73
C GLU E 151 10.95 9.20 6.87
N PRO E 152 11.58 8.03 6.60
CA PRO E 152 13.01 7.86 6.80
C PRO E 152 13.88 8.38 5.66
N HIS E 153 15.19 8.47 5.91
CA HIS E 153 16.23 8.59 4.86
C HIS E 153 16.21 7.27 4.10
N LEU E 154 16.51 7.29 2.80
CA LEU E 154 16.29 6.15 1.89
C LEU E 154 17.44 5.14 2.01
N TRP E 155 18.59 5.59 2.50
CA TRP E 155 19.73 4.70 2.86
C TRP E 155 20.37 5.21 4.13
N PRO E 156 20.83 4.33 5.03
CA PRO E 156 21.61 4.73 6.20
C PRO E 156 22.97 5.31 5.80
N GLY E 157 23.42 6.36 6.51
CA GLY E 157 24.76 6.95 6.38
C GLY E 157 24.92 7.80 5.13
N ILE E 158 23.83 8.14 4.44
CA ILE E 158 23.87 8.93 3.17
C ILE E 158 23.17 10.26 3.38
N SER E 159 23.80 11.34 2.93
CA SER E 159 23.19 12.70 2.85
C SER E 159 22.52 12.84 1.48
N HIS E 160 21.21 13.08 1.46
CA HIS E 160 20.43 13.23 0.21
C HIS E 160 19.36 14.30 0.38
N PRO E 161 18.92 14.97 -0.70
CA PRO E 161 17.89 16.00 -0.59
C PRO E 161 16.55 15.42 -0.17
N PRO E 162 15.53 16.29 0.11
CA PRO E 162 14.22 15.83 0.52
C PRO E 162 13.54 15.02 -0.60
N TYR E 163 12.66 14.08 -0.26
CA TYR E 163 11.76 13.39 -1.22
C TYR E 163 10.30 13.55 -0.79
N CYS E 164 10.02 14.18 0.34
CA CYS E 164 8.65 14.39 0.86
C CYS E 164 8.61 15.60 1.80
N LEU E 165 7.51 16.36 1.74
CA LEU E 165 7.26 17.50 2.65
C LEU E 165 5.92 17.23 3.34
N CYS E 166 5.91 17.15 4.66
CA CYS E 166 4.66 17.04 5.46
C CYS E 166 4.01 18.43 5.50
N VAL E 167 2.70 18.47 5.30
CA VAL E 167 1.88 19.71 5.33
C VAL E 167 0.88 19.56 6.47
N ASP E 168 1.18 20.17 7.61
CA ASP E 168 0.42 20.06 8.88
C ASP E 168 -0.50 21.27 9.00
N VAL E 169 -1.79 21.03 9.20
CA VAL E 169 -2.84 22.10 9.27
C VAL E 169 -3.53 22.01 10.61
N PRO E 170 -3.13 22.83 11.61
CA PRO E 170 -3.84 22.85 12.89
C PRO E 170 -5.30 23.29 12.70
N LEU E 171 -6.25 22.66 13.41
CA LEU E 171 -7.70 22.97 13.26
C LEU E 171 -8.24 23.70 14.52
N ILE E 172 -7.39 23.94 15.51
CA ILE E 172 -7.60 24.96 16.59
C ILE E 172 -6.28 25.70 16.78
N ASP E 173 -6.28 26.79 17.54
CA ASP E 173 -5.04 27.43 18.03
C ASP E 173 -4.26 26.36 18.78
N PHE E 174 -3.03 26.08 18.35
CA PHE E 174 -2.10 25.19 19.09
C PHE E 174 -1.38 26.05 20.12
N THR E 175 -1.26 25.55 21.35
CA THR E 175 -0.57 26.24 22.48
C THR E 175 0.41 25.24 23.09
N LEU E 176 1.30 25.71 23.95
CA LEU E 176 2.19 24.81 24.74
C LEU E 176 1.32 23.93 25.64
N GLU E 177 0.11 24.38 26.00
CA GLU E 177 -0.80 23.64 26.90
C GLU E 177 -1.49 22.50 26.14
N ASN E 178 -2.01 22.73 24.92
CA ASN E 178 -2.95 21.79 24.27
C ASN E 178 -2.21 20.87 23.28
N GLY E 179 -0.87 20.84 23.32
CA GLY E 179 -0.05 19.80 22.65
C GLY E 179 0.51 20.25 21.30
N SER E 180 0.95 21.50 21.16
CA SER E 180 1.70 21.97 19.97
C SER E 180 2.94 21.10 19.79
N THR E 181 3.13 20.59 18.57
CA THR E 181 4.16 19.57 18.24
C THR E 181 5.55 20.12 18.54
N GLU E 182 6.41 19.31 19.16
CA GLU E 182 7.84 19.63 19.36
C GLU E 182 8.57 19.33 18.04
N TYR E 183 9.33 20.32 17.56
CA TYR E 183 10.11 20.26 16.30
C TYR E 183 11.59 20.44 16.64
N TRP E 184 12.47 19.67 15.98
CA TRP E 184 13.95 19.76 16.10
C TRP E 184 14.52 20.42 14.85
N PRO E 185 14.71 21.76 14.84
CA PRO E 185 15.21 22.45 13.64
C PRO E 185 16.58 21.91 13.20
N GLY E 186 16.72 21.72 11.89
CA GLY E 186 17.98 21.30 11.24
C GLY E 186 18.20 19.80 11.28
N SER E 187 17.29 19.04 11.90
CA SER E 187 17.45 17.58 12.14
C SER E 187 17.18 16.77 10.86
N HIS E 188 16.60 17.38 9.83
CA HIS E 188 16.17 16.72 8.59
C HIS E 188 17.37 16.22 7.76
N VAL E 189 18.57 16.78 7.95
CA VAL E 189 19.77 16.41 7.15
C VAL E 189 20.65 15.43 7.95
N LEU E 190 20.29 15.07 9.19
CA LEU E 190 21.08 14.16 10.04
C LEU E 190 20.72 12.72 9.68
N ASN E 191 21.72 11.94 9.25
CA ASN E 191 21.55 10.52 8.90
C ASN E 191 22.87 9.79 9.14
N PRO E 192 23.45 9.83 10.35
CA PRO E 192 24.61 8.99 10.68
C PRO E 192 24.16 7.52 10.77
N ASP E 193 25.10 6.59 10.61
CA ASP E 193 24.88 5.14 10.85
C ASP E 193 24.25 4.92 12.24
N GLU E 194 23.32 3.98 12.35
CA GLU E 194 22.71 3.49 13.62
C GLU E 194 21.81 4.57 14.25
N CYS E 195 21.24 5.47 13.44
CA CYS E 195 20.50 6.65 13.96
C CYS E 195 19.01 6.37 14.18
N TYR E 196 18.43 5.38 13.50
CA TYR E 196 16.95 5.15 13.41
C TYR E 196 16.62 3.69 13.67
N ASP E 197 15.49 3.42 14.34
CA ASP E 197 14.97 2.05 14.55
C ASP E 197 13.86 1.81 13.51
N GLU E 198 13.29 0.60 13.52
CA GLU E 198 12.26 0.13 12.56
C GLU E 198 11.00 1.03 12.65
N ARG E 199 10.79 1.77 13.75
CA ARG E 199 9.58 2.59 13.97
C ARG E 199 9.83 4.06 13.61
N GLY E 200 11.05 4.42 13.18
CA GLY E 200 11.41 5.80 12.80
C GLY E 200 11.84 6.63 14.01
N CYS E 201 12.08 6.00 15.16
CA CYS E 201 12.49 6.69 16.40
C CYS E 201 13.99 6.98 16.36
N VAL E 202 14.39 8.15 16.85
CA VAL E 202 15.82 8.58 16.90
C VAL E 202 16.53 7.87 18.05
N LEU E 203 17.67 7.25 17.75
CA LEU E 203 18.46 6.48 18.74
C LEU E 203 18.89 7.47 19.82
N PRO E 204 18.65 7.10 21.11
CA PRO E 204 18.79 8.01 22.23
C PRO E 204 20.12 8.78 22.30
N ALA E 205 21.22 8.12 21.96
CA ALA E 205 22.58 8.71 21.99
C ALA E 205 22.66 9.87 21.00
N GLU E 206 22.09 9.71 19.79
CA GLU E 206 22.11 10.76 18.73
C GLU E 206 21.18 11.91 19.14
N LEU E 207 20.08 11.60 19.84
CA LEU E 207 19.11 12.62 20.33
C LEU E 207 19.84 13.60 21.26
N GLU E 208 20.61 13.07 22.22
CA GLU E 208 21.25 13.89 23.29
C GLU E 208 22.42 14.67 22.71
N ARG E 209 23.22 14.07 21.82
CA ARG E 209 24.30 14.79 21.09
C ARG E 209 23.70 16.01 20.41
N ARG E 210 22.58 15.83 19.68
CA ARG E 210 21.93 16.91 18.90
C ARG E 210 21.34 17.95 19.86
N ARG E 211 20.71 17.51 20.96
CA ARG E 211 20.05 18.40 21.95
C ARG E 211 21.03 19.47 22.45
N ALA E 212 22.29 19.09 22.65
CA ALA E 212 23.37 19.94 23.21
C ALA E 212 23.73 21.06 22.20
N VAL E 213 23.54 20.82 20.91
CA VAL E 213 24.00 21.69 19.79
C VAL E 213 22.83 22.56 19.30
N ALA E 214 21.66 21.96 19.05
CA ALA E 214 20.44 22.64 18.53
C ALA E 214 19.22 22.05 19.21
N PRO E 215 18.84 22.52 20.41
CA PRO E 215 17.72 21.93 21.15
C PRO E 215 16.40 22.08 20.41
N PRO E 216 15.41 21.21 20.69
CA PRO E 216 14.09 21.33 20.07
C PRO E 216 13.34 22.61 20.50
N VAL E 217 12.28 22.94 19.78
CA VAL E 217 11.40 24.11 20.05
C VAL E 217 9.95 23.63 20.06
N ARG E 218 9.12 24.25 20.89
CA ARG E 218 7.64 24.21 20.80
C ARG E 218 7.18 25.66 20.83
N PHE E 219 6.15 25.99 20.05
CA PHE E 219 5.59 27.34 19.96
C PHE E 219 4.10 27.26 19.65
N PRO E 220 3.32 28.26 20.09
CA PRO E 220 1.93 28.38 19.67
C PRO E 220 1.89 28.54 18.14
N ILE E 221 0.86 27.98 17.52
CA ILE E 221 0.56 28.15 16.08
C ILE E 221 -0.92 28.51 15.97
N PRO E 222 -1.25 29.71 15.47
CA PRO E 222 -2.65 30.10 15.35
C PRO E 222 -3.33 29.28 14.24
N VAL E 223 -4.59 28.90 14.46
CA VAL E 223 -5.45 28.25 13.42
C VAL E 223 -5.44 29.18 12.21
N GLY E 224 -5.51 28.63 11.00
CA GLY E 224 -5.31 29.36 9.73
C GLY E 224 -3.90 29.19 9.21
N SER E 225 -2.97 28.76 10.07
CA SER E 225 -1.55 28.51 9.71
C SER E 225 -1.43 27.17 9.00
N VAL E 226 -0.37 27.03 8.19
CA VAL E 226 0.06 25.74 7.57
C VAL E 226 1.54 25.58 7.92
N VAL E 227 1.94 24.39 8.36
CA VAL E 227 3.37 24.04 8.60
C VAL E 227 3.82 23.11 7.47
N ILE E 228 4.86 23.53 6.73
CA ILE E 228 5.55 22.65 5.75
C ILE E 228 6.88 22.27 6.40
N ARG E 229 7.15 20.97 6.50
CA ARG E 229 8.42 20.47 7.05
C ARG E 229 8.88 19.26 6.23
N ASP E 230 10.19 19.10 6.12
CA ASP E 230 10.84 17.87 5.62
C ASP E 230 10.21 16.69 6.38
N GLY E 231 9.80 15.64 5.67
CA GLY E 231 9.21 14.42 6.25
C GLY E 231 10.21 13.68 7.12
N ARG E 232 11.49 14.07 7.07
CA ARG E 232 12.58 13.46 7.86
C ARG E 232 12.89 14.30 9.11
N LEU E 233 12.21 15.42 9.31
CA LEU E 233 12.44 16.28 10.51
C LEU E 233 12.11 15.50 11.78
N TRP E 234 13.03 15.51 12.75
CA TRP E 234 12.73 14.96 14.11
C TRP E 234 11.66 15.84 14.74
N HIS E 235 10.66 15.21 15.37
CA HIS E 235 9.55 15.86 16.10
C HIS E 235 8.93 14.85 17.05
N ARG E 236 8.05 15.29 17.95
CA ARG E 236 7.19 14.37 18.72
C ARG E 236 5.89 15.08 19.13
N GLY E 237 4.82 14.30 19.21
CA GLY E 237 3.61 14.66 19.94
C GLY E 237 3.94 14.78 21.41
N VAL E 238 3.32 15.74 22.09
CA VAL E 238 3.54 15.99 23.55
C VAL E 238 2.18 16.03 24.21
N PRO E 239 2.11 15.93 25.55
CA PRO E 239 0.85 15.91 26.26
C PRO E 239 -0.06 17.11 25.94
N ASN E 240 -1.33 16.82 25.68
CA ASN E 240 -2.43 17.81 25.67
C ASN E 240 -2.92 17.98 27.12
N LEU E 241 -2.59 19.10 27.76
CA LEU E 241 -2.90 19.38 29.19
C LEU E 241 -4.16 20.24 29.28
N SER E 242 -4.89 20.42 28.19
CA SER E 242 -6.16 21.21 28.14
C SER E 242 -7.33 20.25 28.28
N ALA E 243 -8.56 20.78 28.35
CA ALA E 243 -9.80 20.01 28.54
C ALA E 243 -10.41 19.59 27.19
N ALA E 244 -9.74 19.85 26.07
CA ALA E 244 -10.33 19.70 24.71
C ALA E 244 -9.37 18.94 23.80
N PRO E 245 -9.89 18.00 22.97
CA PRO E 245 -9.07 17.34 21.97
C PRO E 245 -8.46 18.36 20.98
N ARG E 246 -7.24 18.10 20.52
CA ARG E 246 -6.46 19.01 19.64
C ARG E 246 -6.35 18.38 18.26
N PRO E 247 -7.22 18.75 17.29
CA PRO E 247 -7.20 18.13 15.97
C PRO E 247 -6.14 18.76 15.05
N LEU E 248 -5.33 17.90 14.41
CA LEU E 248 -4.35 18.28 13.36
C LEU E 248 -4.71 17.56 12.06
N LEU E 249 -4.88 18.28 10.97
CA LEU E 249 -5.07 17.68 9.62
C LEU E 249 -3.69 17.54 8.98
N ALA E 250 -3.40 16.36 8.43
CA ALA E 250 -2.05 15.98 7.94
C ALA E 250 -2.11 15.59 6.47
N MET E 251 -1.27 16.22 5.65
CA MET E 251 -1.02 15.85 4.24
C MET E 251 0.49 15.70 4.04
N THR E 252 0.92 14.96 3.03
CA THR E 252 2.36 14.76 2.70
C THR E 252 2.55 14.69 1.19
N HIS E 253 3.34 15.62 0.67
CA HIS E 253 3.73 15.68 -0.76
C HIS E 253 4.99 14.82 -0.94
N TYR E 254 5.01 13.98 -1.96
CA TYR E 254 6.14 13.09 -2.31
C TYR E 254 6.57 13.32 -3.75
N THR E 255 7.84 13.07 -4.04
CA THR E 255 8.37 12.93 -5.42
C THR E 255 7.53 11.84 -6.10
N GLU E 256 7.31 11.97 -7.41
CA GLU E 256 6.49 11.02 -8.24
C GLU E 256 6.97 9.58 -8.01
N TRP E 257 8.26 9.37 -7.74
CA TRP E 257 8.88 8.02 -7.80
C TRP E 257 8.81 7.28 -6.46
N PHE E 258 8.36 7.93 -5.38
CA PHE E 258 8.19 7.27 -4.05
C PHE E 258 6.87 6.51 -4.02
N ASP E 259 6.93 5.21 -3.77
CA ASP E 259 5.74 4.32 -3.73
C ASP E 259 4.87 4.68 -2.53
N MET E 260 3.63 5.08 -2.80
CA MET E 260 2.60 5.34 -1.76
C MET E 260 1.27 4.74 -2.21
N PRO E 261 0.41 4.25 -1.30
CA PRO E 261 -0.95 3.87 -1.66
C PRO E 261 -1.73 5.13 -2.02
N PRO E 262 -2.69 5.06 -2.94
CA PRO E 262 -3.48 6.23 -3.31
C PRO E 262 -4.46 6.61 -2.19
N ILE E 263 -4.79 7.90 -2.10
CA ILE E 263 -5.89 8.42 -1.25
C ILE E 263 -7.20 8.02 -1.93
N GLN E 264 -8.11 7.38 -1.18
CA GLN E 264 -9.50 7.09 -1.62
C GLN E 264 -10.29 8.40 -1.59
N LEU E 265 -10.77 8.87 -2.74
CA LEU E 265 -11.66 10.05 -2.84
C LEU E 265 -12.94 9.64 -3.58
N PRO E 266 -14.07 10.30 -3.29
CA PRO E 266 -15.29 10.08 -4.05
C PRO E 266 -15.13 10.67 -5.45
N ASP E 267 -15.72 10.03 -6.47
CA ASP E 267 -15.57 10.48 -7.88
C ASP E 267 -16.30 11.82 -8.08
N THR E 268 -17.04 12.29 -7.06
CA THR E 268 -17.73 13.60 -7.09
C THR E 268 -16.71 14.76 -7.08
N VAL E 269 -15.43 14.51 -6.73
CA VAL E 269 -14.38 15.58 -6.72
C VAL E 269 -13.34 15.33 -7.81
N LYS E 270 -13.50 14.26 -8.60
CA LYS E 270 -12.57 13.88 -9.69
C LYS E 270 -12.37 15.04 -10.67
N SER E 271 -13.41 15.79 -10.99
CA SER E 271 -13.39 16.86 -12.03
C SER E 271 -12.29 17.88 -11.68
N TRP E 272 -12.23 18.36 -10.43
CA TRP E 272 -11.28 19.45 -10.03
C TRP E 272 -9.98 18.89 -9.45
N VAL E 273 -9.97 17.68 -8.89
CA VAL E 273 -8.73 17.06 -8.33
C VAL E 273 -7.87 16.52 -9.49
N ASP E 274 -8.46 15.70 -10.37
CA ASP E 274 -7.72 14.96 -11.43
C ASP E 274 -7.32 15.89 -12.58
N GLY E 275 -8.04 17.01 -12.77
CA GLY E 275 -7.64 18.06 -13.73
C GLY E 275 -6.27 18.65 -13.40
N SER E 276 -6.02 18.94 -12.11
CA SER E 276 -5.05 19.94 -11.61
C SER E 276 -3.61 19.56 -11.94
N ASP E 277 -2.75 20.57 -12.13
CA ASP E 277 -1.28 20.41 -12.23
C ASP E 277 -0.66 20.42 -10.81
N ARG E 278 -1.51 20.51 -9.78
CA ARG E 278 -1.16 20.20 -8.36
C ARG E 278 -1.62 18.76 -8.08
N HIS E 279 -0.71 17.80 -8.26
CA HIS E 279 -1.04 16.36 -8.40
C HIS E 279 -1.41 15.79 -7.01
N THR E 280 -2.30 14.81 -7.04
CA THR E 280 -2.72 13.95 -5.92
C THR E 280 -2.64 12.50 -6.38
N HIS E 281 -1.95 11.63 -5.63
CA HIS E 281 -2.04 10.16 -5.86
C HIS E 281 -3.40 9.72 -5.31
N ALA E 282 -4.42 9.66 -6.18
CA ALA E 282 -5.82 9.45 -5.80
C ALA E 282 -6.41 8.25 -6.56
N HIS E 283 -7.28 7.50 -5.90
CA HIS E 283 -8.17 6.47 -6.50
C HIS E 283 -9.61 6.95 -6.26
N PHE E 284 -10.34 7.21 -7.34
CA PHE E 284 -11.72 7.77 -7.29
C PHE E 284 -12.73 6.62 -7.26
N VAL E 285 -13.66 6.68 -6.32
CA VAL E 285 -14.62 5.58 -5.99
C VAL E 285 -16.04 6.05 -6.35
N ALA E 286 -16.90 5.14 -6.80
CA ALA E 286 -18.36 5.37 -6.94
C ALA E 286 -18.97 5.37 -5.54
N GLY E 287 -19.79 6.39 -5.24
CA GLY E 287 -20.40 6.59 -3.92
C GLY E 287 -19.37 7.06 -2.89
N ASP E 288 -19.65 6.80 -1.61
CA ASP E 288 -18.90 7.33 -0.43
C ASP E 288 -17.80 6.36 0.00
N VAL E 289 -16.76 6.88 0.65
CA VAL E 289 -15.61 6.12 1.22
C VAL E 289 -15.81 6.03 2.73
N ASP E 290 -15.59 4.85 3.34
CA ASP E 290 -15.49 4.67 4.81
C ASP E 290 -14.10 5.17 5.26
N HIS E 291 -14.03 6.36 5.85
CA HIS E 291 -12.78 7.02 6.33
C HIS E 291 -12.40 6.54 7.74
N LEU E 292 -13.30 5.86 8.46
CA LEU E 292 -13.08 5.29 9.83
C LEU E 292 -13.35 3.79 9.78
N HIS E 296 -5.56 1.12 10.67
CA HIS E 296 -5.07 2.35 10.00
C HIS E 296 -3.62 2.19 9.54
N PRO E 297 -3.34 2.29 8.22
CA PRO E 297 -1.99 2.06 7.70
C PRO E 297 -0.90 3.07 8.14
N PHE E 298 -1.28 4.27 8.59
CA PHE E 298 -0.35 5.40 8.88
C PHE E 298 -0.05 5.49 10.39
N ALA E 299 -0.77 4.74 11.23
CA ALA E 299 -0.53 4.66 12.70
C ALA E 299 0.74 3.85 12.96
N VAL E 300 1.68 4.39 13.75
CA VAL E 300 2.92 3.72 14.23
C VAL E 300 2.83 3.66 15.75
N HIS F 16 36.80 1.89 -27.15
CA HIS F 16 36.28 0.73 -26.35
C HIS F 16 37.27 -0.44 -26.40
N MET F 17 37.26 -1.29 -25.37
CA MET F 17 38.10 -2.51 -25.26
C MET F 17 37.24 -3.73 -25.63
N ALA F 18 37.67 -4.52 -26.62
CA ALA F 18 36.98 -5.74 -27.12
C ALA F 18 37.74 -6.99 -26.65
N LEU F 19 37.14 -7.78 -25.75
CA LEU F 19 37.76 -8.93 -25.04
C LEU F 19 37.29 -10.25 -25.65
N ALA F 20 37.97 -11.35 -25.31
CA ALA F 20 37.68 -12.73 -25.79
C ALA F 20 36.82 -13.47 -24.76
N ALA F 21 36.65 -12.93 -23.55
CA ALA F 21 35.86 -13.54 -22.47
C ALA F 21 35.46 -12.48 -21.43
N PRO F 22 34.47 -12.78 -20.57
CA PRO F 22 34.16 -11.91 -19.44
C PRO F 22 35.38 -11.72 -18.55
N PRO F 23 35.73 -10.46 -18.19
CA PRO F 23 36.91 -10.20 -17.36
C PRO F 23 36.82 -10.89 -16.00
N GLY F 24 37.95 -11.43 -15.52
CA GLY F 24 38.08 -12.06 -14.19
C GLY F 24 37.50 -11.18 -13.10
N GLU F 25 37.84 -9.87 -13.12
CA GLU F 25 37.48 -8.89 -12.06
C GLU F 25 35.96 -8.74 -11.94
N LEU F 26 35.18 -9.12 -12.96
CA LEU F 26 33.72 -8.89 -13.01
C LEU F 26 32.95 -10.21 -12.92
N THR F 27 33.62 -11.36 -12.89
CA THR F 27 32.97 -12.67 -13.16
C THR F 27 33.06 -13.60 -11.95
N LEU F 28 31.93 -14.26 -11.63
CA LEU F 28 31.83 -15.40 -10.70
C LEU F 28 31.31 -16.61 -11.49
N ALA F 29 32.03 -17.73 -11.47
CA ALA F 29 31.64 -18.97 -12.20
C ALA F 29 30.85 -19.89 -11.28
N LEU F 30 29.61 -20.20 -11.64
CA LEU F 30 28.70 -21.07 -10.85
C LEU F 30 28.26 -22.26 -11.72
N THR F 31 27.49 -23.17 -11.11
CA THR F 31 26.75 -24.26 -11.79
C THR F 31 25.26 -24.00 -11.53
N PRO F 32 24.34 -24.62 -12.31
CA PRO F 32 22.91 -24.49 -12.02
C PRO F 32 22.46 -25.11 -10.68
N ASP F 33 23.33 -25.88 -10.02
CA ASP F 33 23.04 -26.57 -8.74
C ASP F 33 23.26 -25.64 -7.55
N ASP F 34 24.03 -24.54 -7.72
CA ASP F 34 24.33 -23.55 -6.65
C ASP F 34 23.04 -22.81 -6.29
N LYS F 35 22.50 -23.06 -5.10
CA LYS F 35 21.28 -22.36 -4.57
C LYS F 35 21.71 -21.07 -3.87
N THR F 36 22.97 -20.99 -3.41
CA THR F 36 23.46 -19.97 -2.45
C THR F 36 24.95 -19.74 -2.67
N LEU F 37 25.41 -18.49 -2.53
CA LEU F 37 26.86 -18.18 -2.46
C LEU F 37 27.31 -18.34 -1.01
N ASP F 38 28.45 -18.98 -0.78
CA ASP F 38 29.15 -19.00 0.53
C ASP F 38 29.50 -17.55 0.88
N PRO F 39 29.62 -17.18 2.17
CA PRO F 39 29.85 -15.79 2.56
C PRO F 39 30.96 -15.05 1.78
N ALA F 40 32.06 -15.73 1.46
CA ALA F 40 33.25 -15.14 0.79
C ALA F 40 32.93 -14.82 -0.68
N SER F 41 32.22 -15.72 -1.36
CA SER F 41 31.68 -15.53 -2.73
C SER F 41 30.70 -14.35 -2.74
N LEU F 42 29.82 -14.28 -1.74
CA LEU F 42 28.81 -13.18 -1.65
C LEU F 42 29.53 -11.84 -1.44
N ASP F 43 30.56 -11.81 -0.59
CA ASP F 43 31.37 -10.58 -0.34
C ASP F 43 32.02 -10.10 -1.64
N ARG F 44 32.61 -11.02 -2.43
CA ARG F 44 33.27 -10.67 -3.72
C ARG F 44 32.21 -10.12 -4.69
N ALA F 45 31.04 -10.77 -4.76
CA ALA F 45 29.90 -10.36 -5.61
C ALA F 45 29.51 -8.92 -5.28
N LEU F 46 29.38 -8.58 -3.99
CA LEU F 46 28.96 -7.22 -3.55
C LEU F 46 30.08 -6.21 -3.81
N ALA F 47 31.35 -6.60 -3.61
CA ALA F 47 32.52 -5.72 -3.83
C ALA F 47 32.58 -5.37 -5.33
N ILE F 48 32.31 -6.35 -6.20
CA ILE F 48 32.26 -6.14 -7.67
C ILE F 48 31.14 -5.16 -8.03
N LEU F 49 29.92 -5.36 -7.49
CA LEU F 49 28.77 -4.46 -7.78
C LEU F 49 29.04 -3.05 -7.25
N ALA F 50 29.71 -2.90 -6.12
CA ALA F 50 30.01 -1.59 -5.50
C ALA F 50 31.06 -0.87 -6.35
N GLU F 51 32.14 -1.54 -6.73
CA GLU F 51 33.27 -0.88 -7.44
C GLU F 51 32.95 -0.74 -8.94
N HIS F 52 32.49 -1.81 -9.59
CA HIS F 52 32.38 -1.90 -11.07
C HIS F 52 30.93 -1.69 -11.54
N GLY F 53 29.94 -1.97 -10.68
CA GLY F 53 28.51 -1.79 -10.99
C GLY F 53 28.00 -2.80 -11.99
N ILE F 54 28.77 -3.85 -12.28
CA ILE F 54 28.35 -4.96 -13.17
C ILE F 54 29.05 -6.24 -12.72
N LEU F 55 28.29 -7.33 -12.65
CA LEU F 55 28.70 -8.67 -12.20
C LEU F 55 28.20 -9.66 -13.24
N VAL F 56 29.08 -10.55 -13.71
CA VAL F 56 28.74 -11.63 -14.69
C VAL F 56 28.78 -12.97 -13.95
N LEU F 57 27.63 -13.66 -13.90
CA LEU F 57 27.48 -15.00 -13.27
C LEU F 57 27.32 -16.02 -14.40
N THR F 58 28.35 -16.83 -14.66
CA THR F 58 28.34 -17.88 -15.72
C THR F 58 27.79 -19.19 -15.13
N GLY F 59 27.12 -19.98 -15.96
CA GLY F 59 26.70 -21.37 -15.65
C GLY F 59 25.53 -21.42 -14.67
N MET F 60 24.65 -20.42 -14.71
CA MET F 60 23.53 -20.28 -13.74
C MET F 60 22.28 -21.03 -14.22
N LEU F 61 21.90 -20.90 -15.48
CA LEU F 61 20.60 -21.42 -15.99
C LEU F 61 20.84 -22.67 -16.87
N ARG F 62 20.02 -23.70 -16.67
CA ARG F 62 20.04 -24.93 -17.50
C ARG F 62 19.58 -24.59 -18.93
N THR F 63 20.20 -25.20 -19.93
CA THR F 63 19.95 -24.94 -21.37
C THR F 63 18.50 -25.32 -21.72
N ARG F 64 17.91 -26.28 -21.00
CA ARG F 64 16.46 -26.62 -21.07
C ARG F 64 15.63 -25.34 -20.98
N LEU F 65 15.90 -24.46 -20.00
CA LEU F 65 15.12 -23.22 -19.76
C LEU F 65 15.43 -22.18 -20.85
N THR F 66 16.71 -21.93 -21.13
CA THR F 66 17.15 -20.88 -22.09
C THR F 66 16.71 -21.27 -23.52
N ASP F 67 16.68 -22.56 -23.86
CA ASP F 67 16.20 -23.03 -25.18
C ASP F 67 14.71 -22.68 -25.35
N GLN F 68 13.88 -22.96 -24.35
CA GLN F 68 12.41 -22.71 -24.41
C GLN F 68 12.15 -21.21 -24.57
N LEU F 69 12.91 -20.37 -23.86
CA LEU F 69 12.73 -18.90 -23.87
C LEU F 69 13.24 -18.31 -25.20
N ARG F 70 14.38 -18.80 -25.69
CA ARG F 70 14.92 -18.40 -27.02
C ARG F 70 13.88 -18.72 -28.10
N THR F 71 13.39 -19.96 -28.13
CA THR F 71 12.41 -20.43 -29.13
C THR F 71 11.17 -19.52 -29.07
N ALA F 72 10.60 -19.33 -27.88
CA ALA F 72 9.36 -18.55 -27.68
C ALA F 72 9.52 -17.14 -28.25
N MET F 73 10.65 -16.49 -27.98
CA MET F 73 10.90 -15.08 -28.37
C MET F 73 11.18 -15.00 -29.88
N LEU F 74 11.94 -15.94 -30.44
CA LEU F 74 12.17 -15.98 -31.91
C LEU F 74 10.84 -16.25 -32.62
N ASP F 75 9.97 -17.09 -32.06
CA ASP F 75 8.64 -17.43 -32.65
C ASP F 75 7.71 -16.21 -32.60
N ASP F 76 7.79 -15.37 -31.57
CA ASP F 76 6.91 -14.18 -31.41
C ASP F 76 7.40 -13.00 -32.27
N LEU F 77 8.68 -12.98 -32.68
CA LEU F 77 9.31 -11.81 -33.33
C LEU F 77 8.54 -11.42 -34.60
N PRO F 78 8.13 -12.35 -35.49
CA PRO F 78 7.34 -11.97 -36.66
C PRO F 78 6.11 -11.12 -36.29
N GLU F 79 5.38 -11.50 -35.23
CA GLU F 79 4.15 -10.79 -34.82
C GLU F 79 4.53 -9.40 -34.29
N VAL F 80 5.69 -9.28 -33.63
CA VAL F 80 6.21 -7.97 -33.12
C VAL F 80 6.53 -7.05 -34.30
N LEU F 81 7.20 -7.55 -35.34
CA LEU F 81 7.69 -6.72 -36.48
C LEU F 81 6.52 -6.36 -37.40
N ARG F 82 5.40 -7.06 -37.28
CA ARG F 82 4.17 -6.84 -38.08
C ARG F 82 3.39 -5.63 -37.56
N GLN F 83 3.55 -5.24 -36.29
CA GLN F 83 2.83 -4.11 -35.62
C GLN F 83 3.02 -2.83 -36.44
N GLN F 84 2.08 -1.89 -36.30
CA GLN F 84 2.07 -0.56 -36.98
C GLN F 84 3.30 0.24 -36.53
N ASP F 85 3.49 0.37 -35.21
CA ASP F 85 4.69 1.01 -34.61
C ASP F 85 5.42 -0.04 -33.78
N VAL F 86 6.58 -0.48 -34.27
CA VAL F 86 7.48 -1.46 -33.58
C VAL F 86 8.23 -0.71 -32.49
N PRO F 87 8.03 -1.07 -31.20
CA PRO F 87 8.65 -0.33 -30.10
C PRO F 87 10.18 -0.54 -30.14
N THR F 88 10.89 0.57 -30.26
CA THR F 88 12.32 0.60 -30.59
C THR F 88 13.05 1.45 -29.54
N ASN F 89 14.27 1.09 -29.17
CA ASN F 89 15.06 1.79 -28.12
C ASN F 89 16.15 2.66 -28.78
N PHE F 90 15.88 3.96 -28.89
CA PHE F 90 16.80 5.05 -29.34
C PHE F 90 16.99 5.05 -30.86
N VAL F 91 17.34 3.91 -31.45
CA VAL F 91 17.79 3.81 -32.86
C VAL F 91 17.23 2.52 -33.46
N PRO F 92 17.16 2.43 -34.80
CA PRO F 92 16.65 1.22 -35.46
C PRO F 92 17.36 -0.09 -35.08
N GLY F 93 16.58 -1.18 -35.01
CA GLY F 93 17.10 -2.55 -34.82
C GLY F 93 17.07 -3.01 -33.38
N HIS F 94 16.83 -2.09 -32.42
CA HIS F 94 16.79 -2.42 -30.98
C HIS F 94 15.34 -2.47 -30.51
N VAL F 95 14.72 -3.65 -30.58
CA VAL F 95 13.25 -3.82 -30.40
C VAL F 95 12.99 -4.18 -28.94
N GLN F 96 11.96 -3.58 -28.34
CA GLN F 96 11.45 -3.99 -27.02
C GLN F 96 10.47 -5.15 -27.25
N GLN F 97 10.70 -6.28 -26.57
CA GLN F 97 9.88 -7.50 -26.74
C GLN F 97 9.80 -8.21 -25.39
N ASP F 98 8.58 -8.32 -24.84
CA ASP F 98 8.33 -9.09 -23.60
C ASP F 98 8.37 -10.57 -23.96
N PRO F 99 9.07 -11.41 -23.17
CA PRO F 99 8.91 -12.86 -23.31
C PRO F 99 7.48 -13.21 -22.92
N PRO F 100 6.96 -14.38 -23.32
CA PRO F 100 5.59 -14.76 -22.98
C PRO F 100 5.39 -14.86 -21.47
N VAL F 101 4.18 -14.53 -21.00
CA VAL F 101 3.73 -14.71 -19.59
C VAL F 101 2.65 -15.80 -19.55
N ARG F 102 2.86 -16.91 -20.28
CA ARG F 102 2.05 -18.15 -20.15
C ARG F 102 2.69 -19.00 -19.04
N GLU F 103 1.91 -19.82 -18.34
CA GLU F 103 2.41 -20.55 -17.14
C GLU F 103 3.52 -21.52 -17.57
N SER F 104 3.46 -22.08 -18.79
CA SER F 104 4.41 -23.09 -19.33
C SER F 104 5.81 -22.50 -19.55
N LEU F 105 5.95 -21.16 -19.60
CA LEU F 105 7.24 -20.46 -19.90
C LEU F 105 7.62 -19.50 -18.75
N LEU F 106 6.98 -19.61 -17.58
CA LEU F 106 7.35 -18.82 -16.39
C LEU F 106 8.03 -19.75 -15.38
N PHE F 107 9.35 -19.66 -15.29
CA PHE F 107 10.25 -20.60 -14.55
C PHE F 107 10.76 -19.94 -13.28
N PRO F 108 10.52 -20.55 -12.10
CA PRO F 108 11.05 -20.02 -10.83
C PRO F 108 12.55 -19.68 -10.88
N ASP F 109 13.35 -20.52 -11.54
CA ASP F 109 14.83 -20.35 -11.62
C ASP F 109 15.19 -19.09 -12.43
N VAL F 110 14.26 -18.57 -13.26
CA VAL F 110 14.43 -17.29 -14.02
C VAL F 110 13.82 -16.14 -13.19
N LEU F 111 12.53 -16.20 -12.86
CA LEU F 111 11.81 -15.09 -12.17
C LEU F 111 12.31 -14.91 -10.74
N LEU F 112 12.52 -16.02 -10.01
CA LEU F 112 12.80 -16.06 -8.55
C LEU F 112 14.11 -16.82 -8.28
N ASN F 113 15.16 -16.49 -9.01
CA ASN F 113 16.47 -17.21 -8.91
C ASN F 113 17.05 -16.94 -7.53
N PRO F 114 17.46 -18.00 -6.80
CA PRO F 114 17.90 -17.83 -5.42
C PRO F 114 19.22 -17.05 -5.29
N VAL F 115 20.15 -17.24 -6.23
CA VAL F 115 21.47 -16.53 -6.22
C VAL F 115 21.23 -15.06 -6.55
N VAL F 116 20.39 -14.78 -7.55
CA VAL F 116 20.09 -13.39 -7.97
C VAL F 116 19.52 -12.64 -6.75
N TYR F 117 18.52 -13.23 -6.08
CA TYR F 117 17.79 -12.58 -4.96
C TYR F 117 18.68 -12.53 -3.71
N GLN F 118 19.57 -13.48 -3.53
CA GLN F 118 20.57 -13.41 -2.43
C GLN F 118 21.37 -12.12 -2.60
N ILE F 119 21.82 -11.84 -3.82
CA ILE F 119 22.63 -10.61 -4.15
C ILE F 119 21.74 -9.37 -3.99
N THR F 120 20.54 -9.35 -4.57
CA THR F 120 19.67 -8.14 -4.59
C THR F 120 19.14 -7.87 -3.17
N HIS F 121 18.88 -8.92 -2.37
CA HIS F 121 18.51 -8.78 -0.93
C HIS F 121 19.65 -8.07 -0.16
N ALA F 122 20.89 -8.46 -0.40
CA ALA F 122 22.08 -7.89 0.27
C ALA F 122 22.28 -6.41 -0.13
N VAL F 123 22.09 -6.05 -1.40
CA VAL F 123 22.34 -4.65 -1.87
C VAL F 123 21.14 -3.76 -1.55
N LEU F 124 19.91 -4.20 -1.85
CA LEU F 124 18.70 -3.33 -1.85
C LEU F 124 17.82 -3.56 -0.61
N GLY F 125 18.02 -4.66 0.13
CA GLY F 125 17.22 -5.03 1.31
C GLY F 125 16.26 -6.17 1.00
N ALA F 126 15.70 -6.79 2.05
CA ALA F 126 14.82 -7.98 2.00
C ALA F 126 13.50 -7.65 1.30
N ASP F 127 13.17 -6.36 1.20
CA ASP F 127 11.90 -5.82 0.66
C ASP F 127 12.01 -5.58 -0.86
N ALA F 128 13.20 -5.77 -1.45
CA ALA F 128 13.46 -5.55 -2.88
C ALA F 128 12.52 -6.43 -3.69
N ARG F 129 12.10 -5.97 -4.87
CA ARG F 129 11.10 -6.66 -5.72
C ARG F 129 11.46 -6.52 -7.19
N ASN F 130 11.22 -7.56 -7.97
CA ASN F 130 11.27 -7.52 -9.45
C ASN F 130 10.02 -6.78 -9.96
N ALA F 131 10.19 -5.79 -10.86
CA ALA F 131 9.09 -4.99 -11.44
C ALA F 131 9.21 -4.93 -12.96
N VAL F 132 10.10 -5.71 -13.56
CA VAL F 132 10.27 -5.78 -15.04
C VAL F 132 10.40 -7.24 -15.44
N TYR F 133 9.55 -7.69 -16.37
CA TYR F 133 9.71 -8.97 -17.11
C TYR F 133 9.53 -8.65 -18.58
N SER F 134 10.61 -8.19 -19.22
CA SER F 134 10.63 -7.68 -20.61
C SER F 134 11.84 -8.25 -21.35
N GLY F 135 12.21 -7.64 -22.46
CA GLY F 135 13.37 -8.10 -23.23
C GLY F 135 13.76 -7.13 -24.31
N ASN F 136 14.95 -7.37 -24.87
CA ASN F 136 15.63 -6.53 -25.88
C ASN F 136 16.04 -7.46 -27.01
N MET F 137 15.33 -7.37 -28.15
CA MET F 137 15.65 -8.15 -29.37
C MET F 137 16.49 -7.25 -30.29
N ASN F 138 17.77 -7.59 -30.46
CA ASN F 138 18.77 -6.85 -31.27
C ASN F 138 18.80 -7.46 -32.68
N LEU F 139 18.19 -6.78 -33.66
CA LEU F 139 18.00 -7.31 -35.04
C LEU F 139 19.30 -7.20 -35.84
N PRO F 140 19.54 -8.11 -36.80
CA PRO F 140 20.61 -7.92 -37.77
C PRO F 140 20.51 -6.54 -38.43
N GLY F 141 21.63 -5.84 -38.51
CA GLY F 141 21.76 -4.52 -39.15
C GLY F 141 21.42 -3.37 -38.22
N SER F 142 21.26 -3.66 -36.92
CA SER F 142 20.90 -2.66 -35.88
C SER F 142 21.96 -1.55 -35.82
N HIS F 143 21.55 -0.35 -35.43
CA HIS F 143 22.43 0.84 -35.27
C HIS F 143 23.06 0.82 -33.88
N GLU F 144 23.98 1.75 -33.61
CA GLU F 144 24.61 1.96 -32.29
C GLU F 144 23.66 2.82 -31.45
N GLN F 145 23.28 2.37 -30.26
CA GLN F 145 22.52 3.18 -29.29
C GLN F 145 23.47 4.24 -28.71
N PRO F 146 22.95 5.40 -28.26
CA PRO F 146 23.76 6.32 -27.49
C PRO F 146 24.00 5.69 -26.11
N VAL F 147 25.16 5.94 -25.52
CA VAL F 147 25.46 5.53 -24.12
C VAL F 147 24.41 6.17 -23.23
N HIS F 148 23.78 5.37 -22.36
CA HIS F 148 22.67 5.82 -21.48
C HIS F 148 22.67 5.00 -20.21
N LEU F 149 21.87 5.42 -19.23
CA LEU F 149 21.49 4.55 -18.08
C LEU F 149 20.00 4.20 -18.22
N ASP F 150 19.61 3.00 -17.81
CA ASP F 150 18.21 2.51 -17.88
C ASP F 150 17.38 3.15 -16.77
N GLU F 151 17.98 3.49 -15.63
CA GLU F 151 17.29 4.20 -14.52
C GLU F 151 18.21 5.31 -14.04
N PRO F 152 17.69 6.53 -13.81
CA PRO F 152 18.53 7.66 -13.41
C PRO F 152 18.87 7.69 -11.91
N HIS F 153 19.84 8.55 -11.55
CA HIS F 153 20.09 9.00 -10.16
C HIS F 153 18.86 9.81 -9.77
N LEU F 154 18.48 9.78 -8.50
CA LEU F 154 17.17 10.29 -8.03
C LEU F 154 17.24 11.80 -7.82
N TRP F 155 18.45 12.35 -7.65
CA TRP F 155 18.67 13.82 -7.62
C TRP F 155 19.94 14.12 -8.40
N PRO F 156 19.96 15.23 -9.17
CA PRO F 156 21.19 15.65 -9.86
C PRO F 156 22.25 16.12 -8.85
N GLY F 157 23.52 15.79 -9.12
CA GLY F 157 24.70 16.27 -8.36
C GLY F 157 24.86 15.56 -7.02
N ILE F 158 24.14 14.46 -6.77
CA ILE F 158 24.16 13.74 -5.47
C ILE F 158 24.71 12.33 -5.69
N SER F 159 25.63 11.91 -4.81
CA SER F 159 26.11 10.51 -4.71
C SER F 159 25.21 9.76 -3.74
N HIS F 160 24.56 8.69 -4.20
CA HIS F 160 23.67 7.85 -3.37
C HIS F 160 23.84 6.38 -3.76
N PRO F 161 23.56 5.43 -2.85
CA PRO F 161 23.68 4.01 -3.16
C PRO F 161 22.67 3.56 -4.21
N PRO F 162 22.76 2.30 -4.68
CA PRO F 162 21.84 1.79 -5.69
C PRO F 162 20.41 1.73 -5.15
N TYR F 163 19.41 1.86 -6.03
CA TYR F 163 17.99 1.58 -5.70
C TYR F 163 17.38 0.54 -6.65
N CYS F 164 18.15 0.08 -7.65
CA CYS F 164 17.69 -0.94 -8.61
C CYS F 164 18.88 -1.69 -9.21
N LEU F 165 18.72 -2.98 -9.46
CA LEU F 165 19.71 -3.84 -10.13
C LEU F 165 19.03 -4.46 -11.34
N CYS F 166 19.56 -4.21 -12.54
CA CYS F 166 19.11 -4.87 -13.79
C CYS F 166 19.64 -6.30 -13.78
N VAL F 167 18.81 -7.27 -14.14
CA VAL F 167 19.15 -8.70 -14.28
C VAL F 167 18.97 -9.08 -15.75
N ASP F 168 20.06 -9.13 -16.51
CA ASP F 168 20.08 -9.37 -17.97
C ASP F 168 20.41 -10.85 -18.22
N VAL F 169 19.54 -11.55 -18.97
CA VAL F 169 19.67 -13.00 -19.25
C VAL F 169 19.79 -13.20 -20.76
N PRO F 170 21.00 -13.35 -21.31
CA PRO F 170 21.15 -13.68 -22.73
C PRO F 170 20.49 -15.03 -23.06
N LEU F 171 19.81 -15.13 -24.21
CA LEU F 171 19.10 -16.37 -24.63
C LEU F 171 19.81 -17.05 -25.81
N ILE F 172 20.91 -16.48 -26.29
CA ILE F 172 21.94 -17.17 -27.13
C ILE F 172 23.30 -16.73 -26.61
N ASP F 173 24.38 -17.39 -27.06
CA ASP F 173 25.76 -16.90 -26.85
C ASP F 173 25.83 -15.48 -27.43
N PHE F 174 26.18 -14.50 -26.61
CA PHE F 174 26.45 -13.11 -27.05
C PHE F 174 27.91 -13.06 -27.48
N THR F 175 28.18 -12.44 -28.63
CA THR F 175 29.54 -12.30 -29.21
C THR F 175 29.74 -10.83 -29.58
N LEU F 176 30.97 -10.45 -29.91
CA LEU F 176 31.26 -9.10 -30.44
C LEU F 176 30.56 -8.94 -31.79
N GLU F 177 30.24 -10.04 -32.50
CA GLU F 177 29.56 -10.00 -33.81
C GLU F 177 28.06 -9.70 -33.62
N ASN F 178 27.38 -10.40 -32.69
CA ASN F 178 25.89 -10.47 -32.69
C ASN F 178 25.31 -9.47 -31.69
N GLY F 179 26.11 -8.52 -31.17
CA GLY F 179 25.62 -7.35 -30.42
C GLY F 179 25.69 -7.50 -28.90
N SER F 180 26.75 -8.09 -28.35
CA SER F 180 26.99 -8.12 -26.88
C SER F 180 27.07 -6.68 -26.37
N THR F 181 26.33 -6.36 -25.31
CA THR F 181 26.13 -5.00 -24.77
C THR F 181 27.48 -4.39 -24.37
N GLU F 182 27.71 -3.11 -24.71
CA GLU F 182 28.85 -2.31 -24.21
C GLU F 182 28.51 -1.84 -22.79
N TYR F 183 29.42 -2.09 -21.85
CA TYR F 183 29.31 -1.70 -20.42
C TYR F 183 30.46 -0.74 -20.09
N TRP F 184 30.18 0.30 -19.28
CA TRP F 184 31.18 1.26 -18.75
C TRP F 184 31.42 0.98 -17.26
N PRO F 185 32.41 0.15 -16.89
CA PRO F 185 32.65 -0.20 -15.48
C PRO F 185 32.91 1.04 -14.61
N GLY F 186 32.27 1.08 -13.44
CA GLY F 186 32.45 2.12 -12.41
C GLY F 186 31.61 3.36 -12.67
N SER F 187 30.84 3.39 -13.78
CA SER F 187 30.06 4.58 -14.22
C SER F 187 28.80 4.78 -13.37
N HIS F 188 28.42 3.77 -12.58
CA HIS F 188 27.13 3.77 -11.81
C HIS F 188 27.14 4.82 -10.68
N VAL F 189 28.31 5.27 -10.23
CA VAL F 189 28.42 6.25 -9.09
C VAL F 189 28.63 7.67 -9.62
N LEU F 190 28.72 7.86 -10.94
CA LEU F 190 28.97 9.19 -11.56
C LEU F 190 27.64 9.91 -11.70
N ASN F 191 27.51 11.08 -11.08
CA ASN F 191 26.28 11.92 -11.19
C ASN F 191 26.68 13.39 -11.06
N PRO F 192 27.55 13.92 -11.94
CA PRO F 192 27.82 15.36 -11.95
C PRO F 192 26.60 16.10 -12.51
N ASP F 193 26.43 17.38 -12.14
CA ASP F 193 25.37 18.27 -12.67
C ASP F 193 25.39 18.23 -14.21
N GLU F 194 24.21 18.22 -14.85
CA GLU F 194 24.02 18.37 -16.33
C GLU F 194 24.60 17.19 -17.11
N CYS F 195 24.64 16.01 -16.49
CA CYS F 195 25.29 14.80 -17.08
C CYS F 195 24.31 14.01 -17.96
N TYR F 196 23.00 14.14 -17.76
CA TYR F 196 21.94 13.25 -18.31
C TYR F 196 20.84 14.08 -18.96
N ASP F 197 20.30 13.61 -20.09
CA ASP F 197 19.16 14.25 -20.78
C ASP F 197 17.89 13.50 -20.39
N GLU F 198 16.74 13.93 -20.92
CA GLU F 198 15.39 13.41 -20.63
C GLU F 198 15.30 11.92 -21.01
N ARG F 199 16.19 11.40 -21.87
CA ARG F 199 16.16 9.99 -22.36
C ARG F 199 17.15 9.12 -21.58
N GLY F 200 17.90 9.68 -20.64
CA GLY F 200 18.91 8.96 -19.84
C GLY F 200 20.26 8.86 -20.53
N CYS F 201 20.46 9.62 -21.61
CA CYS F 201 21.71 9.59 -22.41
C CYS F 201 22.80 10.43 -21.71
N VAL F 202 24.02 9.92 -21.70
CA VAL F 202 25.18 10.60 -21.05
C VAL F 202 25.68 11.69 -21.99
N LEU F 203 25.87 12.91 -21.46
CA LEU F 203 26.43 14.07 -22.21
C LEU F 203 27.75 13.65 -22.82
N PRO F 204 27.96 13.88 -24.14
CA PRO F 204 29.20 13.50 -24.82
C PRO F 204 30.49 13.96 -24.12
N ALA F 205 30.50 15.15 -23.52
CA ALA F 205 31.67 15.71 -22.81
C ALA F 205 32.02 14.81 -21.61
N GLU F 206 31.02 14.35 -20.86
CA GLU F 206 31.23 13.47 -19.68
C GLU F 206 31.68 12.08 -20.14
N LEU F 207 31.19 11.62 -21.29
CA LEU F 207 31.60 10.32 -21.90
C LEU F 207 33.12 10.32 -22.13
N GLU F 208 33.65 11.38 -22.74
CA GLU F 208 35.09 11.45 -23.16
C GLU F 208 35.98 11.61 -21.92
N ARG F 209 35.59 12.44 -20.95
CA ARG F 209 36.29 12.56 -19.65
C ARG F 209 36.44 11.17 -19.03
N ARG F 210 35.35 10.41 -18.97
CA ARG F 210 35.30 9.07 -18.32
C ARG F 210 36.13 8.08 -19.15
N ARG F 211 36.01 8.12 -20.48
CA ARG F 211 36.68 7.19 -21.41
C ARG F 211 38.20 7.19 -21.16
N ALA F 212 38.77 8.36 -20.85
CA ALA F 212 40.21 8.58 -20.60
C ALA F 212 40.66 7.87 -19.31
N VAL F 213 39.76 7.66 -18.36
CA VAL F 213 40.04 7.12 -17.00
C VAL F 213 39.72 5.62 -16.98
N ALA F 214 38.53 5.22 -17.45
CA ALA F 214 38.01 3.83 -17.41
C ALA F 214 37.21 3.58 -18.68
N PRO F 215 37.86 3.19 -19.81
CA PRO F 215 37.15 3.03 -21.07
C PRO F 215 36.12 1.91 -21.02
N PRO F 216 35.07 1.94 -21.86
CA PRO F 216 34.07 0.88 -21.87
C PRO F 216 34.64 -0.46 -22.36
N VAL F 217 33.90 -1.55 -22.11
CA VAL F 217 34.29 -2.93 -22.48
C VAL F 217 33.11 -3.60 -23.18
N ARG F 218 33.40 -4.46 -24.15
CA ARG F 218 32.43 -5.42 -24.74
C ARG F 218 33.08 -6.80 -24.67
N PHE F 219 32.33 -7.83 -24.31
CA PHE F 219 32.88 -9.20 -24.19
C PHE F 219 31.81 -10.22 -24.52
N PRO F 220 32.21 -11.41 -25.03
CA PRO F 220 31.26 -12.50 -25.21
C PRO F 220 30.70 -12.90 -23.86
N ILE F 221 29.43 -13.30 -23.84
CA ILE F 221 28.76 -13.86 -22.64
C ILE F 221 28.05 -15.12 -23.09
N PRO F 222 28.42 -16.30 -22.55
CA PRO F 222 27.77 -17.55 -22.95
C PRO F 222 26.35 -17.59 -22.41
N VAL F 223 25.43 -18.16 -23.20
CA VAL F 223 24.04 -18.47 -22.76
C VAL F 223 24.16 -19.34 -21.50
N GLY F 224 23.24 -19.19 -20.56
CA GLY F 224 23.31 -19.80 -19.21
C GLY F 224 23.80 -18.79 -18.19
N SER F 225 24.47 -17.72 -18.63
CA SER F 225 24.97 -16.63 -17.78
C SER F 225 23.83 -15.69 -17.39
N VAL F 226 24.00 -14.98 -16.27
CA VAL F 226 23.13 -13.86 -15.82
C VAL F 226 24.04 -12.68 -15.51
N VAL F 227 23.68 -11.49 -15.98
CA VAL F 227 24.40 -10.22 -15.66
C VAL F 227 23.54 -9.43 -14.66
N ILE F 228 24.11 -9.14 -13.50
CA ILE F 228 23.51 -8.20 -12.51
C ILE F 228 24.33 -6.91 -12.59
N ARG F 229 23.66 -5.79 -12.84
CA ARG F 229 24.34 -4.46 -12.89
C ARG F 229 23.43 -3.43 -12.23
N ASP F 230 24.06 -2.42 -11.63
CA ASP F 230 23.40 -1.18 -11.18
C ASP F 230 22.57 -0.65 -12.37
N GLY F 231 21.31 -0.29 -12.14
CA GLY F 231 20.39 0.26 -13.15
C GLY F 231 20.88 1.62 -13.65
N ARG F 232 21.88 2.20 -12.98
CA ARG F 232 22.48 3.51 -13.35
C ARG F 232 23.78 3.32 -14.14
N LEU F 233 24.22 2.08 -14.35
CA LEU F 233 25.47 1.83 -15.13
C LEU F 233 25.31 2.36 -16.56
N TRP F 234 26.29 3.12 -17.04
CA TRP F 234 26.34 3.53 -18.47
C TRP F 234 26.57 2.27 -19.30
N HIS F 235 25.83 2.13 -20.39
CA HIS F 235 25.93 1.00 -21.35
C HIS F 235 25.30 1.44 -22.68
N ARG F 236 25.46 0.65 -23.74
CA ARG F 236 24.65 0.82 -24.97
C ARG F 236 24.52 -0.50 -25.73
N GLY F 237 23.37 -0.67 -26.37
CA GLY F 237 23.20 -1.64 -27.48
C GLY F 237 24.11 -1.26 -28.63
N VAL F 238 24.68 -2.25 -29.30
CA VAL F 238 25.61 -2.05 -30.45
C VAL F 238 25.12 -2.90 -31.61
N PRO F 239 25.59 -2.63 -32.84
CA PRO F 239 25.13 -3.35 -34.03
C PRO F 239 25.25 -4.88 -33.88
N ASN F 240 24.16 -5.58 -34.24
CA ASN F 240 24.16 -7.04 -34.49
C ASN F 240 24.59 -7.22 -35.96
N LEU F 241 25.82 -7.72 -36.18
CA LEU F 241 26.42 -7.87 -37.52
C LEU F 241 26.29 -9.32 -37.98
N SER F 242 25.49 -10.14 -37.29
CA SER F 242 25.24 -11.57 -37.63
C SER F 242 23.94 -11.64 -38.43
N ALA F 243 23.58 -12.82 -38.95
CA ALA F 243 22.36 -13.01 -39.79
C ALA F 243 21.17 -13.41 -38.92
N ALA F 244 21.28 -13.37 -37.59
CA ALA F 244 20.25 -13.88 -36.65
C ALA F 244 19.95 -12.86 -35.55
N PRO F 245 18.66 -12.70 -35.19
CA PRO F 245 18.28 -11.85 -34.06
C PRO F 245 18.94 -12.33 -32.75
N ARG F 246 19.30 -11.39 -31.88
CA ARG F 246 19.98 -11.65 -30.58
C ARG F 246 19.00 -11.35 -29.45
N PRO F 247 18.30 -12.37 -28.88
CA PRO F 247 17.32 -12.14 -27.82
C PRO F 247 17.97 -12.00 -26.43
N LEU F 248 17.59 -10.95 -25.70
CA LEU F 248 17.96 -10.73 -24.28
C LEU F 248 16.68 -10.67 -23.44
N LEU F 249 16.59 -11.46 -22.37
CA LEU F 249 15.49 -11.38 -21.39
C LEU F 249 15.95 -10.41 -20.28
N ALA F 250 15.09 -9.46 -19.91
CA ALA F 250 15.42 -8.34 -18.99
C ALA F 250 14.49 -8.34 -17.78
N MET F 251 15.07 -8.35 -16.58
CA MET F 251 14.36 -8.10 -15.31
C MET F 251 15.08 -6.97 -14.55
N THR F 252 14.38 -6.30 -13.64
CA THR F 252 14.98 -5.23 -12.79
C THR F 252 14.37 -5.28 -11.39
N HIS F 253 15.23 -5.48 -10.40
CA HIS F 253 14.89 -5.47 -8.95
C HIS F 253 14.99 -4.04 -8.45
N TYR F 254 13.99 -3.58 -7.72
CA TYR F 254 13.93 -2.22 -7.12
C TYR F 254 13.72 -2.32 -5.61
N THR F 255 14.19 -1.33 -4.88
CA THR F 255 13.81 -1.10 -3.46
C THR F 255 12.29 -1.00 -3.41
N GLU F 256 11.67 -1.44 -2.31
CA GLU F 256 10.20 -1.44 -2.10
C GLU F 256 9.62 -0.06 -2.39
N TRP F 257 10.37 1.01 -2.15
CA TRP F 257 9.82 2.39 -2.12
C TRP F 257 9.86 3.07 -3.49
N PHE F 258 10.48 2.46 -4.51
CA PHE F 258 10.51 3.02 -5.90
C PHE F 258 9.21 2.63 -6.61
N ASP F 259 8.46 3.65 -7.07
CA ASP F 259 7.15 3.46 -7.75
C ASP F 259 7.40 2.83 -9.12
N MET F 260 6.82 1.66 -9.34
CA MET F 260 6.85 0.93 -10.63
C MET F 260 5.45 0.39 -10.90
N PRO F 261 5.02 0.28 -12.18
CA PRO F 261 3.79 -0.42 -12.51
C PRO F 261 4.01 -1.91 -12.25
N PRO F 262 2.97 -2.66 -11.86
CA PRO F 262 3.11 -4.10 -11.62
C PRO F 262 3.28 -4.86 -12.95
N ILE F 263 3.98 -5.99 -12.91
CA ILE F 263 4.05 -6.97 -14.02
C ILE F 263 2.70 -7.68 -14.06
N GLN F 264 2.07 -7.72 -15.24
CA GLN F 264 0.85 -8.54 -15.49
C GLN F 264 1.27 -10.01 -15.59
N LEU F 265 0.78 -10.85 -14.68
CA LEU F 265 0.98 -12.32 -14.69
C LEU F 265 -0.38 -13.01 -14.65
N PRO F 266 -0.49 -14.22 -15.24
CA PRO F 266 -1.71 -15.02 -15.12
C PRO F 266 -1.85 -15.52 -13.67
N ASP F 267 -3.07 -15.63 -13.16
CA ASP F 267 -3.31 -16.06 -11.75
C ASP F 267 -2.93 -17.54 -11.59
N THR F 268 -2.62 -18.23 -12.70
CA THR F 268 -2.16 -19.65 -12.68
C THR F 268 -0.77 -19.76 -12.02
N VAL F 269 -0.01 -18.66 -11.86
CA VAL F 269 1.34 -18.69 -11.23
C VAL F 269 1.31 -17.95 -9.88
N LYS F 270 0.15 -17.43 -9.47
CA LYS F 270 -0.03 -16.67 -8.19
C LYS F 270 0.45 -17.50 -7.00
N SER F 271 0.18 -18.81 -6.99
CA SER F 271 0.45 -19.71 -5.85
C SER F 271 1.93 -19.63 -5.48
N TRP F 272 2.85 -19.74 -6.46
CA TRP F 272 4.31 -19.80 -6.19
C TRP F 272 4.98 -18.42 -6.28
N VAL F 273 4.42 -17.47 -7.04
CA VAL F 273 5.00 -16.09 -7.17
C VAL F 273 4.65 -15.29 -5.91
N ASP F 274 3.37 -15.23 -5.54
CA ASP F 274 2.86 -14.36 -4.43
C ASP F 274 3.24 -14.94 -3.06
N GLY F 275 3.47 -16.26 -2.96
CA GLY F 275 4.00 -16.89 -1.73
C GLY F 275 5.36 -16.33 -1.34
N SER F 276 6.26 -16.16 -2.31
CA SER F 276 7.73 -16.17 -2.15
C SER F 276 8.22 -14.97 -1.33
N ASP F 277 9.34 -15.17 -0.60
CA ASP F 277 10.08 -14.07 0.07
C ASP F 277 11.07 -13.45 -0.92
N ARG F 278 11.07 -13.90 -2.18
CA ARG F 278 11.69 -13.22 -3.35
C ARG F 278 10.58 -12.46 -4.07
N HIS F 279 10.39 -11.19 -3.71
CA HIS F 279 9.17 -10.41 -4.04
C HIS F 279 9.15 -10.04 -5.54
N THR F 280 7.95 -9.97 -6.08
CA THR F 280 7.62 -9.47 -7.42
C THR F 280 6.49 -8.45 -7.27
N HIS F 281 6.64 -7.24 -7.82
CA HIS F 281 5.50 -6.31 -7.97
C HIS F 281 4.64 -6.84 -9.12
N ALA F 282 3.61 -7.63 -8.80
CA ALA F 282 2.78 -8.37 -9.77
C ALA F 282 1.30 -8.04 -9.59
N HIS F 283 0.56 -7.99 -10.70
CA HIS F 283 -0.92 -7.94 -10.76
C HIS F 283 -1.37 -9.23 -11.47
N PHE F 284 -2.12 -10.08 -10.77
CA PHE F 284 -2.53 -11.42 -11.27
C PHE F 284 -3.90 -11.28 -11.95
N VAL F 285 -4.01 -11.81 -13.17
CA VAL F 285 -5.18 -11.65 -14.08
C VAL F 285 -5.87 -13.00 -14.24
N ALA F 286 -7.20 -12.99 -14.36
CA ALA F 286 -8.02 -14.16 -14.73
C ALA F 286 -7.77 -14.48 -16.22
N GLY F 287 -7.51 -15.75 -16.51
CA GLY F 287 -7.18 -16.22 -17.88
C GLY F 287 -5.78 -15.81 -18.27
N ASP F 288 -5.56 -15.63 -19.58
CA ASP F 288 -4.25 -15.29 -20.22
C ASP F 288 -4.08 -13.78 -20.35
N VAL F 289 -2.83 -13.34 -20.53
CA VAL F 289 -2.44 -11.96 -20.94
C VAL F 289 -2.13 -11.96 -22.44
N HIS F 296 4.60 0.32 -25.95
CA HIS F 296 5.36 -0.35 -24.86
C HIS F 296 5.90 0.67 -23.87
N PRO F 297 5.52 0.60 -22.57
CA PRO F 297 5.96 1.59 -21.58
C PRO F 297 7.47 1.67 -21.27
N PHE F 298 8.24 0.62 -21.58
CA PHE F 298 9.69 0.51 -21.23
C PHE F 298 10.60 0.88 -22.41
N ALA F 299 10.05 1.05 -23.62
CA ALA F 299 10.80 1.50 -24.82
C ALA F 299 11.11 2.99 -24.68
N VAL F 300 12.36 3.41 -24.91
CA VAL F 300 12.76 4.85 -24.84
C VAL F 300 12.91 5.44 -26.25
#